data_7SSB
# 
_entry.id   7SSB 
# 
_audit_conform.dict_name       mmcif_pdbx.dic 
_audit_conform.dict_version    5.380 
_audit_conform.dict_location   http://mmcif.pdb.org/dictionaries/ascii/mmcif_pdbx.dic 
# 
loop_
_database_2.database_id 
_database_2.database_code 
_database_2.pdbx_database_accession 
_database_2.pdbx_DOI 
PDB   7SSB         pdb_00007ssb 10.2210/pdb7ssb/pdb 
WWPDB D_1000260968 ?            ?                   
# 
_pdbx_database_status.status_code                     REL 
_pdbx_database_status.status_code_sf                  REL 
_pdbx_database_status.status_code_mr                  ? 
_pdbx_database_status.entry_id                        7SSB 
_pdbx_database_status.recvd_initial_deposition_date   2021-11-10 
_pdbx_database_status.SG_entry                        N 
_pdbx_database_status.deposit_site                    RCSB 
_pdbx_database_status.process_site                    RCSB 
_pdbx_database_status.status_code_cs                  ? 
_pdbx_database_status.status_code_nmr_data            ? 
_pdbx_database_status.methods_development_category    ? 
_pdbx_database_status.pdb_format_compatible           Y 
# 
_audit_author.name               'Fischmann, T.O.' 
_audit_author.pdbx_ordinal       1 
_audit_author.identifier_ORCID   0000-0003-3406-3061 
# 
_citation.abstract                  ? 
_citation.abstract_id_CAS           ? 
_citation.book_id_ISBN              ? 
_citation.book_publisher            ? 
_citation.book_publisher_city       ? 
_citation.book_title                ? 
_citation.coordinate_linkage        ? 
_citation.country                   US 
_citation.database_id_Medline       ? 
_citation.details                   ? 
_citation.id                        primary 
_citation.journal_abbrev            J.Med.Chem. 
_citation.journal_id_ASTM           JMCMAR 
_citation.journal_id_CSD            0151 
_citation.journal_id_ISSN           0022-2623 
_citation.journal_full              ? 
_citation.journal_issue             ? 
_citation.journal_volume            65 
_citation.language                  ? 
_citation.page_first                10318 
_citation.page_last                 10340 
_citation.title                     'Optimization and Mechanistic Investigations of Novel Allosteric Activators of PKG1 alpha.' 
_citation.year                      2022 
_citation.database_id_CSD           ? 
_citation.pdbx_database_id_DOI      10.1021/acs.jmedchem.1c02109 
_citation.pdbx_database_id_PubMed   35878399 
_citation.pdbx_database_id_patent   ? 
_citation.unpublished_flag          ? 
# 
loop_
_citation_author.citation_id 
_citation_author.name 
_citation_author.ordinal 
_citation_author.identifier_ORCID 
primary 'Mak, V.W.'       1  0000-0003-2226-6611 
primary 'Patel, A.M.'     2  ?                   
primary 'Yen, R.'         3  ?                   
primary 'Hanisak, J.'     4  ?                   
primary 'Lim, Y.H.'       5  0000-0001-5662-788X 
primary 'Bao, J.'         6  ?                   
primary 'Zheng, R.'       7  ?                   
primary 'Seganish, W.M.'  8  0000-0001-6605-2856 
primary 'Yu, Y.'          9  ?                   
primary 'Healy, D.R.'     10 ?                   
primary 'Ogawa, A.'       11 0000-0002-6961-5519 
primary 'Ren, Z.'         12 ?                   
primary 'Soriano, A.'     13 ?                   
primary 'Ermakov, G.P.'   14 ?                   
primary 'Beaumont, M.'    15 ?                   
primary 'Metwally, E.'    16 ?                   
primary 'Cheng, A.C.'     17 0000-0003-3645-172X 
primary 'Verras, A.'      18 ?                   
primary 'Fischmann, T.'   19 ?                   
primary 'Zebisch, M.'     20 ?                   
primary 'Silvestre, H.L.' 21 ?                   
primary 'McEwan, P.A.'    22 ?                   
primary 'Barker, J.'      23 ?                   
primary 'Rearden, P.'     24 ?                   
primary 'Greshock, T.J.'  25 0000-0002-3313-9733 
# 
_cell.angle_alpha                  90.000 
_cell.angle_alpha_esd              ? 
_cell.angle_beta                   90.000 
_cell.angle_beta_esd               ? 
_cell.angle_gamma                  90.000 
_cell.angle_gamma_esd              ? 
_cell.entry_id                     7SSB 
_cell.details                      ? 
_cell.formula_units_Z              ? 
_cell.length_a                     56.394 
_cell.length_a_esd                 ? 
_cell.length_b                     80.656 
_cell.length_b_esd                 ? 
_cell.length_c                     63.222 
_cell.length_c_esd                 ? 
_cell.volume                       ? 
_cell.volume_esd                   ? 
_cell.Z_PDB                        8 
_cell.reciprocal_angle_alpha       ? 
_cell.reciprocal_angle_beta        ? 
_cell.reciprocal_angle_gamma       ? 
_cell.reciprocal_angle_alpha_esd   ? 
_cell.reciprocal_angle_beta_esd    ? 
_cell.reciprocal_angle_gamma_esd   ? 
_cell.reciprocal_length_a          ? 
_cell.reciprocal_length_b          ? 
_cell.reciprocal_length_c          ? 
_cell.reciprocal_length_a_esd      ? 
_cell.reciprocal_length_b_esd      ? 
_cell.reciprocal_length_c_esd      ? 
_cell.pdbx_unique_axis             ? 
# 
_symmetry.entry_id                         7SSB 
_symmetry.cell_setting                     ? 
_symmetry.Int_Tables_number                20 
_symmetry.space_group_name_Hall            ? 
_symmetry.space_group_name_H-M             'C 2 2 21' 
_symmetry.pdbx_full_space_group_name_H-M   ? 
# 
loop_
_entity.id 
_entity.type 
_entity.src_method 
_entity.pdbx_description 
_entity.formula_weight 
_entity.pdbx_number_of_molecules 
_entity.pdbx_ec 
_entity.pdbx_mutation 
_entity.pdbx_fragment 
_entity.details 
1 polymer     man 'cGMP-dependent protein kinase 1'                                                                                
30466.855 1   2.7.11.12 R203S ? ? 
2 non-polymer syn '4-({(2S,3S)-3-[(1S)-1-(3,5-dichlorophenyl)-2-hydroxyethoxy]-2-phenylpiperidin-1-yl}methyl)-3-nitrobenzoic acid' 
545.411   1   ?         ?     ? ? 
3 water       nat water                                                                                                            
18.015    155 ?         ?     ? ? 
# 
_entity_name_com.entity_id   1 
_entity_name_com.name        'cGK 1,cGK1,cGMP-dependent protein kinase I,cGKI' 
# 
_entity_poly.entity_id                      1 
_entity_poly.type                           'polypeptide(L)' 
_entity_poly.nstd_linkage                   no 
_entity_poly.nstd_monomer                   no 
_entity_poly.pdbx_seq_one_letter_code       
;MAHHHHHHHHENLYFQSRQAFRKFTKSERSKDLIKEAILDNDFMKNLELSQIQEIVDCMYPVEYGKDSCIIKEGDVGSLV
YVMEDGKVEVTKEGVKLCTMGPGKVFGELAILYNCTRTATVKTLVNVKLWAIDRQCFQTIMMSTGLIKHTEYMEFLKSVP
TFQSLPEEILSKLADVLEETHYENGEYIIRQGARGDTFFIISKGTVNVTREDSPSEDPVFLRTLGKGDWFGEKALQGEDV
RTANVIAAEAVTCLVIDRDSFKHLIGGL
;
_entity_poly.pdbx_seq_one_letter_code_can   
;MAHHHHHHHHENLYFQSRQAFRKFTKSERSKDLIKEAILDNDFMKNLELSQIQEIVDCMYPVEYGKDSCIIKEGDVGSLV
YVMEDGKVEVTKEGVKLCTMGPGKVFGELAILYNCTRTATVKTLVNVKLWAIDRQCFQTIMMSTGLIKHTEYMEFLKSVP
TFQSLPEEILSKLADVLEETHYENGEYIIRQGARGDTFFIISKGTVNVTREDSPSEDPVFLRTLGKGDWFGEKALQGEDV
RTANVIAAEAVTCLVIDRDSFKHLIGGL
;
_entity_poly.pdbx_strand_id                 A 
_entity_poly.pdbx_target_identifier         ? 
# 
loop_
_entity_poly_seq.entity_id 
_entity_poly_seq.num 
_entity_poly_seq.mon_id 
_entity_poly_seq.hetero 
1 1   MET n 
1 2   ALA n 
1 3   HIS n 
1 4   HIS n 
1 5   HIS n 
1 6   HIS n 
1 7   HIS n 
1 8   HIS n 
1 9   HIS n 
1 10  HIS n 
1 11  GLU n 
1 12  ASN n 
1 13  LEU n 
1 14  TYR n 
1 15  PHE n 
1 16  GLN n 
1 17  SER n 
1 18  ARG n 
1 19  GLN n 
1 20  ALA n 
1 21  PHE n 
1 22  ARG n 
1 23  LYS n 
1 24  PHE n 
1 25  THR n 
1 26  LYS n 
1 27  SER n 
1 28  GLU n 
1 29  ARG n 
1 30  SER n 
1 31  LYS n 
1 32  ASP n 
1 33  LEU n 
1 34  ILE n 
1 35  LYS n 
1 36  GLU n 
1 37  ALA n 
1 38  ILE n 
1 39  LEU n 
1 40  ASP n 
1 41  ASN n 
1 42  ASP n 
1 43  PHE n 
1 44  MET n 
1 45  LYS n 
1 46  ASN n 
1 47  LEU n 
1 48  GLU n 
1 49  LEU n 
1 50  SER n 
1 51  GLN n 
1 52  ILE n 
1 53  GLN n 
1 54  GLU n 
1 55  ILE n 
1 56  VAL n 
1 57  ASP n 
1 58  CYS n 
1 59  MET n 
1 60  TYR n 
1 61  PRO n 
1 62  VAL n 
1 63  GLU n 
1 64  TYR n 
1 65  GLY n 
1 66  LYS n 
1 67  ASP n 
1 68  SER n 
1 69  CYS n 
1 70  ILE n 
1 71  ILE n 
1 72  LYS n 
1 73  GLU n 
1 74  GLY n 
1 75  ASP n 
1 76  VAL n 
1 77  GLY n 
1 78  SER n 
1 79  LEU n 
1 80  VAL n 
1 81  TYR n 
1 82  VAL n 
1 83  MET n 
1 84  GLU n 
1 85  ASP n 
1 86  GLY n 
1 87  LYS n 
1 88  VAL n 
1 89  GLU n 
1 90  VAL n 
1 91  THR n 
1 92  LYS n 
1 93  GLU n 
1 94  GLY n 
1 95  VAL n 
1 96  LYS n 
1 97  LEU n 
1 98  CYS n 
1 99  THR n 
1 100 MET n 
1 101 GLY n 
1 102 PRO n 
1 103 GLY n 
1 104 LYS n 
1 105 VAL n 
1 106 PHE n 
1 107 GLY n 
1 108 GLU n 
1 109 LEU n 
1 110 ALA n 
1 111 ILE n 
1 112 LEU n 
1 113 TYR n 
1 114 ASN n 
1 115 CYS n 
1 116 THR n 
1 117 ARG n 
1 118 THR n 
1 119 ALA n 
1 120 THR n 
1 121 VAL n 
1 122 LYS n 
1 123 THR n 
1 124 LEU n 
1 125 VAL n 
1 126 ASN n 
1 127 VAL n 
1 128 LYS n 
1 129 LEU n 
1 130 TRP n 
1 131 ALA n 
1 132 ILE n 
1 133 ASP n 
1 134 ARG n 
1 135 GLN n 
1 136 CYS n 
1 137 PHE n 
1 138 GLN n 
1 139 THR n 
1 140 ILE n 
1 141 MET n 
1 142 MET n 
1 143 SER n 
1 144 THR n 
1 145 GLY n 
1 146 LEU n 
1 147 ILE n 
1 148 LYS n 
1 149 HIS n 
1 150 THR n 
1 151 GLU n 
1 152 TYR n 
1 153 MET n 
1 154 GLU n 
1 155 PHE n 
1 156 LEU n 
1 157 LYS n 
1 158 SER n 
1 159 VAL n 
1 160 PRO n 
1 161 THR n 
1 162 PHE n 
1 163 GLN n 
1 164 SER n 
1 165 LEU n 
1 166 PRO n 
1 167 GLU n 
1 168 GLU n 
1 169 ILE n 
1 170 LEU n 
1 171 SER n 
1 172 LYS n 
1 173 LEU n 
1 174 ALA n 
1 175 ASP n 
1 176 VAL n 
1 177 LEU n 
1 178 GLU n 
1 179 GLU n 
1 180 THR n 
1 181 HIS n 
1 182 TYR n 
1 183 GLU n 
1 184 ASN n 
1 185 GLY n 
1 186 GLU n 
1 187 TYR n 
1 188 ILE n 
1 189 ILE n 
1 190 ARG n 
1 191 GLN n 
1 192 GLY n 
1 193 ALA n 
1 194 ARG n 
1 195 GLY n 
1 196 ASP n 
1 197 THR n 
1 198 PHE n 
1 199 PHE n 
1 200 ILE n 
1 201 ILE n 
1 202 SER n 
1 203 LYS n 
1 204 GLY n 
1 205 THR n 
1 206 VAL n 
1 207 ASN n 
1 208 VAL n 
1 209 THR n 
1 210 ARG n 
1 211 GLU n 
1 212 ASP n 
1 213 SER n 
1 214 PRO n 
1 215 SER n 
1 216 GLU n 
1 217 ASP n 
1 218 PRO n 
1 219 VAL n 
1 220 PHE n 
1 221 LEU n 
1 222 ARG n 
1 223 THR n 
1 224 LEU n 
1 225 GLY n 
1 226 LYS n 
1 227 GLY n 
1 228 ASP n 
1 229 TRP n 
1 230 PHE n 
1 231 GLY n 
1 232 GLU n 
1 233 LYS n 
1 234 ALA n 
1 235 LEU n 
1 236 GLN n 
1 237 GLY n 
1 238 GLU n 
1 239 ASP n 
1 240 VAL n 
1 241 ARG n 
1 242 THR n 
1 243 ALA n 
1 244 ASN n 
1 245 VAL n 
1 246 ILE n 
1 247 ALA n 
1 248 ALA n 
1 249 GLU n 
1 250 ALA n 
1 251 VAL n 
1 252 THR n 
1 253 CYS n 
1 254 LEU n 
1 255 VAL n 
1 256 ILE n 
1 257 ASP n 
1 258 ARG n 
1 259 ASP n 
1 260 SER n 
1 261 PHE n 
1 262 LYS n 
1 263 HIS n 
1 264 LEU n 
1 265 ILE n 
1 266 GLY n 
1 267 GLY n 
1 268 LEU n 
# 
_entity_src_gen.entity_id                          1 
_entity_src_gen.pdbx_src_id                        1 
_entity_src_gen.pdbx_alt_source_flag               sample 
_entity_src_gen.pdbx_seq_type                      'Biological sequence' 
_entity_src_gen.pdbx_beg_seq_num                   1 
_entity_src_gen.pdbx_end_seq_num                   268 
_entity_src_gen.gene_src_common_name               Human 
_entity_src_gen.gene_src_genus                     ? 
_entity_src_gen.pdbx_gene_src_gene                 'PRKG1, PRKG1B, PRKGR1A, PRKGR1B' 
_entity_src_gen.gene_src_species                   ? 
_entity_src_gen.gene_src_strain                    ? 
_entity_src_gen.gene_src_tissue                    ? 
_entity_src_gen.gene_src_tissue_fraction           ? 
_entity_src_gen.gene_src_details                   ? 
_entity_src_gen.pdbx_gene_src_fragment             ? 
_entity_src_gen.pdbx_gene_src_scientific_name      'Homo sapiens' 
_entity_src_gen.pdbx_gene_src_ncbi_taxonomy_id     9606 
_entity_src_gen.pdbx_gene_src_variant              ? 
_entity_src_gen.pdbx_gene_src_cell_line            ? 
_entity_src_gen.pdbx_gene_src_atcc                 ? 
_entity_src_gen.pdbx_gene_src_organ                ? 
_entity_src_gen.pdbx_gene_src_organelle            ? 
_entity_src_gen.pdbx_gene_src_cell                 ? 
_entity_src_gen.pdbx_gene_src_cellular_location    ? 
_entity_src_gen.host_org_common_name               ? 
_entity_src_gen.pdbx_host_org_scientific_name      'Escherichia coli' 
_entity_src_gen.pdbx_host_org_ncbi_taxonomy_id     562 
_entity_src_gen.host_org_genus                     ? 
_entity_src_gen.pdbx_host_org_gene                 ? 
_entity_src_gen.pdbx_host_org_organ                ? 
_entity_src_gen.host_org_species                   ? 
_entity_src_gen.pdbx_host_org_tissue               ? 
_entity_src_gen.pdbx_host_org_tissue_fraction      ? 
_entity_src_gen.pdbx_host_org_strain               ? 
_entity_src_gen.pdbx_host_org_variant              ? 
_entity_src_gen.pdbx_host_org_cell_line            ? 
_entity_src_gen.pdbx_host_org_atcc                 ? 
_entity_src_gen.pdbx_host_org_culture_collection   ? 
_entity_src_gen.pdbx_host_org_cell                 ? 
_entity_src_gen.pdbx_host_org_organelle            ? 
_entity_src_gen.pdbx_host_org_cellular_location    ? 
_entity_src_gen.pdbx_host_org_vector_type          ? 
_entity_src_gen.pdbx_host_org_vector               ? 
_entity_src_gen.host_org_details                   ? 
_entity_src_gen.expression_system_id               ? 
_entity_src_gen.plasmid_name                       ? 
_entity_src_gen.plasmid_details                    ? 
_entity_src_gen.pdbx_description                   ? 
# 
_struct_ref.id                         1 
_struct_ref.db_name                    UNP 
_struct_ref.db_code                    KGP1_HUMAN 
_struct_ref.pdbx_db_accession          Q13976 
_struct_ref.pdbx_db_isoform            ? 
_struct_ref.entity_id                  1 
_struct_ref.pdbx_seq_one_letter_code   
;RQAFRKFTKSERSKDLIKEAILDNDFMKNLELSQIQEIVDCMYPVEYGKDSCIIKEGDVGSLVYVMEDGKVEVTKEGVKL
CTMGPGKVFGELAILYNCTRTATVKTLVNVKLWAIDRQCFQTIMMRTGLIKHTEYMEFLKSVPTFQSLPEEILSKLADVL
EETHYENGEYIIRQGARGDTFFIISKGTVNVTREDSPSEDPVFLRTLGKGDWFGEKALQGEDVRTANVIAAEAVTCLVID
RDSFKHLIGGL
;
_struct_ref.pdbx_align_begin           78 
# 
_struct_ref_seq.align_id                      1 
_struct_ref_seq.ref_id                        1 
_struct_ref_seq.pdbx_PDB_id_code              7SSB 
_struct_ref_seq.pdbx_strand_id                A 
_struct_ref_seq.seq_align_beg                 18 
_struct_ref_seq.pdbx_seq_align_beg_ins_code   ? 
_struct_ref_seq.seq_align_end                 268 
_struct_ref_seq.pdbx_seq_align_end_ins_code   ? 
_struct_ref_seq.pdbx_db_accession             Q13976 
_struct_ref_seq.db_align_beg                  78 
_struct_ref_seq.pdbx_db_align_beg_ins_code    ? 
_struct_ref_seq.db_align_end                  328 
_struct_ref_seq.pdbx_db_align_end_ins_code    ? 
_struct_ref_seq.pdbx_auth_seq_align_beg       93 
_struct_ref_seq.pdbx_auth_seq_align_end       343 
# 
loop_
_struct_ref_seq_dif.align_id 
_struct_ref_seq_dif.pdbx_pdb_id_code 
_struct_ref_seq_dif.mon_id 
_struct_ref_seq_dif.pdbx_pdb_strand_id 
_struct_ref_seq_dif.seq_num 
_struct_ref_seq_dif.pdbx_pdb_ins_code 
_struct_ref_seq_dif.pdbx_seq_db_name 
_struct_ref_seq_dif.pdbx_seq_db_accession_code 
_struct_ref_seq_dif.db_mon_id 
_struct_ref_seq_dif.pdbx_seq_db_seq_num 
_struct_ref_seq_dif.details 
_struct_ref_seq_dif.pdbx_auth_seq_num 
_struct_ref_seq_dif.pdbx_ordinal 
1 7SSB MET A 1   ? UNP Q13976 ?   ?   'initiating methionine' 76  1  
1 7SSB ALA A 2   ? UNP Q13976 ?   ?   'expression tag'        77  2  
1 7SSB HIS A 3   ? UNP Q13976 ?   ?   'expression tag'        78  3  
1 7SSB HIS A 4   ? UNP Q13976 ?   ?   'expression tag'        79  4  
1 7SSB HIS A 5   ? UNP Q13976 ?   ?   'expression tag'        80  5  
1 7SSB HIS A 6   ? UNP Q13976 ?   ?   'expression tag'        81  6  
1 7SSB HIS A 7   ? UNP Q13976 ?   ?   'expression tag'        82  7  
1 7SSB HIS A 8   ? UNP Q13976 ?   ?   'expression tag'        83  8  
1 7SSB HIS A 9   ? UNP Q13976 ?   ?   'expression tag'        84  9  
1 7SSB HIS A 10  ? UNP Q13976 ?   ?   'expression tag'        85  10 
1 7SSB GLU A 11  ? UNP Q13976 ?   ?   'expression tag'        86  11 
1 7SSB ASN A 12  ? UNP Q13976 ?   ?   'expression tag'        87  12 
1 7SSB LEU A 13  ? UNP Q13976 ?   ?   'expression tag'        88  13 
1 7SSB TYR A 14  ? UNP Q13976 ?   ?   'expression tag'        89  14 
1 7SSB PHE A 15  ? UNP Q13976 ?   ?   'expression tag'        90  15 
1 7SSB GLN A 16  ? UNP Q13976 ?   ?   'expression tag'        91  16 
1 7SSB SER A 17  ? UNP Q13976 ?   ?   'expression tag'        92  17 
1 7SSB SER A 143 ? UNP Q13976 ARG 203 'engineered mutation'   218 18 
# 
loop_
_chem_comp.id 
_chem_comp.type 
_chem_comp.mon_nstd_flag 
_chem_comp.name 
_chem_comp.pdbx_synonyms 
_chem_comp.formula 
_chem_comp.formula_weight 
ALA 'L-peptide linking' y ALANINE ? 'C3 H7 N O2'        89.093  
ARG 'L-peptide linking' y ARGININE ? 'C6 H15 N4 O2 1'    175.209 
ASN 'L-peptide linking' y ASPARAGINE ? 'C4 H8 N2 O3'       132.118 
ASP 'L-peptide linking' y 'ASPARTIC ACID' ? 'C4 H7 N O4'        133.103 
B4I non-polymer         . 
'4-({(2S,3S)-3-[(1S)-1-(3,5-dichlorophenyl)-2-hydroxyethoxy]-2-phenylpiperidin-1-yl}methyl)-3-nitrobenzoic acid' ? 
'C27 H26 Cl2 N2 O6' 545.411 
CYS 'L-peptide linking' y CYSTEINE ? 'C3 H7 N O2 S'      121.158 
GLN 'L-peptide linking' y GLUTAMINE ? 'C5 H10 N2 O3'      146.144 
GLU 'L-peptide linking' y 'GLUTAMIC ACID' ? 'C5 H9 N O4'        147.129 
GLY 'peptide linking'   y GLYCINE ? 'C2 H5 N O2'        75.067  
HIS 'L-peptide linking' y HISTIDINE ? 'C6 H10 N3 O2 1'    156.162 
HOH non-polymer         . WATER ? 'H2 O'              18.015  
ILE 'L-peptide linking' y ISOLEUCINE ? 'C6 H13 N O2'       131.173 
LEU 'L-peptide linking' y LEUCINE ? 'C6 H13 N O2'       131.173 
LYS 'L-peptide linking' y LYSINE ? 'C6 H15 N2 O2 1'    147.195 
MET 'L-peptide linking' y METHIONINE ? 'C5 H11 N O2 S'     149.211 
PHE 'L-peptide linking' y PHENYLALANINE ? 'C9 H11 N O2'       165.189 
PRO 'L-peptide linking' y PROLINE ? 'C5 H9 N O2'        115.130 
SER 'L-peptide linking' y SERINE ? 'C3 H7 N O3'        105.093 
THR 'L-peptide linking' y THREONINE ? 'C4 H9 N O3'        119.119 
TRP 'L-peptide linking' y TRYPTOPHAN ? 'C11 H12 N2 O2'     204.225 
TYR 'L-peptide linking' y TYROSINE ? 'C9 H11 N O3'       181.189 
VAL 'L-peptide linking' y VALINE ? 'C5 H11 N O2'       117.146 
# 
_exptl.absorpt_coefficient_mu     ? 
_exptl.absorpt_correction_T_max   ? 
_exptl.absorpt_correction_T_min   ? 
_exptl.absorpt_correction_type    ? 
_exptl.absorpt_process_details    ? 
_exptl.entry_id                   7SSB 
_exptl.crystals_number            1 
_exptl.details                    ? 
_exptl.method                     'X-RAY DIFFRACTION' 
_exptl.method_details             ? 
# 
_exptl_crystal.colour                      ? 
_exptl_crystal.density_diffrn              ? 
_exptl_crystal.density_Matthews            1.18 
_exptl_crystal.density_method              ? 
_exptl_crystal.density_percent_sol         ? 
_exptl_crystal.description                 ? 
_exptl_crystal.F_000                       ? 
_exptl_crystal.id                          1 
_exptl_crystal.preparation                 ? 
_exptl_crystal.size_max                    ? 
_exptl_crystal.size_mid                    ? 
_exptl_crystal.size_min                    ? 
_exptl_crystal.size_rad                    ? 
_exptl_crystal.colour_lustre               ? 
_exptl_crystal.colour_modifier             ? 
_exptl_crystal.colour_primary              ? 
_exptl_crystal.density_meas                ? 
_exptl_crystal.density_meas_esd            ? 
_exptl_crystal.density_meas_gt             ? 
_exptl_crystal.density_meas_lt             ? 
_exptl_crystal.density_meas_temp           ? 
_exptl_crystal.density_meas_temp_esd       ? 
_exptl_crystal.density_meas_temp_gt        ? 
_exptl_crystal.density_meas_temp_lt        ? 
_exptl_crystal.pdbx_crystal_image_url      ? 
_exptl_crystal.pdbx_crystal_image_format   ? 
_exptl_crystal.pdbx_mosaicity              ? 
_exptl_crystal.pdbx_mosaicity_esd          ? 
# 
_exptl_crystal_grow.apparatus       ? 
_exptl_crystal_grow.atmosphere      ? 
_exptl_crystal_grow.crystal_id      1 
_exptl_crystal_grow.details         ? 
_exptl_crystal_grow.method          'VAPOR DIFFUSION' 
_exptl_crystal_grow.method_ref      ? 
_exptl_crystal_grow.pH              8.5 
_exptl_crystal_grow.pressure        ? 
_exptl_crystal_grow.pressure_esd    ? 
_exptl_crystal_grow.seeding         ? 
_exptl_crystal_grow.seeding_ref     ? 
_exptl_crystal_grow.temp            295 
_exptl_crystal_grow.temp_details    ? 
_exptl_crystal_grow.temp_esd        ? 
_exptl_crystal_grow.time            ? 
_exptl_crystal_grow.pdbx_details    '0.1 M Tris 8.5 20 % v/v Glycerol ethoxylate, 3 % v/v Polyethyleneimine' 
_exptl_crystal_grow.pdbx_pH_range   ? 
# 
_diffrn.ambient_environment              ? 
_diffrn.ambient_temp                     100 
_diffrn.ambient_temp_details             ? 
_diffrn.ambient_temp_esd                 ? 
_diffrn.crystal_id                       1 
_diffrn.crystal_support                  ? 
_diffrn.crystal_treatment                ? 
_diffrn.details                          ? 
_diffrn.id                               1 
_diffrn.ambient_pressure                 ? 
_diffrn.ambient_pressure_esd             ? 
_diffrn.ambient_pressure_gt              ? 
_diffrn.ambient_pressure_lt              ? 
_diffrn.ambient_temp_gt                  ? 
_diffrn.ambient_temp_lt                  ? 
_diffrn.pdbx_serial_crystal_experiment   N 
# 
_diffrn_detector.details                      ? 
_diffrn_detector.detector                     PIXEL 
_diffrn_detector.diffrn_id                    1 
_diffrn_detector.type                         'DECTRIS PILATUS 6M' 
_diffrn_detector.area_resol_mean              ? 
_diffrn_detector.dtime                        ? 
_diffrn_detector.pdbx_frames_total            ? 
_diffrn_detector.pdbx_collection_time_total   ? 
_diffrn_detector.pdbx_collection_date         2018-04-10 
_diffrn_detector.pdbx_frequency               ? 
# 
_diffrn_radiation.collimation                      ? 
_diffrn_radiation.diffrn_id                        1 
_diffrn_radiation.filter_edge                      ? 
_diffrn_radiation.inhomogeneity                    ? 
_diffrn_radiation.monochromator                    ? 
_diffrn_radiation.polarisn_norm                    ? 
_diffrn_radiation.polarisn_ratio                   ? 
_diffrn_radiation.probe                            ? 
_diffrn_radiation.type                             ? 
_diffrn_radiation.xray_symbol                      ? 
_diffrn_radiation.wavelength_id                    1 
_diffrn_radiation.pdbx_monochromatic_or_laue_m_l   M 
_diffrn_radiation.pdbx_wavelength_list             ? 
_diffrn_radiation.pdbx_wavelength                  ? 
_diffrn_radiation.pdbx_diffrn_protocol             'SINGLE WAVELENGTH' 
_diffrn_radiation.pdbx_analyzer                    ? 
_diffrn_radiation.pdbx_scattering_type             x-ray 
# 
_diffrn_radiation_wavelength.id           1 
_diffrn_radiation_wavelength.wavelength   0.9792 
_diffrn_radiation_wavelength.wt           1.0 
# 
_diffrn_source.current                     ? 
_diffrn_source.details                     ? 
_diffrn_source.diffrn_id                   1 
_diffrn_source.power                       ? 
_diffrn_source.size                        ? 
_diffrn_source.source                      SYNCHROTRON 
_diffrn_source.target                      ? 
_diffrn_source.type                        'ALBA BEAMLINE XALOC' 
_diffrn_source.voltage                     ? 
_diffrn_source.take-off_angle              ? 
_diffrn_source.pdbx_wavelength_list        0.9792 
_diffrn_source.pdbx_wavelength             ? 
_diffrn_source.pdbx_synchrotron_beamline   XALOC 
_diffrn_source.pdbx_synchrotron_site       ALBA 
# 
_reflns.B_iso_Wilson_estimate                          8.700 
_reflns.entry_id                                       7SSB 
_reflns.data_reduction_details                         ? 
_reflns.data_reduction_method                          ? 
_reflns.d_resolution_high                              1.400 
_reflns.d_resolution_low                               28.200 
_reflns.details                                        ? 
_reflns.limit_h_max                                    ? 
_reflns.limit_h_min                                    ? 
_reflns.limit_k_max                                    ? 
_reflns.limit_k_min                                    ? 
_reflns.limit_l_max                                    ? 
_reflns.limit_l_min                                    ? 
_reflns.number_all                                     ? 
_reflns.number_obs                                     27749 
_reflns.observed_criterion                             ? 
_reflns.observed_criterion_F_max                       ? 
_reflns.observed_criterion_F_min                       ? 
_reflns.observed_criterion_I_max                       ? 
_reflns.observed_criterion_I_min                       ? 
_reflns.observed_criterion_sigma_F                     ? 
_reflns.observed_criterion_sigma_I                     ? 
_reflns.percent_possible_obs                           97.000 
_reflns.R_free_details                                 ? 
_reflns.Rmerge_F_all                                   ? 
_reflns.Rmerge_F_obs                                   ? 
_reflns.Friedel_coverage                               ? 
_reflns.number_gt                                      ? 
_reflns.threshold_expression                           ? 
_reflns.pdbx_redundancy                                2.700 
_reflns.pdbx_Rmerge_I_obs                              0.170 
_reflns.pdbx_Rmerge_I_all                              ? 
_reflns.pdbx_Rsym_value                                ? 
_reflns.pdbx_netI_over_av_sigmaI                       ? 
_reflns.pdbx_netI_over_sigmaI                          4.000 
_reflns.pdbx_res_netI_over_av_sigmaI_2                 ? 
_reflns.pdbx_res_netI_over_sigmaI_2                    ? 
_reflns.pdbx_chi_squared                               ? 
_reflns.pdbx_scaling_rejects                           ? 
_reflns.pdbx_d_res_high_opt                            ? 
_reflns.pdbx_d_res_low_opt                             ? 
_reflns.pdbx_d_res_opt_method                          ? 
_reflns.phase_calculation_details                      ? 
_reflns.pdbx_Rrim_I_all                                0.199 
_reflns.pdbx_Rpim_I_all                                0.101 
_reflns.pdbx_d_opt                                     ? 
_reflns.pdbx_number_measured_all                       76078 
_reflns.pdbx_diffrn_id                                 1 
_reflns.pdbx_ordinal                                   1 
_reflns.pdbx_CC_half                                   0.977 
_reflns.pdbx_CC_star                                   ? 
_reflns.pdbx_R_split                                   ? 
_reflns.pdbx_aniso_diffraction_limit_axis_1_ortho[1]   ? 
_reflns.pdbx_aniso_diffraction_limit_axis_1_ortho[2]   ? 
_reflns.pdbx_aniso_diffraction_limit_axis_1_ortho[3]   ? 
_reflns.pdbx_aniso_diffraction_limit_axis_2_ortho[1]   ? 
_reflns.pdbx_aniso_diffraction_limit_axis_2_ortho[2]   ? 
_reflns.pdbx_aniso_diffraction_limit_axis_2_ortho[3]   ? 
_reflns.pdbx_aniso_diffraction_limit_axis_3_ortho[1]   ? 
_reflns.pdbx_aniso_diffraction_limit_axis_3_ortho[2]   ? 
_reflns.pdbx_aniso_diffraction_limit_axis_3_ortho[3]   ? 
_reflns.pdbx_aniso_diffraction_limit_1                 ? 
_reflns.pdbx_aniso_diffraction_limit_2                 ? 
_reflns.pdbx_aniso_diffraction_limit_3                 ? 
_reflns.pdbx_aniso_B_tensor_eigenvector_1_ortho[1]     ? 
_reflns.pdbx_aniso_B_tensor_eigenvector_1_ortho[2]     ? 
_reflns.pdbx_aniso_B_tensor_eigenvector_1_ortho[3]     ? 
_reflns.pdbx_aniso_B_tensor_eigenvector_2_ortho[1]     ? 
_reflns.pdbx_aniso_B_tensor_eigenvector_2_ortho[2]     ? 
_reflns.pdbx_aniso_B_tensor_eigenvector_2_ortho[3]     ? 
_reflns.pdbx_aniso_B_tensor_eigenvector_3_ortho[1]     ? 
_reflns.pdbx_aniso_B_tensor_eigenvector_3_ortho[2]     ? 
_reflns.pdbx_aniso_B_tensor_eigenvector_3_ortho[3]     ? 
_reflns.pdbx_aniso_B_tensor_eigenvalue_1               ? 
_reflns.pdbx_aniso_B_tensor_eigenvalue_2               ? 
_reflns.pdbx_aniso_B_tensor_eigenvalue_3               ? 
_reflns.pdbx_orthogonalization_convention              ? 
_reflns.pdbx_percent_possible_ellipsoidal              ? 
_reflns.pdbx_percent_possible_spherical                ? 
_reflns.pdbx_percent_possible_ellipsoidal_anomalous    ? 
_reflns.pdbx_percent_possible_spherical_anomalous      ? 
_reflns.pdbx_redundancy_anomalous                      ? 
_reflns.pdbx_CC_half_anomalous                         ? 
_reflns.pdbx_absDiff_over_sigma_anomalous              ? 
_reflns.pdbx_percent_possible_anomalous                ? 
_reflns.pdbx_observed_signal_threshold                 ? 
_reflns.pdbx_signal_type                               ? 
_reflns.pdbx_signal_details                            ? 
_reflns.pdbx_signal_software_id                        ? 
# 
loop_
_reflns_shell.d_res_high 
_reflns_shell.d_res_low 
_reflns_shell.meanI_over_sigI_all 
_reflns_shell.meanI_over_sigI_obs 
_reflns_shell.number_measured_all 
_reflns_shell.number_measured_obs 
_reflns_shell.number_possible 
_reflns_shell.number_unique_all 
_reflns_shell.number_unique_obs 
_reflns_shell.percent_possible_all 
_reflns_shell.percent_possible_obs 
_reflns_shell.Rmerge_F_all 
_reflns_shell.Rmerge_F_obs 
_reflns_shell.Rmerge_I_all 
_reflns_shell.Rmerge_I_obs 
_reflns_shell.meanI_over_sigI_gt 
_reflns_shell.meanI_over_uI_all 
_reflns_shell.meanI_over_uI_gt 
_reflns_shell.number_measured_gt 
_reflns_shell.number_unique_gt 
_reflns_shell.percent_possible_gt 
_reflns_shell.Rmerge_F_gt 
_reflns_shell.Rmerge_I_gt 
_reflns_shell.pdbx_redundancy 
_reflns_shell.pdbx_Rsym_value 
_reflns_shell.pdbx_chi_squared 
_reflns_shell.pdbx_netI_over_sigmaI_all 
_reflns_shell.pdbx_netI_over_sigmaI_obs 
_reflns_shell.pdbx_Rrim_I_all 
_reflns_shell.pdbx_Rpim_I_all 
_reflns_shell.pdbx_rejects 
_reflns_shell.pdbx_ordinal 
_reflns_shell.pdbx_diffrn_id 
_reflns_shell.pdbx_CC_half 
_reflns_shell.pdbx_CC_star 
_reflns_shell.pdbx_R_split 
_reflns_shell.pdbx_percent_possible_ellipsoidal 
_reflns_shell.pdbx_percent_possible_spherical 
_reflns_shell.pdbx_percent_possible_ellipsoidal_anomalous 
_reflns_shell.pdbx_percent_possible_spherical_anomalous 
_reflns_shell.pdbx_redundancy_anomalous 
_reflns_shell.pdbx_CC_half_anomalous 
_reflns_shell.pdbx_absDiff_over_sigma_anomalous 
_reflns_shell.pdbx_percent_possible_anomalous 
1.400 1.420  ? ? 2748 ? ? ? 1351 97.400 ? ? ? ? 0.285 ? ? ? ? ? ? ? ? 2.000 ? ? ? 1.500 0.375 0.240 ? 1 1 0.710 ? ? ? ? ? ? ? ? ? 
? 
7.670 28.200 ? ? 559  ? ? ? 158  78.200 ? ? ? ? 0.098 ? ? ? ? ? ? ? ? 3.500 ? ? ? 6.500 0.115 0.059 ? 2 1 0.972 ? ? ? ? ? ? ? ? ? 
? 
# 
_refine.aniso_B[1][1]                            0.3960 
_refine.aniso_B[1][2]                            0.0000 
_refine.aniso_B[1][3]                            0.0000 
_refine.aniso_B[2][2]                            -7.6961 
_refine.aniso_B[2][3]                            0.0000 
_refine.aniso_B[3][3]                            7.3000 
_refine.B_iso_max                                71.990 
_refine.B_iso_mean                               13.7400 
_refine.B_iso_min                                3.000 
_refine.correlation_coeff_Fo_to_Fc               0.8820 
_refine.correlation_coeff_Fo_to_Fc_free          0.8840 
_refine.details                                  ? 
_refine.diff_density_max                         ? 
_refine.diff_density_max_esd                     ? 
_refine.diff_density_min                         ? 
_refine.diff_density_min_esd                     ? 
_refine.diff_density_rms                         ? 
_refine.diff_density_rms_esd                     ? 
_refine.entry_id                                 7SSB 
_refine.pdbx_refine_id                           'X-RAY DIFFRACTION' 
_refine.ls_abs_structure_details                 ? 
_refine.ls_abs_structure_Flack                   ? 
_refine.ls_abs_structure_Flack_esd               ? 
_refine.ls_abs_structure_Rogers                  ? 
_refine.ls_abs_structure_Rogers_esd              ? 
_refine.ls_d_res_high                            1.4000 
_refine.ls_d_res_low                             28.2000 
_refine.ls_extinction_coef                       ? 
_refine.ls_extinction_coef_esd                   ? 
_refine.ls_extinction_expression                 ? 
_refine.ls_extinction_method                     ? 
_refine.ls_goodness_of_fit_all                   ? 
_refine.ls_goodness_of_fit_all_esd               ? 
_refine.ls_goodness_of_fit_obs                   ? 
_refine.ls_goodness_of_fit_obs_esd               ? 
_refine.ls_hydrogen_treatment                    ? 
_refine.ls_matrix_type                           ? 
_refine.ls_number_constraints                    ? 
_refine.ls_number_parameters                     ? 
_refine.ls_number_reflns_all                     ? 
_refine.ls_number_reflns_obs                     27741 
_refine.ls_number_reflns_R_free                  1076 
_refine.ls_number_reflns_R_work                  ? 
_refine.ls_number_restraints                     ? 
_refine.ls_percent_reflns_obs                    96.5000 
_refine.ls_percent_reflns_R_free                 3.8800 
_refine.ls_R_factor_all                          ? 
_refine.ls_R_factor_obs                          0.2110 
_refine.ls_R_factor_R_free                       0.2250 
_refine.ls_R_factor_R_free_error                 ? 
_refine.ls_R_factor_R_free_error_details         ? 
_refine.ls_R_factor_R_work                       0.2100 
_refine.ls_R_Fsqd_factor_obs                     ? 
_refine.ls_R_I_factor_obs                        ? 
_refine.ls_redundancy_reflns_all                 ? 
_refine.ls_redundancy_reflns_obs                 ? 
_refine.ls_restrained_S_all                      ? 
_refine.ls_restrained_S_obs                      ? 
_refine.ls_shift_over_esd_max                    ? 
_refine.ls_shift_over_esd_mean                   ? 
_refine.ls_structure_factor_coef                 ? 
_refine.ls_weighting_details                     ? 
_refine.ls_weighting_scheme                      ? 
_refine.ls_wR_factor_all                         ? 
_refine.ls_wR_factor_obs                         ? 
_refine.ls_wR_factor_R_free                      ? 
_refine.ls_wR_factor_R_work                      ? 
_refine.occupancy_max                            ? 
_refine.occupancy_min                            ? 
_refine.solvent_model_details                    ? 
_refine.solvent_model_param_bsol                 ? 
_refine.solvent_model_param_ksol                 ? 
_refine.pdbx_R_complete                          ? 
_refine.ls_R_factor_gt                           ? 
_refine.ls_goodness_of_fit_gt                    ? 
_refine.ls_goodness_of_fit_ref                   ? 
_refine.ls_shift_over_su_max                     ? 
_refine.ls_shift_over_su_max_lt                  ? 
_refine.ls_shift_over_su_mean                    ? 
_refine.ls_shift_over_su_mean_lt                 ? 
_refine.pdbx_ls_sigma_I                          ? 
_refine.pdbx_ls_sigma_F                          0.000 
_refine.pdbx_ls_sigma_Fsqd                       ? 
_refine.pdbx_data_cutoff_high_absF               ? 
_refine.pdbx_data_cutoff_high_rms_absF           ? 
_refine.pdbx_data_cutoff_low_absF                ? 
_refine.pdbx_isotropic_thermal_model             ? 
_refine.pdbx_ls_cross_valid_method               THROUGHOUT 
_refine.pdbx_method_to_determine_struct          'MOLECULAR REPLACEMENT' 
_refine.pdbx_starting_model                      5jax 
_refine.pdbx_stereochemistry_target_values       ? 
_refine.pdbx_R_Free_selection_details            RANDOM 
_refine.pdbx_stereochem_target_val_spec_case     ? 
_refine.pdbx_overall_ESU_R                       ? 
_refine.pdbx_overall_ESU_R_Free                  ? 
_refine.pdbx_solvent_vdw_probe_radii             ? 
_refine.pdbx_solvent_ion_probe_radii             ? 
_refine.pdbx_solvent_shrinkage_radii             ? 
_refine.pdbx_real_space_R                        ? 
_refine.pdbx_density_correlation                 ? 
_refine.pdbx_pd_number_of_powder_patterns        ? 
_refine.pdbx_pd_number_of_points                 ? 
_refine.pdbx_pd_meas_number_of_points            ? 
_refine.pdbx_pd_proc_ls_prof_R_factor            ? 
_refine.pdbx_pd_proc_ls_prof_wR_factor           ? 
_refine.pdbx_pd_Marquardt_correlation_coeff      ? 
_refine.pdbx_pd_Fsqrd_R_factor                   ? 
_refine.pdbx_pd_ls_matrix_band_width             ? 
_refine.pdbx_overall_phase_error                 ? 
_refine.pdbx_overall_SU_R_free_Cruickshank_DPI   0.0660 
_refine.pdbx_overall_SU_R_free_Blow_DPI          0.0690 
_refine.pdbx_overall_SU_R_Blow_DPI               0.0720 
_refine.pdbx_TLS_residual_ADP_flag               ? 
_refine.pdbx_diffrn_id                           1 
_refine.overall_SU_B                             ? 
_refine.overall_SU_ML                            ? 
_refine.overall_SU_R_Cruickshank_DPI             0.0740 
_refine.overall_SU_R_free                        ? 
_refine.overall_FOM_free_R_set                   ? 
_refine.overall_FOM_work_R_set                   ? 
_refine.pdbx_average_fsc_overall                 ? 
_refine.pdbx_average_fsc_work                    ? 
_refine.pdbx_average_fsc_free                    ? 
# 
_refine_analyze.entry_id                        7SSB 
_refine_analyze.pdbx_refine_id                  'X-RAY DIFFRACTION' 
_refine_analyze.Luzzati_coordinate_error_free   ? 
_refine_analyze.Luzzati_coordinate_error_obs    0.210 
_refine_analyze.Luzzati_d_res_low_free          ? 
_refine_analyze.Luzzati_d_res_low_obs           ? 
_refine_analyze.Luzzati_sigma_a_free            ? 
_refine_analyze.Luzzati_sigma_a_free_details    ? 
_refine_analyze.Luzzati_sigma_a_obs             ? 
_refine_analyze.Luzzati_sigma_a_obs_details     ? 
_refine_analyze.number_disordered_residues      ? 
_refine_analyze.occupancy_sum_hydrogen          ? 
_refine_analyze.occupancy_sum_non_hydrogen      ? 
_refine_analyze.RG_d_res_high                   ? 
_refine_analyze.RG_d_res_low                    ? 
_refine_analyze.RG_free                         ? 
_refine_analyze.RG_work                         ? 
_refine_analyze.RG_free_work_ratio              ? 
_refine_analyze.pdbx_Luzzati_d_res_high_obs     ? 
# 
_refine_hist.pdbx_refine_id                   'X-RAY DIFFRACTION' 
_refine_hist.cycle_id                         final 
_refine_hist.details                          ? 
_refine_hist.d_res_high                       1.4000 
_refine_hist.d_res_low                        28.2000 
_refine_hist.number_atoms_solvent             0 
_refine_hist.number_atoms_total               1158 
_refine_hist.number_reflns_all                ? 
_refine_hist.number_reflns_obs                ? 
_refine_hist.number_reflns_R_free             ? 
_refine_hist.number_reflns_R_work             ? 
_refine_hist.R_factor_all                     ? 
_refine_hist.R_factor_obs                     ? 
_refine_hist.R_factor_R_free                  ? 
_refine_hist.R_factor_R_work                  ? 
_refine_hist.pdbx_number_residues_total       123 
_refine_hist.pdbx_B_iso_mean_ligand           20.89 
_refine_hist.pdbx_B_iso_mean_solvent          ? 
_refine_hist.pdbx_number_atoms_protein        966 
_refine_hist.pdbx_number_atoms_nucleic_acid   0 
_refine_hist.pdbx_number_atoms_ligand         192 
_refine_hist.pdbx_number_atoms_lipid          ? 
_refine_hist.pdbx_number_atoms_carb           ? 
_refine_hist.pdbx_pseudo_atom_details         ? 
# 
loop_
_refine_ls_restr.pdbx_refine_id 
_refine_ls_restr.criterion 
_refine_ls_restr.dev_ideal 
_refine_ls_restr.dev_ideal_target 
_refine_ls_restr.number 
_refine_ls_restr.rejects 
_refine_ls_restr.type 
_refine_ls_restr.weight 
_refine_ls_restr.pdbx_restraint_function 
'X-RAY DIFFRACTION' ? ?      ? 469  ? t_dihedral_angle_d        2.000  SINUSOIDAL   
'X-RAY DIFFRACTION' ? ?      ? ?    ? t_trig_c_planes           ?      ?            
'X-RAY DIFFRACTION' ? ?      ? 324  ? t_gen_planes              5.000  HARMONIC     
'X-RAY DIFFRACTION' ? ?      ? 2057 ? t_it                      20.000 HARMONIC     
'X-RAY DIFFRACTION' ? ?      ? ?    ? t_nbd                     ?      ?            
'X-RAY DIFFRACTION' ? ?      ? ?    ? t_improper_torsion        ?      ?            
'X-RAY DIFFRACTION' ? ?      ? ?    ? t_pseud_angle             ?      ?            
'X-RAY DIFFRACTION' ? ?      ? 140  ? t_chiral_improper_torsion 5.000  SEMIHARMONIC 
'X-RAY DIFFRACTION' ? ?      ? ?    ? t_sum_occupancies         ?      ?            
'X-RAY DIFFRACTION' ? ?      ? ?    ? t_utility_distance        ?      ?            
'X-RAY DIFFRACTION' ? ?      ? ?    ? t_utility_angle           ?      ?            
'X-RAY DIFFRACTION' ? ?      ? ?    ? t_utility_torsion         ?      ?            
'X-RAY DIFFRACTION' ? ?      ? 2276 ? t_ideal_dist_contact      4.000  SEMIHARMONIC 
'X-RAY DIFFRACTION' ? 0.010  ? 2057 ? t_bond_d                  2.000  HARMONIC     
'X-RAY DIFFRACTION' ? 1.050  ? 3724 ? t_angle_deg               2.000  HARMONIC     
'X-RAY DIFFRACTION' ? 4.200  ? ?    ? t_omega_torsion           ?      ?            
'X-RAY DIFFRACTION' ? 12.760 ? ?    ? t_other_torsion           ?      ?            
# 
_refine_ls_shell.pdbx_refine_id                   'X-RAY DIFFRACTION' 
_refine_ls_shell.d_res_high                       1.4000 
_refine_ls_shell.d_res_low                        1.4500 
_refine_ls_shell.number_reflns_all                2868 
_refine_ls_shell.number_reflns_obs                ? 
_refine_ls_shell.number_reflns_R_free             98 
_refine_ls_shell.number_reflns_R_work             2770 
_refine_ls_shell.percent_reflns_obs               96.1600 
_refine_ls_shell.percent_reflns_R_free            3.4200 
_refine_ls_shell.R_factor_all                     0.2071 
_refine_ls_shell.R_factor_obs                     ? 
_refine_ls_shell.R_factor_R_free                  0.2320 
_refine_ls_shell.R_factor_R_free_error            0.0000 
_refine_ls_shell.R_factor_R_work                  0.2063 
_refine_ls_shell.redundancy_reflns_all            ? 
_refine_ls_shell.redundancy_reflns_obs            ? 
_refine_ls_shell.wR_factor_all                    ? 
_refine_ls_shell.wR_factor_obs                    ? 
_refine_ls_shell.wR_factor_R_free                 ? 
_refine_ls_shell.wR_factor_R_work                 ? 
_refine_ls_shell.pdbx_R_complete                  ? 
_refine_ls_shell.pdbx_total_number_of_bins_used   14 
_refine_ls_shell.pdbx_phase_error                 ? 
_refine_ls_shell.pdbx_fsc_work                    ? 
_refine_ls_shell.pdbx_fsc_free                    ? 
# 
_struct.entry_id                     7SSB 
_struct.title                        'Co-structure of PKG1 regulatory domain with compound 33' 
_struct.pdbx_model_details           ? 
_struct.pdbx_formula_weight          ? 
_struct.pdbx_formula_weight_method   ? 
_struct.pdbx_model_type_details      ? 
_struct.pdbx_CASP_flag               N 
# 
_struct_keywords.entry_id        7SSB 
_struct_keywords.text            
;binding sites, cyclic AMP, cyclic GMP, cyclic GMP-dependent, protein kinase type II, signaling protein, TRANSFERASE-TRANSFERASE INHIBITOR complex
;
_struct_keywords.pdbx_keywords   'TRANSFERASE/TRANSFERASE INHIBITOR' 
# 
loop_
_struct_asym.id 
_struct_asym.pdbx_blank_PDB_chainid_flag 
_struct_asym.pdbx_modified 
_struct_asym.entity_id 
_struct_asym.details 
A N N 1 ? 
B N N 2 ? 
C N N 3 ? 
# 
loop_
_struct_conf.conf_type_id 
_struct_conf.id 
_struct_conf.pdbx_PDB_helix_id 
_struct_conf.beg_label_comp_id 
_struct_conf.beg_label_asym_id 
_struct_conf.beg_label_seq_id 
_struct_conf.pdbx_beg_PDB_ins_code 
_struct_conf.end_label_comp_id 
_struct_conf.end_label_asym_id 
_struct_conf.end_label_seq_id 
_struct_conf.pdbx_end_PDB_ins_code 
_struct_conf.beg_auth_comp_id 
_struct_conf.beg_auth_asym_id 
_struct_conf.beg_auth_seq_id 
_struct_conf.end_auth_comp_id 
_struct_conf.end_auth_asym_id 
_struct_conf.end_auth_seq_id 
_struct_conf.pdbx_PDB_helix_class 
_struct_conf.details 
_struct_conf.pdbx_PDB_helix_length 
HELX_P HELX_P1 AA1 SER A 143 ? SER A 158 ? SER A 218 SER A 233 1 ? 16 
HELX_P HELX_P2 AA2 VAL A 159 ? SER A 164 ? VAL A 234 SER A 239 1 ? 6  
HELX_P HELX_P3 AA3 PRO A 166 ? LEU A 177 ? PRO A 241 LEU A 252 1 ? 12 
HELX_P HELX_P4 AA4 GLY A 231 ? GLN A 236 ? GLY A 306 GLN A 311 5 ? 6  
HELX_P HELX_P5 AA5 ARG A 258 ? GLY A 267 ? ARG A 333 GLY A 342 1 ? 10 
# 
_struct_conf_type.id          HELX_P 
_struct_conf_type.criteria    ? 
_struct_conf_type.reference   ? 
# 
loop_
_struct_sheet.id 
_struct_sheet.type 
_struct_sheet.number_strands 
_struct_sheet.details 
AA1 ? 4 ? 
AA2 ? 4 ? 
AA3 ? 2 ? 
# 
loop_
_struct_sheet_order.sheet_id 
_struct_sheet_order.range_id_1 
_struct_sheet_order.range_id_2 
_struct_sheet_order.offset 
_struct_sheet_order.sense 
AA1 1 2 ? anti-parallel 
AA1 2 3 ? anti-parallel 
AA1 3 4 ? anti-parallel 
AA2 1 2 ? anti-parallel 
AA2 2 3 ? anti-parallel 
AA2 3 4 ? anti-parallel 
AA3 1 2 ? anti-parallel 
# 
loop_
_struct_sheet_range.sheet_id 
_struct_sheet_range.id 
_struct_sheet_range.beg_label_comp_id 
_struct_sheet_range.beg_label_asym_id 
_struct_sheet_range.beg_label_seq_id 
_struct_sheet_range.pdbx_beg_PDB_ins_code 
_struct_sheet_range.end_label_comp_id 
_struct_sheet_range.end_label_asym_id 
_struct_sheet_range.end_label_seq_id 
_struct_sheet_range.pdbx_end_PDB_ins_code 
_struct_sheet_range.beg_auth_comp_id 
_struct_sheet_range.beg_auth_asym_id 
_struct_sheet_range.beg_auth_seq_id 
_struct_sheet_range.end_auth_comp_id 
_struct_sheet_range.end_auth_asym_id 
_struct_sheet_range.end_auth_seq_id 
AA1 1 GLU A 178 ? TYR A 182 ? GLU A 253 TYR A 257 
AA1 2 VAL A 251 ? ASP A 257 ? VAL A 326 ASP A 332 
AA1 3 THR A 197 ? LYS A 203 ? THR A 272 LYS A 278 
AA1 4 TRP A 229 ? PHE A 230 ? TRP A 304 PHE A 305 
AA2 1 TYR A 187 ? ILE A 189 ? TYR A 262 ILE A 264 
AA2 2 ASN A 244 ? ALA A 247 ? ASN A 319 ALA A 322 
AA2 3 THR A 205 ? ARG A 210 ? THR A 280 ARG A 285 
AA2 4 VAL A 219 ? GLY A 225 ? VAL A 294 GLY A 300 
AA3 1 ARG A 194 ? GLY A 195 ? ARG A 269 GLY A 270 
AA3 2 ASP A 239 ? VAL A 240 ? ASP A 314 VAL A 315 
# 
loop_
_pdbx_struct_sheet_hbond.sheet_id 
_pdbx_struct_sheet_hbond.range_id_1 
_pdbx_struct_sheet_hbond.range_id_2 
_pdbx_struct_sheet_hbond.range_1_label_atom_id 
_pdbx_struct_sheet_hbond.range_1_label_comp_id 
_pdbx_struct_sheet_hbond.range_1_label_asym_id 
_pdbx_struct_sheet_hbond.range_1_label_seq_id 
_pdbx_struct_sheet_hbond.range_1_PDB_ins_code 
_pdbx_struct_sheet_hbond.range_1_auth_atom_id 
_pdbx_struct_sheet_hbond.range_1_auth_comp_id 
_pdbx_struct_sheet_hbond.range_1_auth_asym_id 
_pdbx_struct_sheet_hbond.range_1_auth_seq_id 
_pdbx_struct_sheet_hbond.range_2_label_atom_id 
_pdbx_struct_sheet_hbond.range_2_label_comp_id 
_pdbx_struct_sheet_hbond.range_2_label_asym_id 
_pdbx_struct_sheet_hbond.range_2_label_seq_id 
_pdbx_struct_sheet_hbond.range_2_PDB_ins_code 
_pdbx_struct_sheet_hbond.range_2_auth_atom_id 
_pdbx_struct_sheet_hbond.range_2_auth_comp_id 
_pdbx_struct_sheet_hbond.range_2_auth_asym_id 
_pdbx_struct_sheet_hbond.range_2_auth_seq_id 
AA1 1 2 N GLU A 178 ? N GLU A 253 O VAL A 255 ? O VAL A 330 
AA1 2 3 O LEU A 254 ? O LEU A 329 N ILE A 200 ? N ILE A 275 
AA1 3 4 N PHE A 199 ? N PHE A 274 O PHE A 230 ? O PHE A 305 
AA2 1 2 N ILE A 188 ? N ILE A 263 O VAL A 245 ? O VAL A 320 
AA2 2 3 O ILE A 246 ? O ILE A 321 N ASN A 207 ? N ASN A 282 
AA2 3 4 N VAL A 208 ? N VAL A 283 O ARG A 222 ? O ARG A 297 
AA3 1 2 N GLY A 195 ? N GLY A 270 O ASP A 239 ? O ASP A 314 
# 
_atom_sites.entry_id                    7SSB 
_atom_sites.Cartn_transf_matrix[1][1]   ? 
_atom_sites.Cartn_transf_matrix[1][2]   ? 
_atom_sites.Cartn_transf_matrix[1][3]   ? 
_atom_sites.Cartn_transf_matrix[2][1]   ? 
_atom_sites.Cartn_transf_matrix[2][2]   ? 
_atom_sites.Cartn_transf_matrix[2][3]   ? 
_atom_sites.Cartn_transf_matrix[3][1]   ? 
_atom_sites.Cartn_transf_matrix[3][2]   ? 
_atom_sites.Cartn_transf_matrix[3][3]   ? 
_atom_sites.Cartn_transf_vector[1]      ? 
_atom_sites.Cartn_transf_vector[2]      ? 
_atom_sites.Cartn_transf_vector[3]      ? 
_atom_sites.fract_transf_matrix[1][1]   -0.00543036 
_atom_sites.fract_transf_matrix[1][2]   -0.00665240 
_atom_sites.fract_transf_matrix[1][3]   -0.01551388 
_atom_sites.fract_transf_matrix[2][1]   -0.00832392 
_atom_sites.fract_transf_matrix[2][2]   0.00913330 
_atom_sites.fract_transf_matrix[2][3]   -0.00100274 
_atom_sites.fract_transf_matrix[3][1]   0.01067437 
_atom_sites.fract_transf_matrix[3][2]   0.00889925 
_atom_sites.fract_transf_matrix[3][3]   -0.00755240 
_atom_sites.fract_transf_vector[1]      -0.262585 
_atom_sites.fract_transf_vector[2]      0.160669 
_atom_sites.fract_transf_vector[3]      0.027715 
_atom_sites.solution_primary            ? 
_atom_sites.solution_secondary          ? 
_atom_sites.solution_hydrogens          ? 
_atom_sites.special_details             ? 
# 
loop_
_atom_type.symbol 
C  
CL 
N  
O  
S  
# 
loop_
_atom_site.group_PDB 
_atom_site.id 
_atom_site.type_symbol 
_atom_site.label_atom_id 
_atom_site.label_alt_id 
_atom_site.label_comp_id 
_atom_site.label_asym_id 
_atom_site.label_entity_id 
_atom_site.label_seq_id 
_atom_site.pdbx_PDB_ins_code 
_atom_site.Cartn_x 
_atom_site.Cartn_y 
_atom_site.Cartn_z 
_atom_site.occupancy 
_atom_site.B_iso_or_equiv 
_atom_site.pdbx_formal_charge 
_atom_site.auth_seq_id 
_atom_site.auth_comp_id 
_atom_site.auth_asym_id 
_atom_site.auth_atom_id 
_atom_site.pdbx_PDB_model_num 
ATOM   1    N  N    . SER A 1 143 ? 0.916   24.934  0.532   1.00 10.86 ? 218   SER A N    1 
ATOM   2    C  CA   . SER A 1 143 ? -0.352  24.266  0.337   1.00 9.26  ? 218   SER A CA   1 
ATOM   3    C  C    . SER A 1 143 ? -0.486  22.944  1.086   1.00 10.54 ? 218   SER A C    1 
ATOM   4    O  O    . SER A 1 143 ? 0.518   22.274  1.362   1.00 9.84  ? 218   SER A O    1 
ATOM   5    C  CB   . SER A 1 143 ? -0.579  24.029  -1.154  1.00 10.88 ? 218   SER A CB   1 
ATOM   6    O  OG   . SER A 1 143 ? 0.459   23.230  -1.708  1.00 10.61 ? 218   SER A OG   1 
ATOM   7    N  N    . THR A 1 144 ? -1.721  22.491  1.278   1.00 9.59  ? 219   THR A N    1 
ATOM   8    C  CA   . THR A 1 144 ? -1.942  21.205  1.915   1.00 10.28 ? 219   THR A CA   1 
ATOM   9    C  C    . THR A 1 144 ? -1.393  20.070  1.020   1.00 11.32 ? 219   THR A C    1 
ATOM   10   O  O    . THR A 1 144 ? -0.803  19.121  1.541   1.00 9.18  ? 219   THR A O    1 
ATOM   11   C  CB   . THR A 1 144 ? -3.422  21.059  2.268   1.00 15.55 ? 219   THR A CB   1 
ATOM   12   O  OG1  . THR A 1 144 ? -3.737  22.051  3.237   1.00 21.28 ? 219   THR A OG1  1 
ATOM   13   C  CG2  . THR A 1 144 ? -3.754  19.698  2.826   1.00 21.22 ? 219   THR A CG2  1 
ATOM   14   N  N    . GLY A 1 145 ? -1.484  20.194  -0.309  1.00 8.85  ? 220   GLY A N    1 
ATOM   15   C  CA   . GLY A 1 145 ? -0.900  19.184  -1.181  1.00 8.13  ? 220   GLY A CA   1 
ATOM   16   C  C    . GLY A 1 145 ? 0.610   19.114  -0.995  1.00 7.70  ? 220   GLY A C    1 
ATOM   17   O  O    . GLY A 1 145 ? 1.185   18.024  -1.005  1.00 7.00  ? 220   GLY A O    1 
ATOM   18   N  N    . LEU A 1 146 ? 1.287   20.263  -0.801  1.00 7.20  ? 221   LEU A N    1 
ATOM   19   C  CA   . LEU A 1 146 ? 2.731   20.247  -0.614  1.00 6.80  ? 221   LEU A CA   1 
ATOM   20   C  C    . LEU A 1 146 ? 3.072   19.623  0.737   1.00 7.65  ? 221   LEU A C    1 
ATOM   21   O  O    . LEU A 1 146 ? 4.021   18.833  0.813   1.00 6.33  ? 221   LEU A O    1 
ATOM   22   C  CB   . LEU A 1 146 ? 3.323   21.654  -0.712  1.00 7.06  ? 221   LEU A CB   1 
ATOM   23   C  CG   . LEU A 1 146 ? 4.743   21.805  -0.288  1.00 8.04  ? 221   LEU A CG   1 
ATOM   24   C  CD1  . LEU A 1 146 ? 5.704   20.942  -1.178  1.00 7.16  ? 221   LEU A CD1  1 
ATOM   25   C  CD2  . LEU A 1 146 ? 5.144   23.269  -0.348  1.00 11.23 ? 221   LEU A CD2  1 
ATOM   26   N  N    . ILE A 1 147 ? 2.292   19.952  1.796   1.00 6.90  ? 222   ILE A N    1 
ATOM   27   C  CA   . ILE A 1 147 ? 2.606   19.370  3.104   1.00 6.46  ? 222   ILE A CA   1 
ATOM   28   C  C    . ILE A 1 147 ? 2.456   17.839  3.067   1.00 7.86  ? 222   ILE A C    1 
ATOM   29   O  O    . ILE A 1 147 ? 3.318   17.134  3.599   1.00 6.53  ? 222   ILE A O    1 
ATOM   30   C  CB   . ILE A 1 147 ? 1.759   20.041  4.212   1.00 9.83  ? 222   ILE A CB   1 
ATOM   31   C  CG1  . ILE A 1 147 ? 2.103   21.536  4.376   1.00 11.50 ? 222   ILE A CG1  1 
ATOM   32   C  CG2  . ILE A 1 147 ? 1.941   19.301  5.548   1.00 11.80 ? 222   ILE A CG2  1 
ATOM   33   C  CD1  . ILE A 1 147 ? 3.482   21.857  4.716   1.00 19.98 ? 222   ILE A CD1  1 
ATOM   34   N  N    . LYS A 1 148 ? 1.424   17.321  2.372   1.00 6.18  ? 223   LYS A N    1 
ATOM   35   C  CA   . LYS A 1 148 ? 1.249   15.893  2.259   1.00 7.69  ? 223   LYS A CA   1 
ATOM   36   C  C    . LYS A 1 148 ? 2.394   15.281  1.447   1.00 6.95  ? 223   LYS A C    1 
ATOM   37   O  O    . LYS A 1 148 ? 2.999   14.283  1.868   1.00 7.18  ? 223   LYS A O    1 
ATOM   38   C  CB   . LYS A 1 148 ? -0.097  15.626  1.561   1.00 9.02  ? 223   LYS A CB   1 
ATOM   39   C  CG   . LYS A 1 148 ? -1.287  15.780  2.509   1.00 10.51 ? 223   LYS A CG   1 
ATOM   40   C  CD   . LYS A 1 148 ? -2.607  15.422  1.778   1.00 12.13 ? 223   LYS A CD   1 
ATOM   41   C  CE   . LYS A 1 148 ? -3.824  15.813  2.590   1.00 25.68 ? 223   LYS A CE   1 
ATOM   42   N  NZ   . LYS A 1 148 ? -5.098  15.275  2.030   1.00 35.03 ? 223   LYS A NZ   1 
ATOM   43   N  N    . HIS A 1 149 ? 2.801   15.945  0.327   1.00 5.98  ? 224   HIS A N    1 
ATOM   44   C  CA   . HIS A 1 149 ? 3.908   15.437  -0.486  1.00 7.32  ? 224   HIS A CA   1 
ATOM   45   C  C    . HIS A 1 149 ? 5.206   15.330  0.375   1.00 6.87  ? 224   HIS A C    1 
ATOM   46   O  O    . HIS A 1 149 ? 5.935   14.325  0.321   1.00 7.01  ? 224   HIS A O    1 
ATOM   47   C  CB   . HIS A 1 149 ? 4.159   16.373  -1.696  1.00 7.52  ? 224   HIS A CB   1 
ATOM   48   C  CG   . HIS A 1 149 ? 5.151   15.842  -2.678  1.00 9.24  ? 224   HIS A CG   1 
ATOM   49   N  ND1  . HIS A 1 149 ? 6.491   16.100  -2.551  1.00 9.96  ? 224   HIS A ND1  1 
ATOM   50   C  CD2  . HIS A 1 149 ? 4.951   15.085  -3.785  1.00 10.72 ? 224   HIS A CD2  1 
ATOM   51   C  CE1  . HIS A 1 149 ? 7.077   15.508  -3.583  1.00 9.37  ? 224   HIS A CE1  1 
ATOM   52   N  NE2  . HIS A 1 149 ? 6.194   14.846  -4.322  1.00 10.11 ? 224   HIS A NE2  1 
ATOM   53   N  N    . THR A 1 150 ? 5.492   16.368  1.178   1.00 6.61  ? 225   THR A N    1 
ATOM   54   C  CA   A THR A 1 150 ? 6.650   16.386  2.051   0.50 6.30  ? 225   THR A CA   1 
ATOM   55   C  CA   B THR A 1 150 ? 6.692   16.316  2.040   0.50 6.10  ? 225   THR A CA   1 
ATOM   56   C  C    . THR A 1 150 ? 6.572   15.217  3.075   1.00 7.92  ? 225   THR A C    1 
ATOM   57   O  O    . THR A 1 150 ? 7.590   14.559  3.368   1.00 7.93  ? 225   THR A O    1 
ATOM   58   C  CB   A THR A 1 150 ? 6.699   17.786  2.712   0.50 11.05 ? 225   THR A CB   1 
ATOM   59   C  CB   B THR A 1 150 ? 7.022   17.664  2.736   0.50 10.69 ? 225   THR A CB   1 
ATOM   60   O  OG1  A THR A 1 150 ? 6.779   18.814  1.698   0.50 6.49  ? 225   THR A OG1  1 
ATOM   61   O  OG1  B THR A 1 150 ? 8.361   17.636  3.223   0.50 20.16 ? 225   THR A OG1  1 
ATOM   62   C  CG2  A THR A 1 150 ? 7.833   17.920  3.661   0.50 8.03  ? 225   THR A CG2  1 
ATOM   63   C  CG2  B THR A 1 150 ? 6.100   17.986  3.880   0.50 4.55  ? 225   THR A CG2  1 
ATOM   64   N  N    . GLU A 1 151 ? 5.381   14.921  3.567   1.00 5.88  ? 226   GLU A N    1 
ATOM   65   C  CA   . GLU A 1 151 ? 5.223   13.822  4.529   1.00 6.81  ? 226   GLU A CA   1 
ATOM   66   C  C    . GLU A 1 151 ? 5.481   12.487  3.828   1.00 7.83  ? 226   GLU A C    1 
ATOM   67   O  O    . GLU A 1 151 ? 6.116   11.602  4.397   1.00 7.65  ? 226   GLU A O    1 
ATOM   68   C  CB   . GLU A 1 151 ? 3.798   13.796  5.107   1.00 7.69  ? 226   GLU A CB   1 
ATOM   69   C  CG   . GLU A 1 151 ? 3.519   14.898  6.130   1.00 9.49  ? 226   GLU A CG   1 
ATOM   70   C  CD   . GLU A 1 151 ? 2.148   14.770  6.750   1.00 20.82 ? 226   GLU A CD   1 
ATOM   71   O  OE1  . GLU A 1 151 ? 1.794   13.634  7.128   1.00 14.09 ? 226   GLU A OE1  1 
ATOM   72   O  OE2  . GLU A 1 151 ? 1.396   15.772  6.807   1.00 15.72 ? 226   GLU A OE2  1 
ATOM   73   N  N    . TYR A 1 152 ? 4.980   12.336  2.602   1.00 5.77  ? 227   TYR A N    1 
ATOM   74   C  CA   . TYR A 1 152 ? 5.150   11.080  1.907   1.00 6.67  ? 227   TYR A CA   1 
ATOM   75   C  C    . TYR A 1 152 ? 6.596   10.903  1.531   1.00 7.52  ? 227   TYR A C    1 
ATOM   76   O  O    . TYR A 1 152 ? 7.083   9.778   1.568   1.00 7.29  ? 227   TYR A O    1 
ATOM   77   C  CB   . TYR A 1 152 ? 4.283   11.023  0.634   1.00 7.67  ? 227   TYR A CB   1 
ATOM   78   C  CG   . TYR A 1 152 ? 2.782   11.205  0.834   1.00 7.84  ? 227   TYR A CG   1 
ATOM   79   C  CD1  . TYR A 1 152 ? 2.200   11.118  2.107   1.00 8.37  ? 227   TYR A CD1  1 
ATOM   80   C  CD2  . TYR A 1 152 ? 1.934   11.366  -0.249  1.00 10.62 ? 227   TYR A CD2  1 
ATOM   81   C  CE1  . TYR A 1 152 ? 0.832   11.348  2.294   1.00 9.66  ? 227   TYR A CE1  1 
ATOM   82   C  CE2  . TYR A 1 152 ? 0.573   11.618  -0.072  1.00 11.79 ? 227   TYR A CE2  1 
ATOM   83   C  CZ   . TYR A 1 152 ? 0.023   11.567  1.199   1.00 14.59 ? 227   TYR A CZ   1 
ATOM   84   O  OH   . TYR A 1 152 ? -1.323  11.726  1.411   1.00 17.98 ? 227   TYR A OH   1 
ATOM   85   N  N    . MET A 1 153 ? 7.303   11.988  1.137   1.00 6.64  ? 228   MET A N    1 
ATOM   86   C  CA   . MET A 1 153 ? 8.720   11.871  0.811   1.00 7.32  ? 228   MET A CA   1 
ATOM   87   C  C    . MET A 1 153 ? 9.522   11.418  2.010   1.00 7.83  ? 228   MET A C    1 
ATOM   88   O  O    . MET A 1 153 ? 10.347  10.513  1.904   1.00 7.29  ? 228   MET A O    1 
ATOM   89   C  CB   . MET A 1 153 ? 9.276   13.214  0.324   1.00 8.68  ? 228   MET A CB   1 
ATOM   90   C  CG   . MET A 1 153 ? 8.757   13.628  -1.049  1.00 10.37 ? 228   MET A CG   1 
ATOM   91   S  SD   . MET A 1 153 ? 9.464   12.563  -2.341  1.00 11.30 ? 228   MET A SD   1 
ATOM   92   C  CE   . MET A 1 153 ? 10.971  13.397  -2.642  1.00 9.48  ? 228   MET A CE   1 
ATOM   93   N  N    . GLU A 1 154 ? 9.229   12.003  3.183   1.00 6.74  ? 229   GLU A N    1 
ATOM   94   C  CA   . GLU A 1 154 ? 9.948   11.617  4.394   1.00 7.04  ? 229   GLU A CA   1 
ATOM   95   C  C    . GLU A 1 154 ? 9.691   10.132  4.737   1.00 8.57  ? 229   GLU A C    1 
ATOM   96   O  O    . GLU A 1 154 ? 10.621  9.376   5.083   1.00 8.00  ? 229   GLU A O    1 
ATOM   97   C  CB   . GLU A 1 154 ? 9.499   12.507  5.566   1.00 8.30  ? 229   GLU A CB   1 
ATOM   98   C  CG   . GLU A 1 154 ? 10.128  12.115  6.891   1.00 12.23 ? 229   GLU A CG   1 
ATOM   99   C  CD   . GLU A 1 154 ? 9.721   13.032  8.012   1.00 28.00 ? 229   GLU A CD   1 
ATOM   100  O  OE1  . GLU A 1 154 ? 8.510   13.075  8.317   1.00 21.56 ? 229   GLU A OE1  1 
ATOM   101  O  OE2  . GLU A 1 154 ? 10.604  13.720  8.568   1.00 27.61 ? 229   GLU A OE2  1 
ATOM   102  N  N    . PHE A 1 155 ? 8.428   9.712   4.614   1.00 7.25  ? 230   PHE A N    1 
ATOM   103  C  CA   . PHE A 1 155 ? 8.058   8.345   4.898   1.00 7.34  ? 230   PHE A CA   1 
ATOM   104  C  C    . PHE A 1 155 ? 8.754   7.411   3.886   1.00 7.51  ? 230   PHE A C    1 
ATOM   105  O  O    . PHE A 1 155 ? 9.403   6.430   4.305   1.00 8.35  ? 230   PHE A O    1 
ATOM   106  C  CB   . PHE A 1 155 ? 6.532   8.174   4.826   1.00 9.46  ? 230   PHE A CB   1 
ATOM   107  C  CG   . PHE A 1 155 ? 6.148   6.716   4.845   1.00 9.73  ? 230   PHE A CG   1 
ATOM   108  C  CD1  . PHE A 1 155 ? 6.247   5.976   6.009   1.00 10.36 ? 230   PHE A CD1  1 
ATOM   109  C  CD2  . PHE A 1 155 ? 5.726   6.080   3.692   1.00 10.17 ? 230   PHE A CD2  1 
ATOM   110  C  CE1  . PHE A 1 155 ? 5.978   4.597   6.006   1.00 9.74  ? 230   PHE A CE1  1 
ATOM   111  C  CE2  . PHE A 1 155 ? 5.432   4.715   3.699   1.00 10.68 ? 230   PHE A CE2  1 
ATOM   112  C  CZ   . PHE A 1 155 ? 5.544   3.993   4.862   1.00 7.80  ? 230   PHE A CZ   1 
ATOM   113  N  N    . LEU A 1 156 ? 8.697   7.709   2.572   1.00 5.81  ? 231   LEU A N    1 
ATOM   114  C  CA   . LEU A 1 156 ? 9.335   6.784   1.619   1.00 6.63  ? 231   LEU A CA   1 
ATOM   115  C  C    . LEU A 1 156 ? 10.826  6.659   1.841   1.00 10.02 ? 231   LEU A C    1 
ATOM   116  O  O    . LEU A 1 156 ? 11.386  5.561   1.697   1.00 9.17  ? 231   LEU A O    1 
ATOM   117  C  CB   . LEU A 1 156 ? 9.065   7.205   0.174   1.00 7.87  ? 231   LEU A CB   1 
ATOM   118  C  CG   . LEU A 1 156 ? 7.626   7.076   -0.284  1.00 10.93 ? 231   LEU A CG   1 
ATOM   119  C  CD1  . LEU A 1 156 ? 7.379   7.855   -1.559  1.00 12.00 ? 231   LEU A CD1  1 
ATOM   120  C  CD2  . LEU A 1 156 ? 7.241   5.592   -0.450  1.00 12.80 ? 231   LEU A CD2  1 
ATOM   121  N  N    . LYS A 1 157 ? 11.486  7.772   2.219   1.00 9.57  ? 232   LYS A N    1 
ATOM   122  C  CA   . LYS A 1 157 ? 12.925  7.751   2.465   1.00 10.63 ? 232   LYS A CA   1 
ATOM   123  C  C    . LYS A 1 157 ? 13.303  6.958   3.730   1.00 14.53 ? 232   LYS A C    1 
ATOM   124  O  O    . LYS A 1 157 ? 14.445  6.491   3.844   1.00 15.74 ? 232   LYS A O    1 
ATOM   125  C  CB   . LYS A 1 157 ? 13.463  9.184   2.499   1.00 13.62 ? 232   LYS A CB   1 
ATOM   126  C  CG   . LYS A 1 157 ? 13.565  9.775   1.095   1.00 11.27 ? 232   LYS A CG   1 
ATOM   127  C  CD   . LYS A 1 157 ? 14.071  11.205  1.161   1.00 14.63 ? 232   LYS A CD   1 
ATOM   128  C  CE   . LYS A 1 157 ? 14.297  11.819  -0.199  1.00 19.16 ? 232   LYS A CE   1 
ATOM   129  N  NZ   . LYS A 1 157 ? 14.719  13.252  -0.079  1.00 23.53 ? 232   LYS A NZ   1 
ATOM   130  N  N    . SER A 1 158 ? 12.342  6.736   4.627   1.00 11.19 ? 233   SER A N    1 
ATOM   131  C  CA   . SER A 1 158 ? 12.518  5.939   5.837   1.00 10.54 ? 233   SER A CA   1 
ATOM   132  C  C    . SER A 1 158 ? 12.338  4.434   5.576   1.00 13.43 ? 233   SER A C    1 
ATOM   133  O  O    . SER A 1 158 ? 12.573  3.637   6.504   1.00 12.91 ? 233   SER A O    1 
ATOM   134  C  CB   . SER A 1 158 ? 11.542  6.419   6.918   1.00 10.80 ? 233   SER A CB   1 
ATOM   135  O  OG   . SER A 1 158 ? 10.254  5.836   6.808   1.00 12.76 ? 233   SER A OG   1 
ATOM   136  N  N    . VAL A 1 159 ? 11.892  4.029   4.367   1.00 10.09 ? 234   VAL A N    1 
ATOM   137  C  CA   . VAL A 1 159 ? 11.691  2.616   4.040   1.00 9.69  ? 234   VAL A CA   1 
ATOM   138  C  C    . VAL A 1 159 ? 12.889  2.214   3.167   1.00 11.15 ? 234   VAL A C    1 
ATOM   139  O  O    . VAL A 1 159 ? 13.026  2.736   2.062   1.00 9.95  ? 234   VAL A O    1 
ATOM   140  C  CB   . VAL A 1 159 ? 10.364  2.389   3.292   1.00 11.15 ? 234   VAL A CB   1 
ATOM   141  C  CG1  . VAL A 1 159 ? 10.198  0.897   2.956   1.00 10.69 ? 234   VAL A CG1  1 
ATOM   142  C  CG2  . VAL A 1 159 ? 9.161   2.889   4.107   1.00 11.66 ? 234   VAL A CG2  1 
ATOM   143  N  N    . PRO A 1 160 ? 13.785  1.325   3.646   1.00 8.89  ? 235   PRO A N    1 
ATOM   144  C  CA   . PRO A 1 160 ? 14.997  1.029   2.859   1.00 8.68  ? 235   PRO A CA   1 
ATOM   145  C  C    . PRO A 1 160 ? 14.777  0.653   1.398   1.00 8.55  ? 235   PRO A C    1 
ATOM   146  O  O    . PRO A 1 160 ? 15.529  1.089   0.517   1.00 9.92  ? 235   PRO A O    1 
ATOM   147  C  CB   . PRO A 1 160 ? 15.657  -0.102  3.649   1.00 10.10 ? 235   PRO A CB   1 
ATOM   148  C  CG   . PRO A 1 160 ? 15.223  0.180   5.095   1.00 12.29 ? 235   PRO A CG   1 
ATOM   149  C  CD   . PRO A 1 160 ? 13.805  0.695   4.981   1.00 9.25  ? 235   PRO A CD   1 
ATOM   150  N  N    . THR A 1 161 ? 13.743  -0.099  1.120   1.00 7.73  ? 236   THR A N    1 
ATOM   151  C  CA   . THR A 1 161 ? 13.503  -0.517  -0.253  1.00 8.46  ? 236   THR A CA   1 
ATOM   152  C  C    . THR A 1 161 ? 13.197  0.672   -1.167  1.00 12.61 ? 236   THR A C    1 
ATOM   153  O  O    . THR A 1 161 ? 13.557  0.659   -2.347  1.00 12.20 ? 236   THR A O    1 
ATOM   154  C  CB   . THR A 1 161 ? 12.342  -1.524  -0.249  1.00 10.98 ? 236   THR A CB   1 
ATOM   155  O  OG1  . THR A 1 161 ? 12.733  -2.630  0.570   1.00 10.91 ? 236   THR A OG1  1 
ATOM   156  C  CG2  . THR A 1 161 ? 12.022  -2.047  -1.647  1.00 13.23 ? 236   THR A CG2  1 
ATOM   157  N  N    . PHE A 1 162 ? 12.538  1.701   -0.639  1.00 10.09 ? 237   PHE A N    1 
ATOM   158  C  CA   . PHE A 1 162 ? 12.183  2.852   -1.471  1.00 8.38  ? 237   PHE A CA   1 
ATOM   159  C  C    . PHE A 1 162 ? 13.290  3.890   -1.420  1.00 12.06 ? 237   PHE A C    1 
ATOM   160  O  O    . PHE A 1 162 ? 13.479  4.616   -2.402  1.00 12.69 ? 237   PHE A O    1 
ATOM   161  C  CB   . PHE A 1 162 ? 10.815  3.422   -1.059  1.00 9.30  ? 237   PHE A CB   1 
ATOM   162  C  CG   . PHE A 1 162 ? 9.694   2.505   -1.439  1.00 9.44  ? 237   PHE A CG   1 
ATOM   163  C  CD1  . PHE A 1 162 ? 9.192   2.502   -2.726  1.00 12.30 ? 237   PHE A CD1  1 
ATOM   164  C  CD2  . PHE A 1 162 ? 9.104   1.670   -0.503  1.00 12.17 ? 237   PHE A CD2  1 
ATOM   165  C  CE1  . PHE A 1 162 ? 8.170   1.634   -3.091  1.00 12.45 ? 237   PHE A CE1  1 
ATOM   166  C  CE2  . PHE A 1 162 ? 8.106   0.762   -0.882  1.00 15.30 ? 237   PHE A CE2  1 
ATOM   167  C  CZ   . PHE A 1 162 ? 7.640   0.759   -2.175  1.00 11.95 ? 237   PHE A CZ   1 
ATOM   168  N  N    . GLN A 1 163 ? 14.065  3.954   -0.322  1.00 12.30 ? 238   GLN A N    1 
ATOM   169  C  CA   . GLN A 1 163 ? 15.202  4.871   -0.253  1.00 14.12 ? 238   GLN A CA   1 
ATOM   170  C  C    . GLN A 1 163 ? 16.223  4.578   -1.399  1.00 18.58 ? 238   GLN A C    1 
ATOM   171  O  O    . GLN A 1 163 ? 16.959  5.477   -1.786  1.00 20.07 ? 238   GLN A O    1 
ATOM   172  C  CB   . GLN A 1 163 ? 15.837  4.811   1.155   1.00 16.38 ? 238   GLN A CB   1 
ATOM   173  C  CG   . GLN A 1 163 ? 17.070  5.715   1.361   1.00 31.83 ? 238   GLN A CG   1 
ATOM   174  C  CD   . GLN A 1 163 ? 16.785  7.198   1.277   1.00 52.68 ? 238   GLN A CD   1 
ATOM   175  O  OE1  . GLN A 1 163 ? 16.615  7.750   0.188   1.00 49.09 ? 238   GLN A OE1  1 
ATOM   176  N  NE2  . GLN A 1 163 ? 16.662  7.873   2.414   1.00 46.57 ? 238   GLN A NE2  1 
ATOM   177  N  N    . SER A 1 164 ? 16.237  3.360   -1.982  1.00 19.24 ? 239   SER A N    1 
ATOM   178  C  CA   . SER A 1 164 ? 17.141  3.051   -3.103  1.00 20.16 ? 239   SER A CA   1 
ATOM   179  C  C    . SER A 1 164 ? 16.756  3.775   -4.408  1.00 23.64 ? 239   SER A C    1 
ATOM   180  O  O    . SER A 1 164 ? 17.579  3.835   -5.326  1.00 23.50 ? 239   SER A O    1 
ATOM   181  C  CB   . SER A 1 164 ? 17.170  1.549   -3.364  1.00 25.57 ? 239   SER A CB   1 
ATOM   182  O  OG   . SER A 1 164 ? 17.541  0.856   -2.186  1.00 32.94 ? 239   SER A OG   1 
ATOM   183  N  N    . LEU A 1 165 ? 15.543  4.363   -4.483  1.00 18.33 ? 240   LEU A N    1 
ATOM   184  C  CA   . LEU A 1 165 ? 15.096  5.075   -5.680  1.00 17.20 ? 240   LEU A CA   1 
ATOM   185  C  C    . LEU A 1 165 ? 15.680  6.480   -5.784  1.00 18.96 ? 240   LEU A C    1 
ATOM   186  O  O    . LEU A 1 165 ? 15.819  7.162   -4.763  1.00 18.46 ? 240   LEU A O    1 
ATOM   187  C  CB   . LEU A 1 165 ? 13.566  5.188   -5.710  1.00 16.23 ? 240   LEU A CB   1 
ATOM   188  C  CG   . LEU A 1 165 ? 12.799  3.873   -5.873  1.00 21.01 ? 240   LEU A CG   1 
ATOM   189  C  CD1  . LEU A 1 165 ? 11.338  4.073   -5.564  1.00 21.91 ? 240   LEU A CD1  1 
ATOM   190  C  CD2  . LEU A 1 165 ? 12.919  3.329   -7.307  1.00 20.89 ? 240   LEU A CD2  1 
ATOM   191  N  N    . PRO A 1 166 ? 15.970  6.956   -7.016  1.00 15.93 ? 241   PRO A N    1 
ATOM   192  C  CA   . PRO A 1 166 ? 16.434  8.341   -7.184  1.00 15.64 ? 241   PRO A CA   1 
ATOM   193  C  C    . PRO A 1 166 ? 15.389  9.366   -6.705  1.00 18.80 ? 241   PRO A C    1 
ATOM   194  O  O    . PRO A 1 166 ? 14.188  9.091   -6.803  1.00 15.33 ? 241   PRO A O    1 
ATOM   195  C  CB   . PRO A 1 166 ? 16.668  8.460   -8.700  1.00 17.62 ? 241   PRO A CB   1 
ATOM   196  C  CG   . PRO A 1 166 ? 16.625  7.102   -9.241  1.00 22.00 ? 241   PRO A CG   1 
ATOM   197  C  CD   . PRO A 1 166 ? 15.827  6.267   -8.310  1.00 17.31 ? 241   PRO A CD   1 
ATOM   198  N  N    . GLU A 1 167 ? 15.852  10.519  -6.165  1.00 16.92 ? 242   GLU A N    1 
ATOM   199  C  CA   . GLU A 1 167 ? 14.978  11.586  -5.642  1.00 17.12 ? 242   GLU A CA   1 
ATOM   200  C  C    . GLU A 1 167 ? 13.868  11.945  -6.628  1.00 19.94 ? 242   GLU A C    1 
ATOM   201  O  O    . GLU A 1 167 ? 12.723  12.071  -6.220  1.00 17.91 ? 242   GLU A O    1 
ATOM   202  C  CB   . GLU A 1 167 ? 15.776  12.864  -5.232  1.00 18.91 ? 242   GLU A CB   1 
ATOM   203  C  CG   . GLU A 1 167 ? 15.166  13.537  -4.014  1.00 34.87 ? 242   GLU A CG   1 
ATOM   204  C  CD   . GLU A 1 167 ? 15.600  14.967  -3.756  1.00 62.49 ? 242   GLU A CD   1 
ATOM   205  O  OE1  . GLU A 1 167 ? 16.810  15.258  -3.890  1.00 62.77 ? 242   GLU A OE1  1 
ATOM   206  O  OE2  . GLU A 1 167 ? 14.728  15.794  -3.404  1.00 59.49 ? 242   GLU A OE2  1 
ATOM   207  N  N    . GLU A 1 168 ? 14.195  12.035  -7.928  1.00 18.16 ? 243   GLU A N    1 
ATOM   208  C  CA   . GLU A 1 168 ? 13.225  12.361  -8.984  1.00 18.14 ? 243   GLU A CA   1 
ATOM   209  C  C    . GLU A 1 168 ? 12.056  11.368  -9.019  1.00 18.40 ? 243   GLU A C    1 
ATOM   210  O  O    . GLU A 1 168 ? 10.908  11.784  -9.191  1.00 17.16 ? 243   GLU A O    1 
ATOM   211  C  CB   . GLU A 1 168 ? 13.940  12.424  -10.366 1.00 19.96 ? 243   GLU A CB   1 
ATOM   212  C  CG   . GLU A 1 168 ? 13.018  12.482  -11.580 1.00 33.38 ? 243   GLU A CG   1 
ATOM   213  C  CD   . GLU A 1 168 ? 13.670  12.817  -12.912 1.00 52.74 ? 243   GLU A CD   1 
ATOM   214  O  OE1  . GLU A 1 168 ? 14.916  12.936  -12.963 1.00 50.37 ? 243   GLU A OE1  1 
ATOM   215  O  OE2  . GLU A 1 168 ? 12.926  12.957  -13.910 1.00 38.26 ? 243   GLU A OE2  1 
ATOM   216  N  N    . ILE A 1 169 ? 12.344  10.075  -8.904  1.00 13.31 ? 244   ILE A N    1 
ATOM   217  C  CA   . ILE A 1 169 ? 11.320  9.045   -8.937  1.00 11.58 ? 244   ILE A CA   1 
ATOM   218  C  C    . ILE A 1 169 ? 10.490  9.058   -7.657  1.00 12.14 ? 244   ILE A C    1 
ATOM   219  O  O    . ILE A 1 169 ? 9.270   8.937   -7.739  1.00 11.00 ? 244   ILE A O    1 
ATOM   220  C  CB   . ILE A 1 169 ? 11.930  7.642   -9.244  1.00 15.31 ? 244   ILE A CB   1 
ATOM   221  C  CG1  . ILE A 1 169 ? 12.574  7.667   -10.663 1.00 18.20 ? 244   ILE A CG1  1 
ATOM   222  C  CG2  . ILE A 1 169 ? 10.847  6.560   -9.128  1.00 16.07 ? 244   ILE A CG2  1 
ATOM   223  C  CD1  . ILE A 1 169 ? 13.215  6.314   -11.197 1.00 26.53 ? 244   ILE A CD1  1 
ATOM   224  N  N    . LEU A 1 170 ? 11.116  9.247   -6.500  1.00 9.17  ? 245   LEU A N    1 
ATOM   225  C  CA   . LEU A 1 170 ? 10.359  9.336   -5.263  1.00 8.88  ? 245   LEU A CA   1 
ATOM   226  C  C    . LEU A 1 170 ? 9.393   10.503  -5.337  1.00 10.72 ? 245   LEU A C    1 
ATOM   227  O  O    . LEU A 1 170 ? 8.280   10.341  -4.906  1.00 9.51  ? 245   LEU A O    1 
ATOM   228  C  CB   . LEU A 1 170 ? 11.284  9.509   -4.073  1.00 9.68  ? 245   LEU A CB   1 
ATOM   229  C  CG   . LEU A 1 170 ? 12.117  8.271   -3.738  1.00 14.41 ? 245   LEU A CG   1 
ATOM   230  C  CD1  . LEU A 1 170 ? 13.092  8.552   -2.589  1.00 16.32 ? 245   LEU A CD1  1 
ATOM   231  C  CD2  . LEU A 1 170 ? 11.201  7.104   -3.357  1.00 14.27 ? 245   LEU A CD2  1 
ATOM   232  N  N    . SER A 1 171 ? 9.825   11.648  -5.880  1.00 7.33  ? 246   SER A N    1 
ATOM   233  C  CA   . SER A 1 171 ? 8.953   12.825  -5.937  1.00 6.38  ? 246   SER A CA   1 
ATOM   234  C  C    . SER A 1 171 ? 7.740   12.563  -6.829  1.00 10.09 ? 246   SER A C    1 
ATOM   235  O  O    . SER A 1 171 ? 6.615   12.930  -6.489  1.00 10.00 ? 246   SER A O    1 
ATOM   236  C  CB   . SER A 1 171 ? 9.722   14.067  -6.382  1.00 9.22  ? 246   SER A CB   1 
ATOM   237  O  OG   . SER A 1 171 ? 8.882   15.213  -6.313  1.00 12.78 ? 246   SER A OG   1 
ATOM   238  N  N    . LYS A 1 172 ? 7.960   11.939  -7.995  1.00 10.07 ? 247   LYS A N    1 
ATOM   239  C  CA   . LYS A 1 172 ? 6.872   11.611  -8.903  1.00 8.44  ? 247   LYS A CA   1 
ATOM   240  C  C    . LYS A 1 172 ? 5.942   10.587  -8.251  1.00 9.96  ? 247   LYS A C    1 
ATOM   241  O  O    . LYS A 1 172 ? 4.744   10.672  -8.400  1.00 11.68 ? 247   LYS A O    1 
ATOM   242  C  CB   . LYS A 1 172 ? 7.427   11.028  -10.205 1.00 10.59 ? 247   LYS A CB   1 
ATOM   243  C  CG   . LYS A 1 172 ? 8.223   12.034  -11.017 1.00 15.34 ? 247   LYS A CG   1 
ATOM   244  C  CD   . LYS A 1 172 ? 9.280   11.399  -11.922 1.00 24.87 ? 247   LYS A CD   1 
ATOM   245  C  CE   . LYS A 1 172 ? 8.682   10.395  -12.859 1.00 24.07 ? 247   LYS A CE   1 
ATOM   246  N  NZ   . LYS A 1 172 ? 9.545   10.147  -14.043 1.00 27.74 ? 247   LYS A NZ   1 
ATOM   247  N  N    . LEU A 1 173 ? 6.509   9.602   -7.497  1.00 8.96  ? 248   LEU A N    1 
ATOM   248  C  CA   . LEU A 1 173 ? 5.655   8.634   -6.810  1.00 8.79  ? 248   LEU A CA   1 
ATOM   249  C  C    . LEU A 1 173 ? 4.822   9.326   -5.710  1.00 11.78 ? 248   LEU A C    1 
ATOM   250  O  O    . LEU A 1 173 ? 3.635   9.056   -5.586  1.00 12.72 ? 248   LEU A O    1 
ATOM   251  C  CB   . LEU A 1 173 ? 6.526   7.494   -6.254  1.00 9.06  ? 248   LEU A CB   1 
ATOM   252  C  CG   . LEU A 1 173 ? 5.818   6.455   -5.399  1.00 11.40 ? 248   LEU A CG   1 
ATOM   253  C  CD1  . LEU A 1 173 ? 4.736   5.753   -6.182  1.00 11.90 ? 248   LEU A CD1  1 
ATOM   254  C  CD2  . LEU A 1 173 ? 6.824   5.445   -4.879  1.00 12.48 ? 248   LEU A CD2  1 
ATOM   255  N  N    . ALA A 1 174 ? 5.420   10.266  -4.958  1.00 8.50  ? 249   ALA A N    1 
ATOM   256  C  CA   . ALA A 1 174 ? 4.695   10.998  -3.917  1.00 8.75  ? 249   ALA A CA   1 
ATOM   257  C  C    . ALA A 1 174 ? 3.594   11.912  -4.499  1.00 11.72 ? 249   ALA A C    1 
ATOM   258  O  O    . ALA A 1 174 ? 2.601   12.167  -3.820  1.00 11.50 ? 249   ALA A O    1 
ATOM   259  C  CB   . ALA A 1 174 ? 5.674   11.775  -3.030  1.00 9.43  ? 249   ALA A CB   1 
ATOM   260  N  N    . ASP A 1 175 ? 3.752   12.373  -5.757  1.00 9.01  ? 250   ASP A N    1 
ATOM   261  C  CA   . ASP A 1 175 ? 2.727   13.160  -6.420  1.00 7.20  ? 250   ASP A CA   1 
ATOM   262  C  C    . ASP A 1 175 ? 1.470   12.337  -6.640  1.00 10.03 ? 250   ASP A C    1 
ATOM   263  O  O    . ASP A 1 175 ? 0.376   12.936  -6.628  1.00 12.67 ? 250   ASP A O    1 
ATOM   264  C  CB   . ASP A 1 175 ? 3.200   13.686  -7.810  1.00 6.82  ? 250   ASP A CB   1 
ATOM   265  C  CG   . ASP A 1 175 ? 4.203   14.781  -7.847  1.00 8.95  ? 250   ASP A CG   1 
ATOM   266  O  OD1  . ASP A 1 175 ? 4.350   15.479  -6.830  1.00 10.73 ? 250   ASP A OD1  1 
ATOM   267  O  OD2  . ASP A 1 175 ? 4.784   15.012  -8.940  1.00 10.13 ? 250   ASP A OD2  1 
ATOM   268  N  N    . VAL A 1 176 ? 1.598   10.992  -6.927  1.00 9.96  ? 251   VAL A N    1 
ATOM   269  C  CA   A VAL A 1 176 ? 0.453   10.145  -7.246  0.70 10.32 ? 251   VAL A CA   1 
ATOM   270  C  CA   B VAL A 1 176 ? 0.429   10.183  -7.251  0.30 8.50  ? 251   VAL A CA   1 
ATOM   271  C  C    . VAL A 1 176 ? -0.071  9.352   -6.066  1.00 11.77 ? 251   VAL A C    1 
ATOM   272  O  O    . VAL A 1 176 ? -1.249  9.043   -6.051  1.00 11.47 ? 251   VAL A O    1 
ATOM   273  C  CB   A VAL A 1 176 ? 0.792   9.230   -8.434  0.70 15.17 ? 251   VAL A CB   1 
ATOM   274  C  CB   B VAL A 1 176 ? 0.661   9.333   -8.525  0.30 10.81 ? 251   VAL A CB   1 
ATOM   275  C  CG1  A VAL A 1 176 ? -0.410  8.397   -8.849  0.70 16.00 ? 251   VAL A CG1  1 
ATOM   276  C  CG1  B VAL A 1 176 ? 1.657   8.193   -8.293  0.30 9.21  ? 251   VAL A CG1  1 
ATOM   277  C  CG2  A VAL A 1 176 ? 1.303   10.051  -9.608  0.70 15.23 ? 251   VAL A CG2  1 
ATOM   278  C  CG2  B VAL A 1 176 ? -0.657  8.811   -9.086  0.30 11.28 ? 251   VAL A CG2  1 
ATOM   279  N  N    . LEU A 1 177 ? 0.782   9.002   -5.070  1.00 8.33  ? 252   LEU A N    1 
ATOM   280  C  CA   . LEU A 1 177 ? 0.257   8.244   -3.904  1.00 7.89  ? 252   LEU A CA   1 
ATOM   281  C  C    . LEU A 1 177 ? -0.849  9.037   -3.199  1.00 10.49 ? 252   LEU A C    1 
ATOM   282  O  O    . LEU A 1 177 ? -0.790  10.256  -3.129  1.00 11.66 ? 252   LEU A O    1 
ATOM   283  C  CB   . LEU A 1 177 ? 1.394   8.031   -2.908  1.00 8.26  ? 252   LEU A CB   1 
ATOM   284  C  CG   . LEU A 1 177 ? 2.403   6.989   -3.311  1.00 10.46 ? 252   LEU A CG   1 
ATOM   285  C  CD1  . LEU A 1 177 ? 3.570   7.013   -2.327  1.00 12.04 ? 252   LEU A CD1  1 
ATOM   286  C  CD2  . LEU A 1 177 ? 1.763   5.627   -3.330  1.00 9.87  ? 252   LEU A CD2  1 
ATOM   287  N  N    . GLU A 1 178 ? -1.815  8.298   -2.646  1.00 10.19 ? 253   GLU A N    1 
ATOM   288  C  CA   . GLU A 1 178 ? -2.893  8.859   -1.856  1.00 11.82 ? 253   GLU A CA   1 
ATOM   289  C  C    . GLU A 1 178 ? -3.018  8.054   -0.611  1.00 13.22 ? 253   GLU A C    1 
ATOM   290  O  O    . GLU A 1 178 ? -2.583  6.915   -0.556  1.00 11.35 ? 253   GLU A O    1 
ATOM   291  C  CB   . GLU A 1 178 ? -4.224  8.824   -2.618  1.00 14.03 ? 253   GLU A CB   1 
ATOM   292  C  CG   . GLU A 1 178 ? -4.156  9.514   -3.965  1.00 26.11 ? 253   GLU A CG   1 
ATOM   293  C  CD   . GLU A 1 178 ? -5.483  9.928   -4.580  1.00 60.79 ? 253   GLU A CD   1 
ATOM   294  O  OE1  . GLU A 1 178 ? -6.464  10.144  -3.831  1.00 62.71 ? 253   GLU A OE1  1 
ATOM   295  O  OE2  . GLU A 1 178 ? -5.544  10.015  -5.827  1.00 62.61 ? 253   GLU A OE2  1 
ATOM   296  N  N    . GLU A 1 179 ? -3.589  8.637   0.404   1.00 10.02 ? 254   GLU A N    1 
ATOM   297  C  CA   . GLU A 1 179 ? -3.809  7.938   1.656   1.00 9.05  ? 254   GLU A CA   1 
ATOM   298  C  C    . GLU A 1 179 ? -5.187  7.354   1.772   1.00 11.67 ? 254   GLU A C    1 
ATOM   299  O  O    . GLU A 1 179 ? -6.161  7.999   1.376   1.00 10.96 ? 254   GLU A O    1 
ATOM   300  C  CB   . GLU A 1 179 ? -3.766  8.923   2.832   1.00 10.47 ? 254   GLU A CB   1 
ATOM   301  C  CG   . GLU A 1 179 ? -2.389  9.255   3.313   1.00 16.24 ? 254   GLU A CG   1 
ATOM   302  C  CD   . GLU A 1 179 ? -2.403  10.315  4.394   1.00 19.66 ? 254   GLU A CD   1 
ATOM   303  O  OE1  . GLU A 1 179 ? -3.428  11.021  4.554   1.00 24.25 ? 254   GLU A OE1  1 
ATOM   304  O  OE2  . GLU A 1 179 ? -1.406  10.389  5.140   1.00 16.43 ? 254   GLU A OE2  1 
ATOM   305  N  N    . THR A 1 180 ? -5.270  6.165   2.369   1.00 7.86  ? 255   THR A N    1 
ATOM   306  C  CA   A THR A 1 180 ? -6.538  5.514   2.723   0.50 7.74  ? 255   THR A CA   1 
ATOM   307  C  CA   B THR A 1 180 ? -6.531  5.530   2.714   0.50 7.83  ? 255   THR A CA   1 
ATOM   308  C  C    . THR A 1 180 ? -6.448  5.153   4.184   1.00 11.65 ? 255   THR A C    1 
ATOM   309  O  O    . THR A 1 180 ? -5.389  4.678   4.645   1.00 9.69  ? 255   THR A O    1 
ATOM   310  C  CB   A THR A 1 180 ? -6.856  4.258   1.910   0.50 11.16 ? 255   THR A CB   1 
ATOM   311  C  CB   B THR A 1 180 ? -6.850  4.389   1.765   0.50 12.08 ? 255   THR A CB   1 
ATOM   312  O  OG1  A THR A 1 180 ? -5.714  3.408   1.915   0.50 14.55 ? 255   THR A OG1  1 
ATOM   313  O  OG1  B THR A 1 180 ? -6.650  4.858   0.428   0.50 13.13 ? 255   THR A OG1  1 
ATOM   314  C  CG2  A THR A 1 180 ? -7.297  4.555   0.487   0.50 8.01  ? 255   THR A CG2  1 
ATOM   315  C  CG2  B THR A 1 180 ? -8.259  3.874   1.930   0.50 12.55 ? 255   THR A CG2  1 
ATOM   316  N  N    . HIS A 1 181 ? -7.525  5.387   4.940   1.00 9.30  ? 256   HIS A N    1 
ATOM   317  C  CA   . HIS A 1 181 ? -7.529  5.084   6.370   1.00 9.07  ? 256   HIS A CA   1 
ATOM   318  C  C    . HIS A 1 181 ? -8.458  3.955   6.645   1.00 10.32 ? 256   HIS A C    1 
ATOM   319  O  O    . HIS A 1 181 ? -9.502  3.857   5.985   1.00 9.91  ? 256   HIS A O    1 
ATOM   320  C  CB   . HIS A 1 181 ? -7.975  6.321   7.183   1.00 9.39  ? 256   HIS A CB   1 
ATOM   321  C  CG   . HIS A 1 181 ? -7.161  7.520   6.854   1.00 12.80 ? 256   HIS A CG   1 
ATOM   322  N  ND1  . HIS A 1 181 ? -5.840  7.603   7.214   1.00 13.69 ? 256   HIS A ND1  1 
ATOM   323  C  CD2  . HIS A 1 181 ? -7.495  8.619   6.141   1.00 15.09 ? 256   HIS A CD2  1 
ATOM   324  C  CE1  . HIS A 1 181 ? -5.399  8.747   6.717   1.00 13.21 ? 256   HIS A CE1  1 
ATOM   325  N  NE2  . HIS A 1 181 ? -6.358  9.386   6.056   1.00 14.58 ? 256   HIS A NE2  1 
ATOM   326  N  N    . TYR A 1 182 ? -8.064  3.090   7.613   1.00 8.31  ? 257   TYR A N    1 
ATOM   327  C  CA   . TYR A 1 182 ? -8.896  1.951   7.974   1.00 7.09  ? 257   TYR A CA   1 
ATOM   328  C  C    . TYR A 1 182 ? -9.031  1.864   9.457   1.00 8.75  ? 257   TYR A C    1 
ATOM   329  O  O    . TYR A 1 182 ? -8.121  2.254   10.212  1.00 9.03  ? 257   TYR A O    1 
ATOM   330  C  CB   . TYR A 1 182 ? -8.277  0.635   7.421   1.00 8.01  ? 257   TYR A CB   1 
ATOM   331  C  CG   . TYR A 1 182 ? -8.109  0.653   5.931   1.00 8.32  ? 257   TYR A CG   1 
ATOM   332  C  CD1  . TYR A 1 182 ? -9.128  0.234   5.091   1.00 9.94  ? 257   TYR A CD1  1 
ATOM   333  C  CD2  . TYR A 1 182 ? -6.939  1.118   5.350   1.00 9.10  ? 257   TYR A CD2  1 
ATOM   334  C  CE1  . TYR A 1 182 ? -8.965  0.227   3.712   1.00 10.64 ? 257   TYR A CE1  1 
ATOM   335  C  CE2  . TYR A 1 182 ? -6.781  1.152   3.977   1.00 11.03 ? 257   TYR A CE2  1 
ATOM   336  C  CZ   . TYR A 1 182 ? -7.809  0.735   3.160   1.00 12.04 ? 257   TYR A CZ   1 
ATOM   337  O  OH   . TYR A 1 182 ? -7.610  0.736   1.798   1.00 16.78 ? 257   TYR A OH   1 
ATOM   338  N  N    . GLU A 1 183 ? -10.127 1.270   9.909   1.00 8.78  ? 258   GLU A N    1 
ATOM   339  C  CA   . GLU A 1 183 ? -10.332 1.094   11.352  1.00 10.53 ? 258   GLU A CA   1 
ATOM   340  C  C    . GLU A 1 183 ? -10.066 -0.350  11.777  1.00 12.41 ? 258   GLU A C    1 
ATOM   341  O  O    . GLU A 1 183 ? -10.125 -1.267  10.963  1.00 10.53 ? 258   GLU A O    1 
ATOM   342  C  CB   . GLU A 1 183 ? -11.746 1.578   11.758  1.00 12.31 ? 258   GLU A CB   1 
ATOM   343  C  CG   . GLU A 1 183 ? -11.974 3.053   11.444  1.00 13.79 ? 258   GLU A CG   1 
ATOM   344  C  CD   . GLU A 1 183 ? -10.919 4.036   11.932  1.00 36.69 ? 258   GLU A CD   1 
ATOM   345  O  OE1  . GLU A 1 183 ? -10.514 3.935   13.109  1.00 23.75 ? 258   GLU A OE1  1 
ATOM   346  O  OE2  . GLU A 1 183 ? -10.490 4.903   11.137  1.00 37.49 ? 258   GLU A OE2  1 
ATOM   347  N  N    . ASN A 1 184 ? -9.850  -0.568  13.071  1.00 11.49 ? 259   ASN A N    1 
ATOM   348  C  CA   . ASN A 1 184 ? -9.582  -1.905  13.593  1.00 11.09 ? 259   ASN A CA   1 
ATOM   349  C  C    . ASN A 1 184 ? -10.690 -2.890  13.169  1.00 14.56 ? 259   ASN A C    1 
ATOM   350  O  O    . ASN A 1 184 ? -11.878 -2.624  13.379  1.00 14.16 ? 259   ASN A O    1 
ATOM   351  C  CB   . ASN A 1 184 ? -9.519  -1.874  15.128  1.00 13.73 ? 259   ASN A CB   1 
ATOM   352  C  CG   . ASN A 1 184 ? -9.075  -3.175  15.758  1.00 21.96 ? 259   ASN A CG   1 
ATOM   353  O  OD1  . ASN A 1 184 ? -8.629  -4.112  15.092  1.00 16.45 ? 259   ASN A OD1  1 
ATOM   354  N  ND2  . ASN A 1 184 ? -9.217  -3.276  17.067  1.00 21.23 ? 259   ASN A ND2  1 
ATOM   355  N  N    . GLY A 1 185 ? -10.302 -3.994  12.543  1.00 10.47 ? 260   GLY A N    1 
ATOM   356  C  CA   . GLY A 1 185 ? -11.238 -5.017  12.114  1.00 9.65  ? 260   GLY A CA   1 
ATOM   357  C  C    . GLY A 1 185 ? -11.711 -4.869  10.690  1.00 11.56 ? 260   GLY A C    1 
ATOM   358  O  O    . GLY A 1 185 ? -12.324 -5.793  10.153  1.00 12.58 ? 260   GLY A O    1 
ATOM   359  N  N    . GLU A 1 186 ? -11.415 -3.705  10.050  1.00 11.14 ? 261   GLU A N    1 
ATOM   360  C  CA   . GLU A 1 186 ? -11.848 -3.464  8.676   1.00 10.10 ? 261   GLU A CA   1 
ATOM   361  C  C    . GLU A 1 186 ? -10.978 -4.279  7.710   1.00 10.79 ? 261   GLU A C    1 
ATOM   362  O  O    . GLU A 1 186 ? -9.738  -4.295  7.849   1.00 9.01  ? 261   GLU A O    1 
ATOM   363  C  CB   . GLU A 1 186 ? -11.689 -1.979  8.349   1.00 10.52 ? 261   GLU A CB   1 
ATOM   364  C  CG   . GLU A 1 186 ? -12.223 -1.595  6.976   1.00 13.01 ? 261   GLU A CG   1 
ATOM   365  C  CD   . GLU A 1 186 ? -12.243 -0.091  6.774   1.00 14.16 ? 261   GLU A CD   1 
ATOM   366  O  OE1  . GLU A 1 186 ? -11.930 0.650   7.736   1.00 11.57 ? 261   GLU A OE1  1 
ATOM   367  O  OE2  . GLU A 1 186 ? -12.552 0.336   5.637   1.00 14.92 ? 261   GLU A OE2  1 
ATOM   368  N  N    . TYR A 1 187 ? -11.619 -4.954  6.753   1.00 7.92  ? 262   TYR A N    1 
ATOM   369  C  CA   . TYR A 1 187 ? -10.908 -5.700  5.735   1.00 7.61  ? 262   TYR A CA   1 
ATOM   370  C  C    . TYR A 1 187 ? -10.406 -4.730  4.684   1.00 10.41 ? 262   TYR A C    1 
ATOM   371  O  O    . TYR A 1 187 ? -11.211 -4.031  4.062   1.00 10.97 ? 262   TYR A O    1 
ATOM   372  C  CB   . TYR A 1 187 ? -11.783 -6.750  5.052   1.00 7.79  ? 262   TYR A CB   1 
ATOM   373  C  CG   . TYR A 1 187 ? -11.986 -8.002  5.857   1.00 8.88  ? 262   TYR A CG   1 
ATOM   374  C  CD1  . TYR A 1 187 ? -12.639 -7.971  7.080   1.00 10.72 ? 262   TYR A CD1  1 
ATOM   375  C  CD2  . TYR A 1 187 ? -11.418 -9.205  5.456   1.00 9.78  ? 262   TYR A CD2  1 
ATOM   376  C  CE1  . TYR A 1 187 ? -12.830 -9.131  7.821   1.00 11.71 ? 262   TYR A CE1  1 
ATOM   377  C  CE2  . TYR A 1 187 ? -11.618 -10.374 6.180   1.00 11.18 ? 262   TYR A CE2  1 
ATOM   378  C  CZ   . TYR A 1 187 ? -12.255 -10.321 7.397   1.00 13.01 ? 262   TYR A CZ   1 
ATOM   379  O  OH   . TYR A 1 187 ? -12.458 -11.448 8.135   1.00 16.18 ? 262   TYR A OH   1 
ATOM   380  N  N    . ILE A 1 188 ? -9.106  -4.682  4.492   1.00 5.82  ? 263   ILE A N    1 
ATOM   381  C  CA   . ILE A 1 188 ? -8.486  -3.820  3.487   1.00 5.17  ? 263   ILE A CA   1 
ATOM   382  C  C    . ILE A 1 188 ? -8.614  -4.538  2.145   1.00 7.66  ? 263   ILE A C    1 
ATOM   383  O  O    . ILE A 1 188 ? -9.019  -3.919  1.151   1.00 8.78  ? 263   ILE A O    1 
ATOM   384  C  CB   . ILE A 1 188 ? -7.036  -3.513  3.844   1.00 7.03  ? 263   ILE A CB   1 
ATOM   385  C  CG1  . ILE A 1 188 ? -6.984  -2.768  5.218   1.00 6.98  ? 263   ILE A CG1  1 
ATOM   386  C  CG2  . ILE A 1 188 ? -6.369  -2.661  2.746   1.00 6.29  ? 263   ILE A CG2  1 
ATOM   387  C  CD1  . ILE A 1 188 ? -5.672  -2.538  5.790   1.00 9.46  ? 263   ILE A CD1  1 
ATOM   388  N  N    . ILE A 1 189 ? -8.256  -5.834  2.108   1.00 6.71  ? 264   ILE A N    1 
ATOM   389  C  CA   A ILE A 1 189 ? -8.284  -6.728  0.928   0.50 7.65  ? 264   ILE A CA   1 
ATOM   390  C  CA   B ILE A 1 189 ? -8.484  -6.635  0.906   0.50 5.59  ? 264   ILE A CA   1 
ATOM   391  C  C    . ILE A 1 189 ? -8.967  -8.013  1.364   1.00 8.42  ? 264   ILE A C    1 
ATOM   392  O  O    . ILE A 1 189 ? -8.679  -8.462  2.486   1.00 7.55  ? 264   ILE A O    1 
ATOM   393  C  CB   A ILE A 1 189 ? -6.820  -7.090  0.483   0.50 11.10 ? 264   ILE A CB   1 
ATOM   394  C  CB   B ILE A 1 189 ? -7.279  -6.696  -0.075  0.50 6.66  ? 264   ILE A CB   1 
ATOM   395  C  CG1  A ILE A 1 189 ? -6.156  -5.939  -0.288  0.50 11.27 ? 264   ILE A CG1  1 
ATOM   396  C  CG1  B ILE A 1 189 ? -6.029  -7.185  0.646   0.50 4.25  ? 264   ILE A CG1  1 
ATOM   397  C  CG2  A ILE A 1 189 ? -6.794  -8.379  -0.357  0.50 13.55 ? 264   ILE A CG2  1 
ATOM   398  C  CG2  B ILE A 1 189 ? -7.021  -5.329  -0.737  0.50 5.97  ? 264   ILE A CG2  1 
ATOM   399  C  CD1  A ILE A 1 189 ? -4.671  -6.216  -0.560  0.50 8.00  ? 264   ILE A CD1  1 
ATOM   400  C  CD1  B ILE A 1 189 ? -4.771  -7.314  -0.232  0.50 7.98  ? 264   ILE A CD1  1 
ATOM   401  N  N    . ARG A 1 190 ? -9.714  -8.692  0.457   1.00 6.67  ? 265   ARG A N    1 
ATOM   402  C  CA   . ARG A 1 190 ? -10.271 -9.986  0.742   1.00 6.76  ? 265   ARG A CA   1 
ATOM   403  C  C    . ARG A 1 190 ? -9.707  -11.028 -0.181  1.00 7.38  ? 265   ARG A C    1 
ATOM   404  O  O    . ARG A 1 190 ? -9.622  -10.825 -1.403  1.00 6.81  ? 265   ARG A O    1 
ATOM   405  C  CB   . ARG A 1 190 ? -11.775 -9.969  0.553   1.00 9.15  ? 265   ARG A CB   1 
ATOM   406  C  CG   . ARG A 1 190 ? -12.439 -9.330  1.740   1.00 10.80 ? 265   ARG A CG   1 
ATOM   407  C  CD   . ARG A 1 190 ? -13.890 -9.703  1.865   1.00 17.01 ? 265   ARG A CD   1 
ATOM   408  N  NE   . ARG A 1 190 ? -14.468 -9.192  3.105   1.00 9.79  ? 265   ARG A NE   1 
ATOM   409  C  CZ   . ARG A 1 190 ? -14.769 -9.912  4.185   1.00 9.44  ? 265   ARG A CZ   1 
ATOM   410  N  NH1  . ARG A 1 190 ? -14.464 -11.213 4.243   1.00 12.13 ? 265   ARG A NH1  1 
ATOM   411  N  NH2  . ARG A 1 190 ? -15.303 -9.326  5.247   1.00 9.35  ? 265   ARG A NH2  1 
ATOM   412  N  N    . GLN A 1 191 ? -9.420  -12.209 0.392   1.00 6.88  ? 266   GLN A N    1 
ATOM   413  C  CA   . GLN A 1 191 ? -9.039  -13.367 -0.389  1.00 6.25  ? 266   GLN A CA   1 
ATOM   414  C  C    . GLN A 1 191 ? -10.095 -13.701 -1.433  1.00 8.89  ? 266   GLN A C    1 
ATOM   415  O  O    . GLN A 1 191 ? -11.278 -13.776 -1.098  1.00 9.11  ? 266   GLN A O    1 
ATOM   416  C  CB   . GLN A 1 191 ? -8.848  -14.568 0.555   1.00 7.63  ? 266   GLN A CB   1 
ATOM   417  C  CG   . GLN A 1 191 ? -8.404  -15.883 -0.129  1.00 7.93  ? 266   GLN A CG   1 
ATOM   418  C  CD   . GLN A 1 191 ? -8.344  -17.029 0.846   1.00 12.63 ? 266   GLN A CD   1 
ATOM   419  O  OE1  . GLN A 1 191 ? -8.774  -16.929 1.991   1.00 12.64 ? 266   GLN A OE1  1 
ATOM   420  N  NE2  . GLN A 1 191 ? -7.824  -18.179 0.396   1.00 13.26 ? 266   GLN A NE2  1 
ATOM   421  N  N    . GLY A 1 192 ? -9.675  -13.840 -2.691  1.00 6.49  ? 267   GLY A N    1 
ATOM   422  C  CA   . GLY A 1 192 ? -10.585 -14.194 -3.776  1.00 5.56  ? 267   GLY A CA   1 
ATOM   423  C  C    . GLY A 1 192 ? -11.091 -13.008 -4.571  1.00 8.41  ? 267   GLY A C    1 
ATOM   424  O  O    . GLY A 1 192 ? -11.634 -13.197 -5.658  1.00 8.14  ? 267   GLY A O    1 
ATOM   425  N  N    . ALA A 1 193 ? -10.884 -11.784 -4.081  1.00 6.45  ? 268   ALA A N    1 
ATOM   426  C  CA   . ALA A 1 193 ? -11.329 -10.605 -4.801  1.00 7.46  ? 268   ALA A CA   1 
ATOM   427  C  C    . ALA A 1 193 ? -10.372 -10.236 -5.889  1.00 9.33  ? 268   ALA A C    1 
ATOM   428  O  O    . ALA A 1 193 ? -9.184  -10.537 -5.814  1.00 8.08  ? 268   ALA A O    1 
ATOM   429  C  CB   . ALA A 1 193 ? -11.417 -9.429  -3.845  1.00 9.41  ? 268   ALA A CB   1 
ATOM   430  N  N    . ARG A 1 194 ? -10.870 -9.550  -6.882  1.00 6.87  ? 269   ARG A N    1 
ATOM   431  C  CA   . ARG A 1 194 ? -9.995  -9.003  -7.896  1.00 7.58  ? 269   ARG A CA   1 
ATOM   432  C  C    . ARG A 1 194 ? -9.385  -7.759  -7.276  1.00 15.33 ? 269   ARG A C    1 
ATOM   433  O  O    . ARG A 1 194 ? -9.986  -7.113  -6.407  1.00 17.12 ? 269   ARG A O    1 
ATOM   434  C  CB   . ARG A 1 194 ? -10.759 -8.731  -9.174  1.00 8.77  ? 269   ARG A CB   1 
ATOM   435  C  CG   . ARG A 1 194 ? -11.225 -10.036 -9.799  1.00 11.12 ? 269   ARG A CG   1 
ATOM   436  C  CD   . ARG A 1 194 ? -11.465 -9.866  -11.281 1.00 14.73 ? 269   ARG A CD   1 
ATOM   437  N  NE   . ARG A 1 194 ? -12.627 -9.026  -11.533 1.00 15.11 ? 269   ARG A NE   1 
ATOM   438  C  CZ   . ARG A 1 194 ? -12.983 -8.589  -12.742 1.00 11.07 ? 269   ARG A CZ   1 
ATOM   439  N  NH1  . ARG A 1 194 ? -12.246 -8.882  -13.805 1.00 15.34 ? 269   ARG A NH1  1 
ATOM   440  N  NH2  . ARG A 1 194 ? -14.074 -7.850  -12.890 1.00 10.23 ? 269   ARG A NH2  1 
ATOM   441  N  N    . GLY A 1 195 ? -8.175  -7.460  -7.655  1.00 13.01 ? 270   GLY A N    1 
ATOM   442  C  CA   . GLY A 1 195 ? -7.473  -6.325  -7.064  1.00 13.61 ? 270   GLY A CA   1 
ATOM   443  C  C    . GLY A 1 195 ? -6.729  -5.503  -8.083  1.00 12.26 ? 270   GLY A C    1 
ATOM   444  O  O    . GLY A 1 195 ? -6.327  -6.019  -9.114  1.00 12.99 ? 270   GLY A O    1 
ATOM   445  N  N    . ASP A 1 196 ? -6.619  -4.201  -7.817  1.00 9.03  ? 271   ASP A N    1 
ATOM   446  C  CA   . ASP A 1 196 ? -5.828  -3.315  -8.667  1.00 8.83  ? 271   ASP A CA   1 
ATOM   447  C  C    . ASP A 1 196 ? -4.987  -2.380  -7.867  1.00 10.18 ? 271   ASP A C    1 
ATOM   448  O  O    . ASP A 1 196 ? -4.361  -1.529  -8.469  1.00 11.93 ? 271   ASP A O    1 
ATOM   449  C  CB   . ASP A 1 196 ? -6.765  -2.531  -9.611  1.00 11.51 ? 271   ASP A CB   1 
ATOM   450  C  CG   . ASP A 1 196 ? -7.624  -1.469  -8.942  1.00 21.80 ? 271   ASP A CG   1 
ATOM   451  O  OD1  . ASP A 1 196 ? -7.683  -1.442  -7.685  1.00 19.71 ? 271   ASP A OD1  1 
ATOM   452  O  OD2  . ASP A 1 196 ? -8.263  -0.672  -9.676  1.00 30.55 ? 271   ASP A OD2  1 
ATOM   453  N  N    . THR A 1 197 ? -4.892  -2.540  -6.531  1.00 6.70  ? 272   THR A N    1 
ATOM   454  C  CA   . THR A 1 197 ? -4.190  -1.580  -5.682  1.00 5.96  ? 272   THR A CA   1 
ATOM   455  C  C    . THR A 1 197 ? -3.066  -2.193  -4.878  1.00 7.33  ? 272   THR A C    1 
ATOM   456  O  O    . THR A 1 197 ? -3.153  -3.332  -4.441  1.00 9.25  ? 272   THR A O    1 
ATOM   457  C  CB   . THR A 1 197 ? -5.227  -0.930  -4.747  1.00 8.65  ? 272   THR A CB   1 
ATOM   458  O  OG1  . THR A 1 197 ? -6.214  -0.279  -5.572  1.00 12.41 ? 272   THR A OG1  1 
ATOM   459  C  CG2  . THR A 1 197 ? -4.619  0.123   -3.793  1.00 10.52 ? 272   THR A CG2  1 
ATOM   460  N  N    . PHE A 1 198 ? -1.990  -1.408  -4.711  1.00 5.63  ? 273   PHE A N    1 
ATOM   461  C  CA   . PHE A 1 198 ? -0.799  -1.724  -3.924  1.00 4.95  ? 273   PHE A CA   1 
ATOM   462  C  C    . PHE A 1 198 ? -0.843  -0.796  -2.709  1.00 5.50  ? 273   PHE A C    1 
ATOM   463  O  O    . PHE A 1 198 ? -1.238  0.376   -2.833  1.00 5.44  ? 273   PHE A O    1 
ATOM   464  C  CB   . PHE A 1 198 ? 0.430   -1.388  -4.744  1.00 6.55  ? 273   PHE A CB   1 
ATOM   465  C  CG   . PHE A 1 198 ? 1.703   -1.477  -3.942  1.00 5.53  ? 273   PHE A CG   1 
ATOM   466  C  CD1  . PHE A 1 198 ? 2.124   -2.685  -3.417  1.00 8.89  ? 273   PHE A CD1  1 
ATOM   467  C  CD2  . PHE A 1 198 ? 2.553   -0.388  -3.838  1.00 6.81  ? 273   PHE A CD2  1 
ATOM   468  C  CE1  . PHE A 1 198 ? 3.259   -2.752  -2.619  1.00 8.83  ? 273   PHE A CE1  1 
ATOM   469  C  CE2  . PHE A 1 198 ? 3.714   -0.463  -3.057  1.00 10.08 ? 273   PHE A CE2  1 
ATOM   470  C  CZ   . PHE A 1 198 ? 4.095   -1.663  -2.513  1.00 8.68  ? 273   PHE A CZ   1 
ATOM   471  N  N    . PHE A 1 199 ? -0.455  -1.318  -1.535  1.00 3.75  ? 274   PHE A N    1 
ATOM   472  C  CA   . PHE A 1 199 ? -0.574  -0.610  -0.275  1.00 3.00  ? 274   PHE A CA   1 
ATOM   473  C  C    . PHE A 1 199 ? 0.747   -0.603  0.480   1.00 6.49  ? 274   PHE A C    1 
ATOM   474  O  O    . PHE A 1 199 ? 1.395   -1.641  0.598   1.00 6.06  ? 274   PHE A O    1 
ATOM   475  C  CB   . PHE A 1 199 ? -1.585  -1.369  0.627   1.00 3.83  ? 274   PHE A CB   1 
ATOM   476  C  CG   . PHE A 1 199 ? -2.972  -1.495  0.069   1.00 4.26  ? 274   PHE A CG   1 
ATOM   477  C  CD1  . PHE A 1 199 ? -3.286  -2.500  -0.833  1.00 5.65  ? 274   PHE A CD1  1 
ATOM   478  C  CD2  . PHE A 1 199 ? -3.990  -0.665  0.511   1.00 5.52  ? 274   PHE A CD2  1 
ATOM   479  C  CE1  . PHE A 1 199 ? -4.583  -2.685  -1.289  1.00 7.07  ? 274   PHE A CE1  1 
ATOM   480  C  CE2  . PHE A 1 199 ? -5.294  -0.831  0.015   1.00 6.90  ? 274   PHE A CE2  1 
ATOM   481  C  CZ   . PHE A 1 199 ? -5.563  -1.799  -0.935  1.00 5.98  ? 274   PHE A CZ   1 
ATOM   482  N  N    . ILE A 1 200 ? 1.162   0.583   0.969   1.00 5.97  ? 275   ILE A N    1 
ATOM   483  C  CA   . ILE A 1 200 ? 2.323   0.695   1.822   1.00 4.82  ? 275   ILE A CA   1 
ATOM   484  C  C    . ILE A 1 200 ? 1.769   1.159   3.172   1.00 6.70  ? 275   ILE A C    1 
ATOM   485  O  O    . ILE A 1 200 ? 1.116   2.206   3.210   1.00 7.18  ? 275   ILE A O    1 
ATOM   486  C  CB   . ILE A 1 200 ? 3.386   1.680   1.287   1.00 7.71  ? 275   ILE A CB   1 
ATOM   487  C  CG1  . ILE A 1 200 ? 3.648   1.466   -0.201  1.00 8.55  ? 275   ILE A CG1  1 
ATOM   488  C  CG2  . ILE A 1 200 ? 4.669   1.574   2.134   1.00 8.68  ? 275   ILE A CG2  1 
ATOM   489  C  CD1  . ILE A 1 200 ? 4.560   2.567   -0.847  1.00 10.81 ? 275   ILE A CD1  1 
ATOM   490  N  N    . ILE A 1 201 ? 2.100   0.484   4.290   1.00 6.34  ? 276   ILE A N    1 
ATOM   491  C  CA   . ILE A 1 201 ? 1.557   0.898   5.593   1.00 5.68  ? 276   ILE A CA   1 
ATOM   492  C  C    . ILE A 1 201 ? 2.355   2.083   6.151   1.00 8.43  ? 276   ILE A C    1 
ATOM   493  O  O    . ILE A 1 201 ? 3.552   1.934   6.420   1.00 8.01  ? 276   ILE A O    1 
ATOM   494  C  CB   . ILE A 1 201 ? 1.565   -0.297  6.573   1.00 7.36  ? 276   ILE A CB   1 
ATOM   495  C  CG1  . ILE A 1 201 ? 0.713   -1.454  6.015   1.00 7.58  ? 276   ILE A CG1  1 
ATOM   496  C  CG2  . ILE A 1 201 ? 1.033   0.112   7.954   1.00 7.79  ? 276   ILE A CG2  1 
ATOM   497  C  CD1  . ILE A 1 201 ? 1.059   -2.828  6.727   1.00 10.55 ? 276   ILE A CD1  1 
ATOM   498  N  N    . SER A 1 202 ? 1.667   3.221   6.380   1.00 7.57  ? 277   SER A N    1 
ATOM   499  C  CA   . SER A 1 202 ? 2.319   4.393   6.985   1.00 7.66  ? 277   SER A CA   1 
ATOM   500  C  C    . SER A 1 202 ? 1.898   4.588   8.420   1.00 10.56 ? 277   SER A C    1 
ATOM   501  O  O    . SER A 1 202 ? 2.535   5.372   9.108   1.00 14.06 ? 277   SER A O    1 
ATOM   502  C  CB   . SER A 1 202 ? 2.070   5.658   6.176   1.00 11.02 ? 277   SER A CB   1 
ATOM   503  O  OG   . SER A 1 202 ? 0.682   5.929   6.096   1.00 12.28 ? 277   SER A OG   1 
ATOM   504  N  N    . LYS A 1 203 ? 0.894   3.857   8.906   1.00 8.12  ? 278   LYS A N    1 
ATOM   505  C  CA   . LYS A 1 203 ? 0.450   3.929   10.303  1.00 8.20  ? 278   LYS A CA   1 
ATOM   506  C  C    . LYS A 1 203 ? -0.254  2.637   10.648  1.00 9.97  ? 278   LYS A C    1 
ATOM   507  O  O    . LYS A 1 203 ? -1.085  2.158   9.857   1.00 9.64  ? 278   LYS A O    1 
ATOM   508  C  CB   . LYS A 1 203 ? -0.546  5.108   10.550  1.00 10.72 ? 278   LYS A CB   1 
ATOM   509  C  CG   . LYS A 1 203 ? -1.119  5.162   11.994  1.00 11.49 ? 278   LYS A CG   1 
ATOM   510  C  CD   . LYS A 1 203 ? -2.190  6.253   12.171  1.00 16.00 ? 278   LYS A CD   1 
ATOM   511  C  CE   . LYS A 1 203 ? -3.586  5.758   11.899  1.00 19.13 ? 278   LYS A CE   1 
ATOM   512  N  NZ   . LYS A 1 203 ? -4.613  6.829   12.147  1.00 20.64 ? 278   LYS A NZ   1 
ATOM   513  N  N    . GLY A 1 204 ? 0.113   2.037   11.790  1.00 8.76  ? 279   GLY A N    1 
ATOM   514  C  CA   . GLY A 1 204 ? -0.607  0.893   12.332  1.00 8.10  ? 279   GLY A CA   1 
ATOM   515  C  C    . GLY A 1 204 ? -0.053  -0.449  11.937  1.00 9.33  ? 279   GLY A C    1 
ATOM   516  O  O    . GLY A 1 204 ? 1.077   -0.542  11.500  1.00 9.60  ? 279   GLY A O    1 
ATOM   517  N  N    . THR A 1 205 ? -0.864  -1.493  12.162  1.00 7.60  ? 280   THR A N    1 
ATOM   518  C  CA   . THR A 1 205 ? -0.535  -2.867  11.824  1.00 6.72  ? 280   THR A CA   1 
ATOM   519  C  C    . THR A 1 205 ? -1.780  -3.551  11.236  1.00 8.88  ? 280   THR A C    1 
ATOM   520  O  O    . THR A 1 205 ? -2.927  -3.074  11.379  1.00 8.09  ? 280   THR A O    1 
ATOM   521  C  CB   . THR A 1 205 ? -0.048  -3.645  13.046  1.00 9.84  ? 280   THR A CB   1 
ATOM   522  O  OG1  . THR A 1 205 ? -1.079  -3.733  14.028  1.00 12.74 ? 280   THR A OG1  1 
ATOM   523  C  CG2  . THR A 1 205 ? 1.225   -3.046  13.659  1.00 11.02 ? 280   THR A CG2  1 
ATOM   524  N  N    . VAL A 1 206 ? -1.493  -4.589  10.449  1.00 6.65  ? 281   VAL A N    1 
ATOM   525  C  CA   . VAL A 1 206 ? -2.533  -5.375  9.807   1.00 6.84  ? 281   VAL A CA   1 
ATOM   526  C  C    . VAL A 1 206 ? -2.234  -6.843  10.058  1.00 8.43  ? 281   VAL A C    1 
ATOM   527  O  O    . VAL A 1 206 ? -1.079  -7.216  10.234  1.00 8.41  ? 281   VAL A O    1 
ATOM   528  C  CB   . VAL A 1 206 ? -2.617  -5.128  8.270   1.00 8.99  ? 281   VAL A CB   1 
ATOM   529  C  CG1  . VAL A 1 206 ? -2.926  -3.657  7.967   1.00 8.66  ? 281   VAL A CG1  1 
ATOM   530  C  CG2  . VAL A 1 206 ? -1.345  -5.574  7.549   1.00 8.82  ? 281   VAL A CG2  1 
ATOM   531  N  N    . ASN A 1 207 ? -3.296  -7.679  9.993   1.00 7.52  ? 282   ASN A N    1 
ATOM   532  C  CA   . ASN A 1 207 ? -3.154  -9.122  10.036  1.00 7.23  ? 282   ASN A CA   1 
ATOM   533  C  C    . ASN A 1 207 ? -3.449  -9.681  8.672   1.00 7.11  ? 282   ASN A C    1 
ATOM   534  O  O    . ASN A 1 207 ? -4.429  -9.277  8.032   1.00 8.08  ? 282   ASN A O    1 
ATOM   535  C  CB   . ASN A 1 207 ? -4.111  -9.758  11.022  1.00 7.17  ? 282   ASN A CB   1 
ATOM   536  C  CG   . ASN A 1 207 ? -3.871  -9.305  12.445  1.00 14.15 ? 282   ASN A CG   1 
ATOM   537  O  OD1  . ASN A 1 207 ? -4.833  -8.973  13.178  1.00 14.34 ? 282   ASN A OD1  1 
ATOM   538  N  ND2  . ASN A 1 207 ? -2.610  -9.274  12.870  1.00 11.40 ? 282   ASN A ND2  1 
ATOM   539  N  N    . VAL A 1 208 ? -2.618  -10.612 8.227   1.00 6.70  ? 283   VAL A N    1 
ATOM   540  C  CA   . VAL A 1 208 ? -2.805  -11.323 6.965   1.00 6.70  ? 283   VAL A CA   1 
ATOM   541  C  C    . VAL A 1 208 ? -3.340  -12.707 7.311   1.00 9.15  ? 283   VAL A C    1 
ATOM   542  O  O    . VAL A 1 208 ? -2.735  -13.403 8.143   1.00 7.41  ? 283   VAL A O    1 
ATOM   543  C  CB   . VAL A 1 208 ? -1.489  -11.404 6.179   1.00 8.31  ? 283   VAL A CB   1 
ATOM   544  C  CG1  . VAL A 1 208 ? -1.694  -12.059 4.808   1.00 7.79  ? 283   VAL A CG1  1 
ATOM   545  C  CG2  . VAL A 1 208 ? -0.866  -10.023 6.005   1.00 8.26  ? 283   VAL A CG2  1 
ATOM   546  N  N    . THR A 1 209 ? -4.464  -13.110 6.685   1.00 6.86  ? 284   THR A N    1 
ATOM   547  C  CA   . THR A 1 209 ? -5.124  -14.373 6.994   1.00 6.46  ? 284   THR A CA   1 
ATOM   548  C  C    . THR A 1 209 ? -5.617  -15.029 5.724   1.00 9.17  ? 284   THR A C    1 
ATOM   549  O  O    . THR A 1 209 ? -5.767  -14.357 4.704   1.00 8.19  ? 284   THR A O    1 
ATOM   550  C  CB   . THR A 1 209 ? -6.310  -14.209 7.958   1.00 9.26  ? 284   THR A CB   1 
ATOM   551  O  OG1  . THR A 1 209 ? -7.456  -13.654 7.259   1.00 9.86  ? 284   THR A OG1  1 
ATOM   552  C  CG2  . THR A 1 209 ? -5.995  -13.319 9.153   1.00 10.35 ? 284   THR A CG2  1 
ATOM   553  N  N    . ARG A 1 210 ? -5.922  -16.328 5.789   1.00 9.24  ? 285   ARG A N    1 
ATOM   554  C  CA   . ARG A 1 210 ? -6.521  -16.982 4.634   1.00 10.71 ? 285   ARG A CA   1 
ATOM   555  C  C    . ARG A 1 210 ? -7.308  -18.216 5.002   1.00 13.32 ? 285   ARG A C    1 
ATOM   556  O  O    . ARG A 1 210 ? -7.018  -18.860 6.001   1.00 14.84 ? 285   ARG A O    1 
ATOM   557  C  CB   . ARG A 1 210 ? -5.479  -17.322 3.582   1.00 12.65 ? 285   ARG A CB   1 
ATOM   558  C  CG   . ARG A 1 210 ? -4.660  -18.552 3.907   1.00 13.56 ? 285   ARG A CG   1 
ATOM   559  C  CD   . ARG A 1 210 ? -3.767  -18.904 2.746   1.00 19.21 ? 285   ARG A CD   1 
ATOM   560  N  NE   . ARG A 1 210 ? -2.921  -20.031 3.115   1.00 19.46 ? 285   ARG A NE   1 
ATOM   561  C  CZ   . ARG A 1 210 ? -1.879  -20.464 2.420   1.00 25.24 ? 285   ARG A CZ   1 
ATOM   562  N  NH1  . ARG A 1 210 ? -1.537  -19.870 1.280   1.00 16.52 ? 285   ARG A NH1  1 
ATOM   563  N  NH2  . ARG A 1 210 ? -1.176  -21.506 2.849   1.00 23.25 ? 285   ARG A NH2  1 
ATOM   564  N  N    . GLU A 1 211 ? -8.286  -18.549 4.180   1.00 11.32 ? 286   GLU A N    1 
ATOM   565  C  CA   . GLU A 1 211 ? -9.063  -19.782 4.322   1.00 13.24 ? 286   GLU A CA   1 
ATOM   566  C  C    . GLU A 1 211 ? -8.275  -20.845 3.550   1.00 16.45 ? 286   GLU A C    1 
ATOM   567  O  O    . GLU A 1 211 ? -7.888  -20.609 2.401   1.00 14.51 ? 286   GLU A O    1 
ATOM   568  C  CB   . GLU A 1 211 ? -10.491 -19.647 3.723   1.00 15.97 ? 286   GLU A CB   1 
ATOM   569  C  CG   . GLU A 1 211 ? -10.661 -19.973 2.241   1.00 27.60 ? 286   GLU A CG   1 
ATOM   570  C  CD   . GLU A 1 211 ? -12.089 -20.063 1.752   1.00 42.66 ? 286   GLU A CD   1 
ATOM   571  O  OE1  . GLU A 1 211 ? -12.990 -19.561 2.458   1.00 18.24 ? 286   GLU A OE1  1 
ATOM   572  O  OE2  . GLU A 1 211 ? -12.309 -20.656 0.669   1.00 30.43 ? 286   GLU A OE2  1 
ATOM   573  N  N    . ASP A 1 212 ? -8.032  -22.015 4.160   1.00 18.40 ? 287   ASP A N    1 
ATOM   574  C  CA   . ASP A 1 212 ? -7.345  -23.116 3.461   1.00 19.71 ? 287   ASP A CA   1 
ATOM   575  C  C    . ASP A 1 212 ? -8.362  -24.060 2.808   1.00 27.55 ? 287   ASP A C    1 
ATOM   576  O  O    . ASP A 1 212 ? -7.970  -24.936 2.033   1.00 28.78 ? 287   ASP A O    1 
ATOM   577  C  CB   . ASP A 1 212 ? -6.453  -23.902 4.439   1.00 21.34 ? 287   ASP A CB   1 
ATOM   578  C  CG   . ASP A 1 212 ? -5.234  -23.145 4.911   1.00 28.47 ? 287   ASP A CG   1 
ATOM   579  O  OD1  . ASP A 1 212 ? -4.716  -22.314 4.136   1.00 27.67 ? 287   ASP A OD1  1 
ATOM   580  O  OD2  . ASP A 1 212 ? -4.777  -23.407 6.048   1.00 37.13 ? 287   ASP A OD2  1 
ATOM   581  N  N    . SER A 1 213 ? -9.658  -23.888 3.126   1.00 24.34 ? 288   SER A N    1 
ATOM   582  C  CA   . SER A 1 213 ? -10.747 -24.705 2.591   1.00 59.44 ? 288   SER A CA   1 
ATOM   583  C  C    . SER A 1 213 ? -12.039 -23.895 2.648   1.00 70.22 ? 288   SER A C    1 
ATOM   584  O  O    . SER A 1 213 ? -12.194 -23.086 3.560   1.00 32.12 ? 288   SER A O    1 
ATOM   585  C  CB   . SER A 1 213 ? -10.898 -25.980 3.417   1.00 63.35 ? 288   SER A CB   1 
ATOM   586  O  OG   . SER A 1 213 ? -12.018 -26.751 3.011   1.00 71.99 ? 288   SER A OG   1 
ATOM   587  N  N    . ASP A 1 217 ? -12.554 -21.928 9.092   1.00 30.54 ? 292   ASP A N    1 
ATOM   588  C  CA   . ASP A 1 217 ? -12.314 -20.530 9.433   1.00 29.83 ? 292   ASP A CA   1 
ATOM   589  C  C    . ASP A 1 217 ? -10.911 -20.114 8.963   1.00 30.93 ? 292   ASP A C    1 
ATOM   590  O  O    . ASP A 1 217 ? -10.004 -20.948 8.974   1.00 30.18 ? 292   ASP A O    1 
ATOM   591  C  CB   . ASP A 1 217 ? -12.422 -20.325 10.952  1.00 32.17 ? 292   ASP A CB   1 
ATOM   592  C  CG   . ASP A 1 217 ? -13.798 -20.585 11.526  1.00 42.26 ? 292   ASP A CG   1 
ATOM   593  O  OD1  . ASP A 1 217 ? -14.397 -21.628 11.183  1.00 43.78 ? 292   ASP A OD1  1 
ATOM   594  O  OD2  . ASP A 1 217 ? -14.269 -19.756 12.333  1.00 46.88 ? 292   ASP A OD2  1 
ATOM   595  N  N    . PRO A 1 218 ? -10.661 -18.831 8.636   1.00 25.51 ? 293   PRO A N    1 
ATOM   596  C  CA   . PRO A 1 218 ? -9.314  -18.455 8.184   1.00 23.76 ? 293   PRO A CA   1 
ATOM   597  C  C    . PRO A 1 218 ? -8.211  -18.589 9.232   1.00 24.66 ? 293   PRO A C    1 
ATOM   598  O  O    . PRO A 1 218 ? -8.450  -18.390 10.425  1.00 26.19 ? 293   PRO A O    1 
ATOM   599  C  CB   . PRO A 1 218 ? -9.495  -17.008 7.709   1.00 25.81 ? 293   PRO A CB   1 
ATOM   600  C  CG   . PRO A 1 218 ? -10.932 -16.927 7.374   1.00 31.02 ? 293   PRO A CG   1 
ATOM   601  C  CD   . PRO A 1 218 ? -11.577 -17.687 8.487   1.00 27.26 ? 293   PRO A CD   1 
ATOM   602  N  N    . VAL A 1 219 ? -7.004  -18.953 8.763   1.00 15.72 ? 294   VAL A N    1 
ATOM   603  C  CA   . VAL A 1 219 ? -5.807  -19.132 9.569   1.00 14.41 ? 294   VAL A CA   1 
ATOM   604  C  C    . VAL A 1 219 ? -4.930  -17.885 9.507   1.00 13.53 ? 294   VAL A C    1 
ATOM   605  O  O    . VAL A 1 219 ? -4.859  -17.225 8.472   1.00 13.56 ? 294   VAL A O    1 
ATOM   606  C  CB   . VAL A 1 219 ? -4.982  -20.390 9.130   1.00 18.61 ? 294   VAL A CB   1 
ATOM   607  C  CG1  . VAL A 1 219 ? -5.853  -21.647 9.116   1.00 19.03 ? 294   VAL A CG1  1 
ATOM   608  C  CG2  . VAL A 1 219 ? -4.270  -20.216 7.784   1.00 18.31 ? 294   VAL A CG2  1 
ATOM   609  N  N    . PHE A 1 220 ? -4.225  -17.604 10.598  1.00 10.33 ? 295   PHE A N    1 
ATOM   610  C  CA   . PHE A 1 220 ? -3.305  -16.488 10.689  1.00 9.53  ? 295   PHE A CA   1 
ATOM   611  C  C    . PHE A 1 220 ? -2.061  -16.760 9.908   1.00 13.88 ? 295   PHE A C    1 
ATOM   612  O  O    . PHE A 1 220 ? -1.437  -17.798 10.127  1.00 14.61 ? 295   PHE A O    1 
ATOM   613  C  CB   . PHE A 1 220 ? -2.929  -16.244 12.166  1.00 10.48 ? 295   PHE A CB   1 
ATOM   614  C  CG   . PHE A 1 220 ? -1.861  -15.191 12.332  1.00 11.25 ? 295   PHE A CG   1 
ATOM   615  C  CD1  . PHE A 1 220 ? -2.174  -13.849 12.215  1.00 13.02 ? 295   PHE A CD1  1 
ATOM   616  C  CD2  . PHE A 1 220 ? -0.539  -15.548 12.599  1.00 13.76 ? 295   PHE A CD2  1 
ATOM   617  C  CE1  . PHE A 1 220 ? -1.188  -12.874 12.375  1.00 13.32 ? 295   PHE A CE1  1 
ATOM   618  C  CE2  . PHE A 1 220 ? 0.443   -14.581 12.749  1.00 15.89 ? 295   PHE A CE2  1 
ATOM   619  C  CZ   . PHE A 1 220 ? 0.105   -13.251 12.701  1.00 13.20 ? 295   PHE A CZ   1 
ATOM   620  N  N    . LEU A 1 221 ? -1.622  -15.801 9.075   1.00 10.18 ? 296   LEU A N    1 
ATOM   621  C  CA   . LEU A 1 221 ? -0.382  -15.931 8.299   1.00 10.35 ? 296   LEU A CA   1 
ATOM   622  C  C    . LEU A 1 221 ? 0.725   -15.052 8.873   1.00 13.90 ? 296   LEU A C    1 
ATOM   623  O  O    . LEU A 1 221 ? 1.787   -15.573 9.220   1.00 14.25 ? 296   LEU A O    1 
ATOM   624  C  CB   . LEU A 1 221 ? -0.625  -15.626 6.825   1.00 9.33  ? 296   LEU A CB   1 
ATOM   625  C  CG   . LEU A 1 221 ? -1.588  -16.578 6.106   1.00 10.02 ? 296   LEU A CG   1 
ATOM   626  C  CD1  . LEU A 1 221 ? -1.889  -16.082 4.721   1.00 10.30 ? 296   LEU A CD1  1 
ATOM   627  C  CD2  . LEU A 1 221 ? -0.998  -18.020 6.006   1.00 12.08 ? 296   LEU A CD2  1 
ATOM   628  N  N    . ARG A 1 222 ? 0.500   -13.758 9.039   1.00 10.19 ? 297   ARG A N    1 
ATOM   629  C  CA   . ARG A 1 222 ? 1.529   -12.858 9.595   1.00 9.51  ? 297   ARG A CA   1 
ATOM   630  C  C    . ARG A 1 222 ? 0.928   -11.495 9.879   1.00 9.88  ? 297   ARG A C    1 
ATOM   631  O  O    . ARG A 1 222 ? -0.158  -11.188 9.377   1.00 9.18  ? 297   ARG A O    1 
ATOM   632  C  CB   . ARG A 1 222 ? 2.728   -12.653 8.633   1.00 12.76 ? 297   ARG A CB   1 
ATOM   633  C  CG   . ARG A 1 222 ? 2.413   -12.101 7.263   1.00 15.68 ? 297   ARG A CG   1 
ATOM   634  C  CD   . ARG A 1 222 ? 3.724   -11.817 6.542   1.00 14.80 ? 297   ARG A CD   1 
ATOM   635  N  NE   . ARG A 1 222 ? 3.528   -11.598 5.114   1.00 23.82 ? 297   ARG A NE   1 
ATOM   636  C  CZ   . ARG A 1 222 ? 4.504   -11.569 4.212   1.00 29.69 ? 297   ARG A CZ   1 
ATOM   637  N  NH1  . ARG A 1 222 ? 5.771   -11.752 4.583   1.00 19.37 ? 297   ARG A NH1  1 
ATOM   638  N  NH2  . ARG A 1 222 ? 4.219   -11.403 2.925   1.00 18.46 ? 297   ARG A NH2  1 
ATOM   639  N  N    . THR A 1 223 ? 1.633   -10.675 10.693  1.00 9.27  ? 298   THR A N    1 
ATOM   640  C  CA   . THR A 1 223 ? 1.241   -9.294  10.961  1.00 8.69  ? 298   THR A CA   1 
ATOM   641  C  C    . THR A 1 223 ? 2.277   -8.425  10.238  1.00 11.75 ? 298   THR A C    1 
ATOM   642  O  O    . THR A 1 223 ? 3.464   -8.764  10.235  1.00 15.59 ? 298   THR A O    1 
ATOM   643  C  CB   . THR A 1 223 ? 1.244   -8.983  12.475  1.00 9.42  ? 298   THR A CB   1 
ATOM   644  O  OG1  . THR A 1 223 ? 0.213   -9.747  13.102  1.00 11.71 ? 298   THR A OG1  1 
ATOM   645  C  CG2  . THR A 1 223 ? 0.986   -7.490  12.812  1.00 12.97 ? 298   THR A CG2  1 
ATOM   646  N  N    . LEU A 1 224 ? 1.821   -7.338  9.582   1.00 6.38  ? 299   LEU A N    1 
ATOM   647  C  CA   . LEU A 1 224 ? 2.698   -6.370  8.932   1.00 6.23  ? 299   LEU A CA   1 
ATOM   648  C  C    . LEU A 1 224 ? 2.468   -5.017  9.634   1.00 8.85  ? 299   LEU A C    1 
ATOM   649  O  O    . LEU A 1 224 ? 1.424   -4.795  10.222  1.00 10.46 ? 299   LEU A O    1 
ATOM   650  C  CB   . LEU A 1 224 ? 2.388   -6.220  7.441   1.00 7.20  ? 299   LEU A CB   1 
ATOM   651  C  CG   . LEU A 1 224 ? 2.459   -7.523  6.662   1.00 11.11 ? 299   LEU A CG   1 
ATOM   652  C  CD1  . LEU A 1 224 ? 1.877   -7.347  5.287   1.00 11.70 ? 299   LEU A CD1  1 
ATOM   653  C  CD2  . LEU A 1 224 ? 3.926   -8.025  6.561   1.00 15.34 ? 299   LEU A CD2  1 
ATOM   654  N  N    . GLY A 1 225 ? 3.472   -4.145  9.567   1.00 7.91  ? 300   GLY A N    1 
ATOM   655  C  CA   . GLY A 1 225 ? 3.366   -2.845  10.207  1.00 9.09  ? 300   GLY A CA   1 
ATOM   656  C  C    . GLY A 1 225 ? 3.991   -1.741  9.404   1.00 9.76  ? 300   GLY A C    1 
ATOM   657  O  O    . GLY A 1 225 ? 4.208   -1.881  8.191   1.00 9.09  ? 300   GLY A O    1 
ATOM   658  N  N    . LYS A 1 226 ? 4.229   -0.601  10.059  1.00 8.73  ? 301   LYS A N    1 
ATOM   659  C  CA   . LYS A 1 226 ? 4.753   0.569   9.370   1.00 8.94  ? 301   LYS A CA   1 
ATOM   660  C  C    . LYS A 1 226 ? 5.998   0.314   8.545   1.00 10.53 ? 301   LYS A C    1 
ATOM   661  O  O    . LYS A 1 226 ? 6.975   -0.286  9.021   1.00 11.11 ? 301   LYS A O    1 
ATOM   662  C  CB   . LYS A 1 226 ? 4.976   1.709   10.375  1.00 9.78  ? 301   LYS A CB   1 
ATOM   663  C  CG   . LYS A 1 226 ? 5.494   2.985   9.714   1.00 12.33 ? 301   LYS A CG   1 
ATOM   664  C  CD   . LYS A 1 226 ? 5.339   4.175   10.676  1.00 16.17 ? 301   LYS A CD   1 
ATOM   665  C  CE   . LYS A 1 226 ? 5.995   5.394   10.096  1.00 15.40 ? 301   LYS A CE   1 
ATOM   666  N  NZ   . LYS A 1 226 ? 5.947   6.533   11.059  1.00 25.74 ? 301   LYS A NZ   1 
ATOM   667  N  N    . GLY A 1 227 ? 5.917   0.652   7.249   1.00 7.45  ? 302   GLY A N    1 
ATOM   668  C  CA   . GLY A 1 227 ? 7.026   0.447   6.325   1.00 6.94  ? 302   GLY A CA   1 
ATOM   669  C  C    . GLY A 1 227 ? 6.942   -0.828  5.497   1.00 7.52  ? 302   GLY A C    1 
ATOM   670  O  O    . GLY A 1 227 ? 7.599   -0.946  4.455   1.00 9.60  ? 302   GLY A O    1 
ATOM   671  N  N    . ASP A 1 228 ? 6.058   -1.745  5.903   1.00 6.42  ? 303   ASP A N    1 
ATOM   672  C  CA   . ASP A 1 228 ? 5.796   -2.960  5.124   1.00 6.32  ? 303   ASP A CA   1 
ATOM   673  C  C    . ASP A 1 228 ? 4.737   -2.614  4.074   1.00 7.62  ? 303   ASP A C    1 
ATOM   674  O  O    . ASP A 1 228 ? 4.111   -1.545  4.124   1.00 7.73  ? 303   ASP A O    1 
ATOM   675  C  CB   . ASP A 1 228 ? 5.253   -4.056  6.034   1.00 8.40  ? 303   ASP A CB   1 
ATOM   676  C  CG   . ASP A 1 228 ? 6.267   -4.494  7.072   1.00 10.78 ? 303   ASP A CG   1 
ATOM   677  O  OD1  . ASP A 1 228 ? 7.449   -4.274  6.858   1.00 12.50 ? 303   ASP A OD1  1 
ATOM   678  O  OD2  . ASP A 1 228 ? 5.854   -4.976  8.153   1.00 10.01 ? 303   ASP A OD2  1 
ATOM   679  N  N    . TRP A 1 229 ? 4.515   -3.537  3.148   1.00 5.68  ? 304   TRP A N    1 
ATOM   680  C  CA   . TRP A 1 229 ? 3.566   -3.306  2.056   1.00 4.68  ? 304   TRP A CA   1 
ATOM   681  C  C    . TRP A 1 229 ? 2.838   -4.601  1.716   1.00 6.48  ? 304   TRP A C    1 
ATOM   682  O  O    . TRP A 1 229 ? 3.244   -5.688  2.154   1.00 6.44  ? 304   TRP A O    1 
ATOM   683  C  CB   . TRP A 1 229 ? 4.336   -2.774  0.824   1.00 5.03  ? 304   TRP A CB   1 
ATOM   684  C  CG   . TRP A 1 229 ? 5.430   -3.692  0.347   1.00 6.60  ? 304   TRP A CG   1 
ATOM   685  C  CD1  . TRP A 1 229 ? 5.298   -4.864  -0.345  1.00 9.54  ? 304   TRP A CD1  1 
ATOM   686  C  CD2  . TRP A 1 229 ? 6.826   -3.532  0.602   1.00 6.91  ? 304   TRP A CD2  1 
ATOM   687  N  NE1  . TRP A 1 229 ? 6.523   -5.495  -0.444  1.00 9.55  ? 304   TRP A NE1  1 
ATOM   688  C  CE2  . TRP A 1 229 ? 7.489   -4.655  0.052   1.00 10.31 ? 304   TRP A CE2  1 
ATOM   689  C  CE3  . TRP A 1 229 ? 7.586   -2.533  1.222   1.00 9.74  ? 304   TRP A CE3  1 
ATOM   690  C  CZ2  . TRP A 1 229 ? 8.883   -4.811  0.126   1.00 10.43 ? 304   TRP A CZ2  1 
ATOM   691  C  CZ3  . TRP A 1 229 ? 8.962   -2.694  1.299   1.00 11.19 ? 304   TRP A CZ3  1 
ATOM   692  C  CH2  . TRP A 1 229 ? 9.586   -3.841  0.807   1.00 10.83 ? 304   TRP A CH2  1 
ATOM   693  N  N    . PHE A 1 230 ? 1.835   -4.495  0.842   1.00 4.95  ? 305   PHE A N    1 
ATOM   694  C  CA   . PHE A 1 230 ? 1.133   -5.692  0.416   1.00 3.87  ? 305   PHE A CA   1 
ATOM   695  C  C    . PHE A 1 230 ? 0.361   -5.390  -0.810  1.00 6.71  ? 305   PHE A C    1 
ATOM   696  O  O    . PHE A 1 230 ? 0.049   -4.233  -1.109  1.00 7.49  ? 305   PHE A O    1 
ATOM   697  C  CB   . PHE A 1 230 ? 0.234   -6.280  1.531   1.00 4.80  ? 305   PHE A CB   1 
ATOM   698  C  CG   . PHE A 1 230 ? -0.779  -5.332  2.131   1.00 4.47  ? 305   PHE A CG   1 
ATOM   699  C  CD1  . PHE A 1 230 ? -0.446  -4.507  3.200   1.00 5.80  ? 305   PHE A CD1  1 
ATOM   700  C  CD2  . PHE A 1 230 ? -2.030  -5.192  1.565   1.00 5.64  ? 305   PHE A CD2  1 
ATOM   701  C  CE1  . PHE A 1 230 ? -1.360  -3.572  3.692   1.00 5.68  ? 305   PHE A CE1  1 
ATOM   702  C  CE2  . PHE A 1 230 ? -2.968  -4.308  2.101   1.00 7.89  ? 305   PHE A CE2  1 
ATOM   703  C  CZ   . PHE A 1 230 ? -2.618  -3.496  3.160   1.00 5.53  ? 305   PHE A CZ   1 
ATOM   704  N  N    . GLY A 1 231 ? -0.015  -6.446  -1.498  1.00 6.38  ? 306   GLY A N    1 
ATOM   705  C  CA   . GLY A 1 231 ? -0.852  -6.329  -2.685  1.00 7.23  ? 306   GLY A CA   1 
ATOM   706  C  C    . GLY A 1 231 ? -0.160  -6.029  -3.992  1.00 8.55  ? 306   GLY A C    1 
ATOM   707  O  O    . GLY A 1 231 ? -0.837  -5.811  -5.006  1.00 7.30  ? 306   GLY A O    1 
ATOM   708  N  N    . GLU A 1 232 ? 1.169   -6.067  -4.016  1.00 7.95  ? 307   GLU A N    1 
ATOM   709  C  CA   . GLU A 1 232 ? 1.926   -5.698  -5.224  1.00 7.41  ? 307   GLU A CA   1 
ATOM   710  C  C    . GLU A 1 232 ? 1.616   -6.492  -6.478  1.00 10.04 ? 307   GLU A C    1 
ATOM   711  O  O    . GLU A 1 232 ? 1.836   -5.974  -7.572  1.00 9.22  ? 307   GLU A O    1 
ATOM   712  C  CB   . GLU A 1 232 ? 3.448   -5.781  -4.948  1.00 9.28  ? 307   GLU A CB   1 
ATOM   713  C  CG   . GLU A 1 232 ? 3.961   -7.151  -4.489  1.00 10.81 ? 307   GLU A CG   1 
ATOM   714  C  CD   . GLU A 1 232 ? 3.852   -7.458  -3.000  1.00 11.44 ? 307   GLU A CD   1 
ATOM   715  O  OE1  . GLU A 1 232 ? 3.184   -6.700  -2.257  1.00 12.36 ? 307   GLU A OE1  1 
ATOM   716  O  OE2  . GLU A 1 232 ? 4.452   -8.472  -2.565  1.00 20.10 ? 307   GLU A OE2  1 
ATOM   717  N  N    . LYS A 1 233 ? 1.148   -7.734  -6.364  1.00 9.54  ? 308   LYS A N    1 
ATOM   718  C  CA   . LYS A 1 233 ? 0.896   -8.524  -7.587  1.00 9.59  ? 308   LYS A CA   1 
ATOM   719  C  C    . LYS A 1 233 ? -0.176  -7.880  -8.445  1.00 12.96 ? 308   LYS A C    1 
ATOM   720  O  O    . LYS A 1 233 ? -0.169  -8.035  -9.660  1.00 11.50 ? 308   LYS A O    1 
ATOM   721  C  CB   . LYS A 1 233 ? 0.460   -9.933  -7.222  1.00 10.99 ? 308   LYS A CB   1 
ATOM   722  C  CG   . LYS A 1 233 ? 1.631   -10.842 -6.853  1.00 20.61 ? 308   LYS A CG   1 
ATOM   723  C  CD   . LYS A 1 233 ? 1.116   -12.234 -6.447  1.00 26.78 ? 308   LYS A CD   1 
ATOM   724  C  CE   . LYS A 1 233 ? 1.022   -13.304 -7.529  1.00 47.65 ? 308   LYS A CE   1 
ATOM   725  N  NZ   . LYS A 1 233 ? 0.473   -12.844 -8.836  1.00 63.05 ? 308   LYS A NZ   1 
ATOM   726  N  N    . ALA A 1 234 ? -1.089  -7.142  -7.820  1.00 9.46  ? 309   ALA A N    1 
ATOM   727  C  CA   . ALA A 1 234 ? -2.145  -6.416  -8.526  1.00 10.20 ? 309   ALA A CA   1 
ATOM   728  C  C    . ALA A 1 234 ? -1.623  -5.328  -9.461  1.00 11.30 ? 309   ALA A C    1 
ATOM   729  O  O    . ALA A 1 234 ? -2.395  -4.874  -10.313 1.00 12.46 ? 309   ALA A O    1 
ATOM   730  C  CB   . ALA A 1 234 ? -3.109  -5.816  -7.534  1.00 11.62 ? 309   ALA A CB   1 
ATOM   731  N  N    . LEU A 1 235 ? -0.365  -4.876  -9.304  1.00 8.16  ? 310   LEU A N    1 
ATOM   732  C  CA   . LEU A 1 235 ? 0.215   -3.897  -10.214 1.00 6.92  ? 310   LEU A CA   1 
ATOM   733  C  C    . LEU A 1 235 ? 0.667   -4.482  -11.550 1.00 15.39 ? 310   LEU A C    1 
ATOM   734  O  O    . LEU A 1 235 ? 0.779   -3.730  -12.526 1.00 13.84 ? 310   LEU A O    1 
ATOM   735  C  CB   . LEU A 1 235 ? 1.393   -3.177  -9.585  1.00 7.85  ? 310   LEU A CB   1 
ATOM   736  C  CG   . LEU A 1 235 ? 1.111   -2.460  -8.267  1.00 9.27  ? 310   LEU A CG   1 
ATOM   737  C  CD1  . LEU A 1 235 ? 2.422   -1.849  -7.708  1.00 7.68  ? 310   LEU A CD1  1 
ATOM   738  C  CD2  . LEU A 1 235 ? 0.018   -1.360  -8.438  1.00 10.71 ? 310   LEU A CD2  1 
ATOM   739  N  N    . GLN A 1 236 ? 0.944   -5.798  -11.590 1.00 13.73 ? 311   GLN A N    1 
ATOM   740  C  CA   . GLN A 1 236 ? 1.527   -6.448  -12.747 1.00 16.48 ? 311   GLN A CA   1 
ATOM   741  C  C    . GLN A 1 236 ? 0.452   -6.906  -13.763 1.00 23.76 ? 311   GLN A C    1 
ATOM   742  O  O    . GLN A 1 236 ? 0.788   -7.173  -14.920 1.00 24.80 ? 311   GLN A O    1 
ATOM   743  C  CB   . GLN A 1 236 ? 2.482   -7.589  -12.298 1.00 18.99 ? 311   GLN A CB   1 
ATOM   744  C  CG   . GLN A 1 236 ? 3.187   -7.453  -10.881 1.00 32.59 ? 311   GLN A CG   1 
ATOM   745  C  CD   . GLN A 1 236 ? 4.034   -6.209  -10.539 1.00 41.39 ? 311   GLN A CD   1 
ATOM   746  O  OE1  . GLN A 1 236 ? 4.614   -5.563  -11.427 1.00 36.90 ? 311   GLN A OE1  1 
ATOM   747  N  NE2  . GLN A 1 236 ? 4.186   -5.873  -9.208  1.00 20.82 ? 311   GLN A NE2  1 
ATOM   748  N  N    . GLY A 1 237 ? -0.820  -6.920  -13.354 1.00 19.83 ? 312   GLY A N    1 
ATOM   749  C  CA   . GLY A 1 237 ? -1.938  -7.262  -14.233 1.00 20.51 ? 312   GLY A CA   1 
ATOM   750  C  C    . GLY A 1 237 ? -3.143  -7.723  -13.439 1.00 24.24 ? 312   GLY A C    1 
ATOM   751  O  O    . GLY A 1 237 ? -3.196  -7.515  -12.220 1.00 22.16 ? 312   GLY A O    1 
ATOM   752  N  N    . GLU A 1 238 ? -4.122  -8.351  -14.129 1.00 22.87 ? 313   GLU A N    1 
ATOM   753  C  CA   . GLU A 1 238 ? -5.315  -8.924  -13.489 1.00 22.67 ? 313   GLU A CA   1 
ATOM   754  C  C    . GLU A 1 238 ? -4.809  -9.850  -12.402 1.00 25.89 ? 313   GLU A C    1 
ATOM   755  O  O    . GLU A 1 238 ? -3.923  -10.660 -12.656 1.00 26.54 ? 313   GLU A O    1 
ATOM   756  C  CB   . GLU A 1 238 ? -6.160  -9.698  -14.522 1.00 24.60 ? 313   GLU A CB   1 
ATOM   757  C  CG   . GLU A 1 238 ? -7.209  -10.658 -13.968 1.00 39.46 ? 313   GLU A CG   1 
ATOM   758  C  CD   . GLU A 1 238 ? -7.004  -12.105 -14.378 1.00 62.47 ? 313   GLU A CD   1 
ATOM   759  O  OE1  . GLU A 1 238 ? -6.814  -12.961 -13.484 1.00 56.47 ? 313   GLU A OE1  1 
ATOM   760  O  OE2  . GLU A 1 238 ? -7.030  -12.383 -15.599 1.00 58.49 ? 313   GLU A OE2  1 
ATOM   761  N  N    . ASP A 1 239 ? -5.322  -9.681  -11.184 1.00 19.91 ? 314   ASP A N    1 
ATOM   762  C  CA   . ASP A 1 239 ? -4.863  -10.420 -10.031 1.00 17.53 ? 314   ASP A CA   1 
ATOM   763  C  C    . ASP A 1 239 ? -6.038  -10.784 -9.162  1.00 16.79 ? 314   ASP A C    1 
ATOM   764  O  O    . ASP A 1 239 ? -6.945  -9.961  -8.975  1.00 16.75 ? 314   ASP A O    1 
ATOM   765  C  CB   . ASP A 1 239 ? -3.904  -9.522  -9.239  1.00 19.63 ? 314   ASP A CB   1 
ATOM   766  C  CG   . ASP A 1 239 ? -3.289  -10.168 -8.028  1.00 22.37 ? 314   ASP A CG   1 
ATOM   767  O  OD1  . ASP A 1 239 ? -2.638  -11.213 -8.188  1.00 22.01 ? 314   ASP A OD1  1 
ATOM   768  O  OD2  . ASP A 1 239 ? -3.453  -9.616  -6.904  1.00 21.54 ? 314   ASP A OD2  1 
ATOM   769  N  N    . VAL A 1 240 ? -6.017  -11.983 -8.621  1.00 10.82 ? 315   VAL A N    1 
ATOM   770  C  CA   . VAL A 1 240 ? -7.011  -12.446 -7.665  1.00 9.08  ? 315   VAL A CA   1 
ATOM   771  C  C    . VAL A 1 240 ? -6.260  -12.537 -6.362  1.00 11.21 ? 315   VAL A C    1 
ATOM   772  O  O    . VAL A 1 240 ? -5.232  -13.209 -6.296  1.00 11.28 ? 315   VAL A O    1 
ATOM   773  C  CB   . VAL A 1 240 ? -7.595  -13.782 -8.094  1.00 12.78 ? 315   VAL A CB   1 
ATOM   774  C  CG1  . VAL A 1 240 ? -8.494  -14.353 -7.016  1.00 12.92 ? 315   VAL A CG1  1 
ATOM   775  C  CG2  . VAL A 1 240 ? -8.358  -13.627 -9.420  1.00 13.26 ? 315   VAL A CG2  1 
ATOM   776  N  N    . ARG A 1 241 ? -6.774  -11.904 -5.319  1.00 7.00  ? 316   ARG A N    1 
ATOM   777  C  CA   . ARG A 1 241 ? -6.041  -11.870 -4.046  1.00 7.94  ? 316   ARG A CA   1 
ATOM   778  C  C    . ARG A 1 241 ? -5.960  -13.260 -3.446  1.00 7.22  ? 316   ARG A C    1 
ATOM   779  O  O    . ARG A 1 241 ? -6.951  -14.021 -3.467  1.00 8.43  ? 316   ARG A O    1 
ATOM   780  C  CB   . ARG A 1 241 ? -6.754  -10.969 -3.065  1.00 7.73  ? 316   ARG A CB   1 
ATOM   781  C  CG   . ARG A 1 241 ? -6.969  -9.557  -3.589  1.00 7.98  ? 316   ARG A CG   1 
ATOM   782  C  CD   . ARG A 1 241 ? -5.678  -8.789  -3.830  1.00 6.43  ? 316   ARG A CD   1 
ATOM   783  N  NE   . ARG A 1 241 ? -5.933  -7.364  -3.934  1.00 6.84  ? 316   ARG A NE   1 
ATOM   784  C  CZ   . ARG A 1 241 ? -4.975  -6.458  -4.164  1.00 7.60  ? 316   ARG A CZ   1 
ATOM   785  N  NH1  . ARG A 1 241 ? -3.708  -6.838  -4.284  1.00 11.65 ? 316   ARG A NH1  1 
ATOM   786  N  NH2  . ARG A 1 241 ? -5.278  -5.172  -4.234  1.00 10.20 ? 316   ARG A NH2  1 
ATOM   787  N  N    . THR A 1 242 ? -4.840  -13.569 -2.798  1.00 7.91  ? 317   THR A N    1 
ATOM   788  C  CA   . THR A 1 242 ? -4.639  -14.881 -2.195  1.00 7.66  ? 317   THR A CA   1 
ATOM   789  C  C    . THR A 1 242 ? -4.805  -14.874 -0.682  1.00 10.32 ? 317   THR A C    1 
ATOM   790  O  O    . THR A 1 242 ? -4.748  -15.937 -0.077  1.00 9.68  ? 317   THR A O    1 
ATOM   791  C  CB   . THR A 1 242 ? -3.248  -15.416 -2.578  1.00 11.67 ? 317   THR A CB   1 
ATOM   792  O  OG1  . THR A 1 242 ? -2.302  -14.372 -2.384  1.00 12.83 ? 317   THR A OG1  1 
ATOM   793  C  CG2  . THR A 1 242 ? -3.222  -15.901 -4.011  1.00 14.72 ? 317   THR A CG2  1 
ATOM   794  N  N    . ALA A 1 243 ? -5.007  -13.699 -0.070  1.00 6.46  ? 318   ALA A N    1 
ATOM   795  C  CA   . ALA A 1 243 ? -5.153  -13.620 1.360   1.00 5.09  ? 318   ALA A CA   1 
ATOM   796  C  C    . ALA A 1 243 ? -5.921  -12.374 1.733   1.00 7.78  ? 318   ALA A C    1 
ATOM   797  O  O    . ALA A 1 243 ? -5.922  -11.400 0.977   1.00 7.43  ? 318   ALA A O    1 
ATOM   798  C  CB   . ALA A 1 243 ? -3.763  -13.577 2.026   1.00 7.64  ? 318   ALA A CB   1 
ATOM   799  N  N    . ASN A 1 244 ? -6.558  -12.423 2.900   1.00 4.62  ? 319   ASN A N    1 
ATOM   800  C  CA   . ASN A 1 244 ? -7.188  -11.234 3.486   1.00 4.49  ? 319   ASN A CA   1 
ATOM   801  C  C    . ASN A 1 244 ? -6.113  -10.382 4.145   1.00 5.49  ? 319   ASN A C    1 
ATOM   802  O  O    . ASN A 1 244 ? -5.139  -10.944 4.702   1.00 5.93  ? 319   ASN A O    1 
ATOM   803  C  CB   . ASN A 1 244 ? -8.118  -11.649 4.619   1.00 4.04  ? 319   ASN A CB   1 
ATOM   804  C  CG   . ASN A 1 244 ? -9.200  -12.609 4.191   1.00 9.97  ? 319   ASN A CG   1 
ATOM   805  O  OD1  . ASN A 1 244 ? -9.946  -12.352 3.235   1.00 7.15  ? 319   ASN A OD1  1 
ATOM   806  N  ND2  . ASN A 1 244 ? -9.262  -13.755 4.888   1.00 9.29  ? 319   ASN A ND2  1 
ATOM   807  N  N    . VAL A 1 245 ? -6.339  -9.037  4.189   1.00 5.61  ? 320   VAL A N    1 
ATOM   808  C  CA   . VAL A 1 245 ? -5.474  -8.145  4.952   1.00 3.00  ? 320   VAL A CA   1 
ATOM   809  C  C    . VAL A 1 245 ? -6.415  -7.325  5.789   1.00 6.71  ? 320   VAL A C    1 
ATOM   810  O  O    . VAL A 1 245 ? -7.288  -6.680  5.210   1.00 6.49  ? 320   VAL A O    1 
ATOM   811  C  CB   . VAL A 1 245 ? -4.525  -7.316  4.085   1.00 4.68  ? 320   VAL A CB   1 
ATOM   812  C  CG1  . VAL A 1 245 ? -3.639  -6.428  4.982   1.00 5.92  ? 320   VAL A CG1  1 
ATOM   813  C  CG2  . VAL A 1 245 ? -3.639  -8.246  3.211   1.00 5.99  ? 320   VAL A CG2  1 
ATOM   814  N  N    . ILE A 1 246 ? -6.333  -7.438  7.109   1.00 5.96  ? 321   ILE A N    1 
ATOM   815  C  CA   . ILE A 1 246 ? -7.295  -6.805  8.001   1.00 6.06  ? 321   ILE A CA   1 
ATOM   816  C  C    . ILE A 1 246 ? -6.600  -5.826  8.939   1.00 7.33  ? 321   ILE A C    1 
ATOM   817  O  O    . ILE A 1 246 ? -5.630  -6.190  9.579   1.00 8.28  ? 321   ILE A O    1 
ATOM   818  C  CB   . ILE A 1 246 ? -8.044  -7.911  8.816   1.00 7.81  ? 321   ILE A CB   1 
ATOM   819  C  CG1  . ILE A 1 246 ? -8.566  -9.036  7.873   1.00 9.18  ? 321   ILE A CG1  1 
ATOM   820  C  CG2  . ILE A 1 246 ? -9.200  -7.282  9.635   1.00 10.39 ? 321   ILE A CG2  1 
ATOM   821  C  CD1  . ILE A 1 246 ? -9.134  -10.218 8.598   1.00 11.79 ? 321   ILE A CD1  1 
ATOM   822  N  N    . ALA A 1 247 ? -7.130  -4.588  9.074   1.00 6.26  ? 322   ALA A N    1 
ATOM   823  C  CA   . ALA A 1 247 ? -6.521  -3.647  10.016  1.00 6.98  ? 322   ALA A CA   1 
ATOM   824  C  C    . ALA A 1 247 ? -6.615  -4.197  11.431  1.00 8.11  ? 322   ALA A C    1 
ATOM   825  O  O    . ALA A 1 247 ? -7.659  -4.742  11.802  1.00 8.45  ? 322   ALA A O    1 
ATOM   826  C  CB   . ALA A 1 247 ? -7.232  -2.316  9.902   1.00 8.64  ? 322   ALA A CB   1 
ATOM   827  N  N    . ALA A 1 248 ? -5.508  -4.115  12.220  1.00 8.67  ? 323   ALA A N    1 
ATOM   828  C  CA   . ALA A 1 248 ? -5.439  -4.640  13.590  1.00 9.32  ? 323   ALA A CA   1 
ATOM   829  C  C    . ALA A 1 248 ? -5.483  -3.514  14.605  1.00 13.81 ? 323   ALA A C    1 
ATOM   830  O  O    . ALA A 1 248 ? -5.389  -3.772  15.813  1.00 13.80 ? 323   ALA A O    1 
ATOM   831  C  CB   . ALA A 1 248 ? -4.165  -5.453  13.762  1.00 10.93 ? 323   ALA A CB   1 
ATOM   832  N  N    . GLU A 1 249 ? -5.699  -2.289  14.110  1.00 10.49 ? 324   GLU A N    1 
ATOM   833  C  CA   . GLU A 1 249 ? -5.760  -1.044  14.875  1.00 9.89  ? 324   GLU A CA   1 
ATOM   834  C  C    . GLU A 1 249 ? -6.043  0.050   13.835  1.00 12.09 ? 324   GLU A C    1 
ATOM   835  O  O    . GLU A 1 249 ? -6.286  -0.285  12.664  1.00 10.02 ? 324   GLU A O    1 
ATOM   836  C  CB   . GLU A 1 249 ? -4.437  -0.779  15.621  1.00 11.26 ? 324   GLU A CB   1 
ATOM   837  C  CG   . GLU A 1 249 ? -3.198  -0.748  14.736  1.00 14.74 ? 324   GLU A CG   1 
ATOM   838  C  CD   . GLU A 1 249 ? -1.900  -0.551  15.489  1.00 19.05 ? 324   GLU A CD   1 
ATOM   839  O  OE1  . GLU A 1 249 ? -1.642  0.580   15.950  1.00 16.26 ? 324   GLU A OE1  1 
ATOM   840  O  OE2  . GLU A 1 249 ? -1.126  -1.528  15.593  1.00 15.84 ? 324   GLU A OE2  1 
ATOM   841  N  N    . ALA A 1 250 ? -6.056  1.327   14.205  1.00 11.03 ? 325   ALA A N    1 
ATOM   842  C  CA   . ALA A 1 250 ? -6.260  2.371   13.196  1.00 11.04 ? 325   ALA A CA   1 
ATOM   843  C  C    . ALA A 1 250 ? -5.047  2.340   12.255  1.00 11.78 ? 325   ALA A C    1 
ATOM   844  O  O    . ALA A 1 250 ? -3.903  2.320   12.718  1.00 10.91 ? 325   ALA A O    1 
ATOM   845  C  CB   . ALA A 1 250 ? -6.369  3.739   13.846  1.00 11.65 ? 325   ALA A CB   1 
ATOM   846  N  N    . VAL A 1 251 ? -5.315  2.240   10.938  1.00 8.46  ? 326   VAL A N    1 
ATOM   847  C  CA   . VAL A 1 251 ? -4.277  2.114   9.919   1.00 7.86  ? 326   VAL A CA   1 
ATOM   848  C  C    . VAL A 1 251 ? -4.398  3.206   8.884   1.00 6.61  ? 326   VAL A C    1 
ATOM   849  O  O    . VAL A 1 251 ? -5.481  3.714   8.589   1.00 8.87  ? 326   VAL A O    1 
ATOM   850  C  CB   . VAL A 1 251 ? -4.401  0.703   9.229   1.00 9.12  ? 326   VAL A CB   1 
ATOM   851  C  CG1  . VAL A 1 251 ? -3.654  0.645   7.885   1.00 8.90  ? 326   VAL A CG1  1 
ATOM   852  C  CG2  . VAL A 1 251 ? -3.919  -0.403  10.140  1.00 7.82  ? 326   VAL A CG2  1 
ATOM   853  N  N    . THR A 1 252 ? -3.235  3.634   8.368   1.00 5.92  ? 327   THR A N    1 
ATOM   854  C  CA   . THR A 1 252 ? -3.139  4.439   7.174   1.00 7.47  ? 327   THR A CA   1 
ATOM   855  C  C    . THR A 1 252 ? -2.234  3.723   6.205   1.00 7.43  ? 327   THR A C    1 
ATOM   856  O  O    . THR A 1 252 ? -1.177  3.186   6.607   1.00 6.59  ? 327   THR A O    1 
ATOM   857  C  CB   . THR A 1 252 ? -2.669  5.892   7.401   1.00 12.14 ? 327   THR A CB   1 
ATOM   858  O  OG1  . THR A 1 252 ? -3.545  6.541   8.333   1.00 11.65 ? 327   THR A OG1  1 
ATOM   859  C  CG2  . THR A 1 252 ? -2.654  6.724   6.090   1.00 12.44 ? 327   THR A CG2  1 
ATOM   860  N  N    . CYS A 1 253 ? -2.710  3.652   4.931   1.00 6.93  ? 328   CYS A N    1 
ATOM   861  C  CA   . CYS A 1 253 ? -1.890  3.145   3.840   1.00 7.49  ? 328   CYS A CA   1 
ATOM   862  C  C    . CYS A 1 253 ? -1.711  4.231   2.811   1.00 9.09  ? 328   CYS A C    1 
ATOM   863  O  O    . CYS A 1 253 ? -2.651  5.011   2.573   1.00 6.81  ? 328   CYS A O    1 
ATOM   864  C  CB   . CYS A 1 253 ? -2.571  1.945   3.190   1.00 7.50  ? 328   CYS A CB   1 
ATOM   865  S  SG   . CYS A 1 253 ? -2.542  0.436   4.194   1.00 9.74  ? 328   CYS A SG   1 
ATOM   866  N  N    . LEU A 1 254 ? -0.557  4.227   2.140   1.00 6.16  ? 329   LEU A N    1 
ATOM   867  C  CA   . LEU A 1 254 ? -0.310  4.987   0.933   1.00 6.84  ? 329   LEU A CA   1 
ATOM   868  C  C    . LEU A 1 254 ? -0.609  4.006   -0.168  1.00 8.72  ? 329   LEU A C    1 
ATOM   869  O  O    . LEU A 1 254 ? -0.120  2.874   -0.134  1.00 9.54  ? 329   LEU A O    1 
ATOM   870  C  CB   . LEU A 1 254 ? 1.090   5.543   0.865   1.00 7.76  ? 329   LEU A CB   1 
ATOM   871  C  CG   . LEU A 1 254 ? 1.504   6.469   1.996   1.00 11.04 ? 329   LEU A CG   1 
ATOM   872  C  CD1  . LEU A 1 254 ? 2.831   7.082   1.713   1.00 11.51 ? 329   LEU A CD1  1 
ATOM   873  C  CD2  . LEU A 1 254 ? 0.485   7.568   2.213   1.00 17.43 ? 329   LEU A CD2  1 
ATOM   874  N  N    . VAL A 1 255 ? -1.477  4.395   -1.094  1.00 6.03  ? 330   VAL A N    1 
ATOM   875  C  CA   . VAL A 1 255 ? -1.953  3.500   -2.130  1.00 6.66  ? 330   VAL A CA   1 
ATOM   876  C  C    . VAL A 1 255 ? -1.673  4.017   -3.518  1.00 8.23  ? 330   VAL A C    1 
ATOM   877  O  O    . VAL A 1 255 ? -1.682  5.230   -3.758  1.00 8.71  ? 330   VAL A O    1 
ATOM   878  C  CB   . VAL A 1 255 ? -3.450  3.181   -1.970  1.00 10.19 ? 330   VAL A CB   1 
ATOM   879  C  CG1  . VAL A 1 255 ? -3.739  2.582   -0.600  1.00 10.98 ? 330   VAL A CG1  1 
ATOM   880  C  CG2  . VAL A 1 255 ? -4.328  4.414   -2.212  1.00 10.79 ? 330   VAL A CG2  1 
ATOM   881  N  N    . ILE A 1 256 ? -1.543  3.077   -4.460  1.00 6.33  ? 331   ILE A N    1 
ATOM   882  C  CA   . ILE A 1 256 ? -1.436  3.384   -5.881  1.00 6.96  ? 331   ILE A CA   1 
ATOM   883  C  C    . ILE A 1 256 ? -2.112  2.237   -6.611  1.00 9.11  ? 331   ILE A C    1 
ATOM   884  O  O    . ILE A 1 256 ? -1.920  1.076   -6.237  1.00 8.29  ? 331   ILE A O    1 
ATOM   885  C  CB   . ILE A 1 256 ? 0.007   3.637   -6.330  1.00 8.34  ? 331   ILE A CB   1 
ATOM   886  C  CG1  . ILE A 1 256 ? 0.033   4.090   -7.808  1.00 7.37  ? 331   ILE A CG1  1 
ATOM   887  C  CG2  . ILE A 1 256 ? 0.853   2.411   -6.134  1.00 8.57  ? 331   ILE A CG2  1 
ATOM   888  C  CD1  . ILE A 1 256 ? 1.388   4.663   -8.261  1.00 10.26 ? 331   ILE A CD1  1 
ATOM   889  N  N    . ASP A 1 257 ? -2.887  2.538   -7.662  1.00 7.66  ? 332   ASP A N    1 
ATOM   890  C  CA   . ASP A 1 257 ? -3.528  1.482   -8.426  1.00 7.22  ? 332   ASP A CA   1 
ATOM   891  C  C    . ASP A 1 257 ? -2.687  1.114   -9.654  1.00 7.38  ? 332   ASP A C    1 
ATOM   892  O  O    . ASP A 1 257 ? -1.712  1.805   -10.021 1.00 6.93  ? 332   ASP A O    1 
ATOM   893  C  CB   . ASP A 1 257 ? -4.994  1.827   -8.774  1.00 9.75  ? 332   ASP A CB   1 
ATOM   894  C  CG   . ASP A 1 257 ? -5.242  2.972   -9.708  1.00 15.29 ? 332   ASP A CG   1 
ATOM   895  O  OD1  . ASP A 1 257 ? -4.294  3.388   -10.398 1.00 14.56 ? 332   ASP A OD1  1 
ATOM   896  O  OD2  . ASP A 1 257 ? -6.411  3.463   -9.753  1.00 20.44 ? 332   ASP A OD2  1 
ATOM   897  N  N    . ARG A 1 258 ? -3.086  0.055   -10.329 1.00 7.70  ? 333   ARG A N    1 
ATOM   898  C  CA   . ARG A 1 258 ? -2.394  -0.458  -11.487 1.00 6.60  ? 333   ARG A CA   1 
ATOM   899  C  C    . ARG A 1 258 ? -2.317  0.561   -12.603 1.00 8.92  ? 333   ARG A C    1 
ATOM   900  O  O    . ARG A 1 258 ? -1.252  0.713   -13.195 1.00 8.04  ? 333   ARG A O    1 
ATOM   901  C  CB   . ARG A 1 258 ? -3.105  -1.729  -11.982 1.00 7.80  ? 333   ARG A CB   1 
ATOM   902  C  CG   . ARG A 1 258 ? -2.427  -2.370  -13.188 1.00 12.02 ? 333   ARG A CG   1 
ATOM   903  C  CD   . ARG A 1 258 ? -2.885  -3.793  -13.439 1.00 12.22 ? 333   ARG A CD   1 
ATOM   904  N  NE   . ARG A 1 258 ? -4.330  -3.895  -13.649 1.00 17.31 ? 333   ARG A NE   1 
ATOM   905  C  CZ   . ARG A 1 258 ? -5.228  -4.462  -12.835 1.00 22.95 ? 333   ARG A CZ   1 
ATOM   906  N  NH1  . ARG A 1 258 ? -4.852  -5.000  -11.676 1.00 13.14 ? 333   ARG A NH1  1 
ATOM   907  N  NH2  . ARG A 1 258 ? -6.513  -4.479  -13.168 1.00 24.49 ? 333   ARG A NH2  1 
ATOM   908  N  N    . ASP A 1 259 ? -3.415  1.295   -12.885 1.00 7.34  ? 334   ASP A N    1 
ATOM   909  C  CA   . ASP A 1 259 ? -3.373  2.254   -13.986 1.00 6.98  ? 334   ASP A CA   1 
ATOM   910  C  C    . ASP A 1 259 ? -2.398  3.345   -13.684 1.00 9.00  ? 334   ASP A C    1 
ATOM   911  O  O    . ASP A 1 259 ? -1.649  3.742   -14.566 1.00 9.72  ? 334   ASP A O    1 
ATOM   912  C  CB   . ASP A 1 259 ? -4.761  2.830   -14.285 1.00 9.18  ? 334   ASP A CB   1 
ATOM   913  C  CG   . ASP A 1 259 ? -5.750  1.797   -14.795 1.00 11.30 ? 334   ASP A CG   1 
ATOM   914  O  OD1  . ASP A 1 259 ? -5.325  0.873   -15.503 1.00 12.30 ? 334   ASP A OD1  1 
ATOM   915  O  OD2  . ASP A 1 259 ? -6.946  1.929   -14.497 1.00 18.18 ? 334   ASP A OD2  1 
ATOM   916  N  N    . SER A 1 260 ? -2.393  3.870   -12.466 1.00 8.29  ? 335   SER A N    1 
ATOM   917  C  CA   . SER A 1 260 ? -1.444  4.927   -12.136 1.00 7.91  ? 335   SER A CA   1 
ATOM   918  C  C    . SER A 1 260 ? 0.013   4.397   -12.110 1.00 9.97  ? 335   SER A C    1 
ATOM   919  O  O    . SER A 1 260 ? 0.947   5.072   -12.570 1.00 10.84 ? 335   SER A O    1 
ATOM   920  C  CB   . SER A 1 260 ? -1.779  5.506   -10.771 1.00 10.58 ? 335   SER A CB   1 
ATOM   921  O  OG   . SER A 1 260 ? -3.071  6.091   -10.732 1.00 14.25 ? 335   SER A OG   1 
ATOM   922  N  N    . PHE A 1 261 ? 0.239   3.203   -11.604 1.00 7.89  ? 336   PHE A N    1 
ATOM   923  C  CA   . PHE A 1 261 ? 1.578   2.621   -11.573 1.00 8.25  ? 336   PHE A CA   1 
ATOM   924  C  C    . PHE A 1 261 ? 2.120   2.401   -12.999 1.00 9.90  ? 336   PHE A C    1 
ATOM   925  O  O    . PHE A 1 261 ? 3.241   2.812   -13.316 1.00 10.04 ? 336   PHE A O    1 
ATOM   926  C  CB   . PHE A 1 261 ? 1.546   1.303   -10.802 1.00 9.62  ? 336   PHE A CB   1 
ATOM   927  C  CG   . PHE A 1 261 ? 2.849   0.570   -10.814 1.00 8.44  ? 336   PHE A CG   1 
ATOM   928  C  CD1  . PHE A 1 261 ? 3.885   0.948   -9.970  1.00 10.77 ? 336   PHE A CD1  1 
ATOM   929  C  CD2  . PHE A 1 261 ? 3.055   -0.492  -11.677 1.00 9.10  ? 336   PHE A CD2  1 
ATOM   930  C  CE1  . PHE A 1 261 ? 5.094   0.271   -9.992  1.00 10.93 ? 336   PHE A CE1  1 
ATOM   931  C  CE2  . PHE A 1 261 ? 4.233   -1.221  -11.623 1.00 12.05 ? 336   PHE A CE2  1 
ATOM   932  C  CZ   . PHE A 1 261 ? 5.242   -0.832  -10.784 1.00 10.97 ? 336   PHE A CZ   1 
ATOM   933  N  N    . LYS A 1 262 ? 1.293   1.857   -13.905 1.00 9.25  ? 337   LYS A N    1 
ATOM   934  C  CA   . LYS A 1 262 ? 1.733   1.668   -15.279 1.00 8.71  ? 337   LYS A CA   1 
ATOM   935  C  C    . LYS A 1 262 ? 2.086   2.996   -15.928 1.00 10.80 ? 337   LYS A C    1 
ATOM   936  O  O    . LYS A 1 262 ? 3.054   3.056   -16.687 1.00 9.99  ? 337   LYS A O    1 
ATOM   937  C  CB   . LYS A 1 262 ? 0.638   0.987   -16.097 1.00 10.53 ? 337   LYS A CB   1 
ATOM   938  C  CG   . LYS A 1 262 ? 0.437   -0.484  -15.747 1.00 14.91 ? 337   LYS A CG   1 
ATOM   939  C  CD   . LYS A 1 262 ? -0.892  -1.003  -16.310 1.00 13.20 ? 337   LYS A CD   1 
ATOM   940  C  CE   . LYS A 1 262 ? -0.940  -0.953  -17.815 1.00 13.83 ? 337   LYS A CE   1 
ATOM   941  N  NZ   . LYS A 1 262 ? -2.212  -1.550  -18.316 1.00 15.71 ? 337   LYS A NZ   1 
ATOM   942  N  N    . HIS A 1 263 ? 1.296   4.061   -15.649 1.00 10.88 ? 338   HIS A N    1 
ATOM   943  C  CA   . HIS A 1 263 ? 1.584   5.367   -16.229 1.00 11.44 ? 338   HIS A CA   1 
ATOM   944  C  C    . HIS A 1 263 ? 2.917   5.889   -15.711 1.00 14.83 ? 338   HIS A C    1 
ATOM   945  O  O    . HIS A 1 263 ? 3.727   6.414   -16.473 1.00 15.06 ? 338   HIS A O    1 
ATOM   946  C  CB   . HIS A 1 263 ? 0.458   6.355   -15.884 1.00 12.87 ? 338   HIS A CB   1 
ATOM   947  C  CG   . HIS A 1 263 ? 0.670   7.744   -16.417 1.00 17.13 ? 338   HIS A CG   1 
ATOM   948  N  ND1  . HIS A 1 263 ? 0.451   8.045   -17.758 1.00 19.09 ? 338   HIS A ND1  1 
ATOM   949  C  CD2  . HIS A 1 263 ? 1.020   8.875   -15.766 1.00 18.23 ? 338   HIS A CD2  1 
ATOM   950  C  CE1  . HIS A 1 263 ? 0.736   9.329   -17.892 1.00 17.54 ? 338   HIS A CE1  1 
ATOM   951  N  NE2  . HIS A 1 263 ? 1.095   9.872   -16.719 1.00 17.50 ? 338   HIS A NE2  1 
ATOM   952  N  N    . LEU A 1 264 ? 3.166   5.737   -14.405 1.00 13.22 ? 339   LEU A N    1 
ATOM   953  C  CA   . LEU A 1 264 ? 4.406   6.213   -13.808 1.00 14.16 ? 339   LEU A CA   1 
ATOM   954  C  C    . LEU A 1 264 ? 5.615   5.481   -14.352 1.00 17.43 ? 339   LEU A C    1 
ATOM   955  O  O    . LEU A 1 264 ? 6.577   6.123   -14.805 1.00 16.74 ? 339   LEU A O    1 
ATOM   956  C  CB   . LEU A 1 264 ? 4.296   6.027   -12.271 1.00 14.42 ? 339   LEU A CB   1 
ATOM   957  C  CG   . LEU A 1 264 ? 5.542   6.277   -11.429 1.00 19.56 ? 339   LEU A CG   1 
ATOM   958  C  CD1  . LEU A 1 264 ? 6.077   7.672   -11.640 1.00 21.41 ? 339   LEU A CD1  1 
ATOM   959  C  CD2  . LEU A 1 264 ? 5.215   6.061   -9.950  1.00 20.92 ? 339   LEU A CD2  1 
ATOM   960  N  N    . ILE A 1 265 ? 5.566   4.145   -14.368 1.00 15.80 ? 340   ILE A N    1 
ATOM   961  C  CA   . ILE A 1 265 ? 6.687   3.321   -14.832 1.00 15.77 ? 340   ILE A CA   1 
ATOM   962  C  C    . ILE A 1 265 ? 6.911   3.521   -16.322 1.00 17.95 ? 340   ILE A C    1 
ATOM   963  O  O    . ILE A 1 265 ? 8.067   3.607   -16.755 1.00 17.62 ? 340   ILE A O    1 
ATOM   964  C  CB   . ILE A 1 265 ? 6.466   1.816   -14.493 1.00 19.37 ? 340   ILE A CB   1 
ATOM   965  C  CG1  . ILE A 1 265 ? 6.351   1.576   -12.972 1.00 20.05 ? 340   ILE A CG1  1 
ATOM   966  C  CG2  . ILE A 1 265 ? 7.581   0.928   -15.089 1.00 22.63 ? 340   ILE A CG2  1 
ATOM   967  C  CD1  . ILE A 1 265 ? 7.492   2.120   -12.093 1.00 25.35 ? 340   ILE A CD1  1 
ATOM   968  N  N    . GLY A 1 266 ? 5.817   3.636   -17.077 1.00 13.76 ? 341   GLY A N    1 
ATOM   969  C  CA   . GLY A 1 266 ? 5.867   3.803   -18.526 1.00 12.75 ? 341   GLY A CA   1 
ATOM   970  C  C    . GLY A 1 266 ? 6.566   5.067   -18.959 1.00 17.39 ? 341   GLY A C    1 
ATOM   971  O  O    . GLY A 1 266 ? 7.139   5.097   -20.043 1.00 16.97 ? 341   GLY A O    1 
ATOM   972  N  N    . GLY A 1 267 ? 6.502   6.113   -18.131 1.00 14.57 ? 342   GLY A N    1 
ATOM   973  C  CA   . GLY A 1 267 ? 7.148   7.384   -18.433 1.00 14.11 ? 342   GLY A CA   1 
ATOM   974  C  C    . GLY A 1 267 ? 8.618   7.452   -18.099 1.00 14.92 ? 342   GLY A C    1 
ATOM   975  O  O    . GLY A 1 267 ? 9.254   8.437   -18.465 1.00 14.68 ? 342   GLY A O    1 
ATOM   976  N  N    . LEU A 1 268 ? 9.205   6.421   -17.470 1.00 14.67 ? 343   LEU A N    1 
ATOM   977  C  CA   . LEU A 1 268 ? 10.617  6.460   -17.072 1.00 22.49 ? 343   LEU A CA   1 
ATOM   978  C  C    . LEU A 1 268 ? 11.558  6.267   -18.259 1.00 56.16 ? 343   LEU A C    1 
ATOM   979  O  O    . LEU A 1 268 ? 11.176  5.680   -19.264 1.00 23.58 ? 343   LEU A O    1 
ATOM   980  C  CB   . LEU A 1 268 ? 10.918  5.407   -16.001 1.00 22.56 ? 343   LEU A CB   1 
ATOM   981  C  CG   . LEU A 1 268 ? 10.098  5.451   -14.726 1.00 27.05 ? 343   LEU A CG   1 
ATOM   982  C  CD1  . LEU A 1 268 ? 10.472  4.288   -13.806 1.00 26.81 ? 343   LEU A CD1  1 
ATOM   983  C  CD2  . LEU A 1 268 ? 10.251  6.770   -14.014 1.00 29.26 ? 343   LEU A CD2  1 
HETATM 984  C  C1   . B4I B 2 .   ? 11.715  -0.377  -6.576  1.00 16.68 ? 9901  B4I A C1   1 
HETATM 985  C  C2   . B4I B 2 .   ? 11.355  -1.605  -7.103  1.00 14.58 ? 9901  B4I A C2   1 
HETATM 986  C  C6   . B4I B 2 .   ? 11.251  -0.005  -5.330  1.00 16.23 ? 9901  B4I A C6   1 
HETATM 987  C  C16  . B4I B 2 .   ? 11.755  -7.842  -6.254  1.00 9.53  ? 9901  B4I A C16  1 
HETATM 988  C  C3   . B4I B 2 .   ? 10.523  -2.453  -6.384  1.00 12.09 ? 9901  B4I A C3   1 
HETATM 989  C  C5   . B4I B 2 .   ? 10.430  -0.855  -4.606  1.00 14.24 ? 9901  B4I A C5   1 
HETATM 990  C  C15  . B4I B 2 .   ? 11.432  -6.550  -5.865  1.00 11.05 ? 9901  B4I A C15  1 
HETATM 991  C  C18  . B4I B 2 .   ? 11.961  -8.486  -3.959  1.00 12.69 ? 9901  B4I A C18  1 
HETATM 992  C  C31  . B4I B 2 .   ? 5.527   -0.048  -6.107  1.00 12.86 ? 9901  B4I A C31  1 
HETATM 993  C  C35  . B4I B 2 .   ? 7.677   -0.288  -7.135  1.00 13.42 ? 9901  B4I A C35  1 
HETATM 994  C  C33  . B4I B 2 .   ? 6.745   1.909   -6.800  1.00 13.21 ? 9901  B4I A C33  1 
HETATM 995  C  C17  . B4I B 2 .   ? 11.998  -8.832  -5.307  1.00 10.44 ? 9901  B4I A C17  1 
HETATM 996  C  C4   . B4I B 2 .   ? 10.103  -2.115  -5.099  1.00 12.16 ? 9901  B4I A C4   1 
HETATM 997  C  C14  . B4I B 2 .   ? 11.374  -6.181  -4.522  1.00 11.35 ? 9901  B4I A C14  1 
HETATM 998  C  C30  . B4I B 2 .   ? 6.549   -0.866  -6.563  1.00 9.99  ? 9901  B4I A C30  1 
HETATM 999  C  C19  . B4I B 2 .   ? 11.631  -7.196  -3.597  1.00 13.81 ? 9901  B4I A C19  1 
HETATM 1000 C  C32  . B4I B 2 .   ? 5.662   1.318   -6.194  1.00 13.14 ? 9901  B4I A C32  1 
HETATM 1001 C  C34  . B4I B 2 .   ? 7.770   1.085   -7.212  1.00 10.58 ? 9901  B4I A C34  1 
HETATM 1002 C  C23  . B4I B 2 .   ? 12.321  -10.231 -5.744  1.00 13.56 ? 9901  B4I A C23  1 
HETATM 1003 C  C10  . B4I B 2 .   ? 7.208   -5.149  -3.963  1.00 13.23 ? 9901  B4I A C10  1 
HETATM 1004 C  C9   . B4I B 2 .   ? 6.887   -3.694  -3.664  1.00 9.52  ? 9901  B4I A C9   1 
HETATM 1005 C  C11  . B4I B 2 .   ? 8.678   -5.409  -3.716  1.00 10.57 ? 9901  B4I A C11  1 
HETATM 1006 C  C7   . B4I B 2 .   ? 9.272   -3.070  -4.256  1.00 12.56 ? 9901  B4I A C7   1 
HETATM 1007 C  C8   . B4I B 2 .   ? 7.780   -2.778  -4.478  1.00 8.73  ? 9901  B4I A C8   1 
HETATM 1008 C  C13  . B4I B 2 .   ? 10.966  -4.778  -4.140  1.00 12.39 ? 9901  B4I A C13  1 
HETATM 1009 C  C28  . B4I B 2 .   ? 6.309   -3.015  -7.837  1.00 10.91 ? 9901  B4I A C28  1 
HETATM 1010 C  C27  . B4I B 2 .   ? 6.408   -2.362  -6.467  1.00 9.06  ? 9901  B4I A C27  1 
HETATM 1011 N  N20  . B4I B 2 .   ? 11.579  -6.937  -2.166  1.00 20.25 ? 9901  B4I A N20  1 
HETATM 1012 N  N12  . B4I B 2 .   ? 9.561   -4.508  -4.484  1.00 10.25 ? 9901  B4I A N12  1 
HETATM 1013 O  O25  . B4I B 2 .   ? 12.374  -11.117 -4.811  1.00 15.43 ? 9901  B4I A O25  1 
HETATM 1014 O  O22  . B4I B 2 .   ? 12.366  -6.132  -1.696  1.00 29.99 ? 9901  B4I A O22  1 
HETATM 1015 O  O24  . B4I B 2 .   ? 12.329  -10.513 -6.941  1.00 14.17 ? 9901  B4I A O24  1 
HETATM 1016 O  O21  . B4I B 2 .   ? 10.734  -7.519  -1.509  1.00 24.21 ? 9901  B4I A O21  1 
HETATM 1017 O  O29  . B4I B 2 .   ? 6.086   -4.417  -7.697  1.00 11.70 ? 9901  B4I A O29  1 
HETATM 1018 O  O26  . B4I B 2 .   ? 7.576   -2.995  -5.898  1.00 9.34  ? 9901  B4I A O26  1 
HETATM 1019 CL CL37 . B4I B 2 .   ? 4.412   2.328   -5.537  1.00 20.05 ? 9901  B4I A CL37 1 
HETATM 1020 CL CL36 . B4I B 2 .   ? 9.117   1.795   -8.051  1.00 19.74 ? 9901  B4I A CL36 1 
HETATM 1021 O  O    . HOH C 3 .   ? -11.893 -13.875 8.034   1.00 28.94 ? 10001 HOH A O    1 
HETATM 1022 O  O    . HOH C 3 .   ? -2.579  -12.825 -6.109  1.00 21.85 ? 10002 HOH A O    1 
HETATM 1023 O  O    . HOH C 3 .   ? 7.638   15.413  -8.632  1.00 16.34 ? 10003 HOH A O    1 
HETATM 1024 O  O    . HOH C 3 .   ? -2.501  2.879   14.961  1.00 17.07 ? 10004 HOH A O    1 
HETATM 1025 O  O    . HOH C 3 .   ? -0.920  -5.799  15.676  1.00 19.49 ? 10005 HOH A O    1 
HETATM 1026 O  O    . HOH C 3 .   ? -2.443  -9.365  -4.462  1.00 13.00 ? 10006 HOH A O    1 
HETATM 1027 O  O    . HOH C 3 .   ? 16.670  8.604   -2.686  1.00 33.13 ? 10007 HOH A O    1 
HETATM 1028 O  O    . HOH C 3 .   ? 4.803   -10.716 -3.970  1.00 27.13 ? 10008 HOH A O    1 
HETATM 1029 O  O    . HOH C 3 .   ? -0.690  -13.747 -4.420  1.00 25.36 ? 10009 HOH A O    1 
HETATM 1030 O  O    . HOH C 3 .   ? -12.804 3.179   7.639   1.00 18.04 ? 10010 HOH A O    1 
HETATM 1031 O  O    . HOH C 3 .   ? 3.487   -8.354  2.220   1.00 14.87 ? 10011 HOH A O    1 
HETATM 1032 O  O    . HOH C 3 .   ? 10.991  9.955   -17.100 1.00 22.74 ? 10012 HOH A O    1 
HETATM 1033 O  O    . HOH C 3 .   ? -2.580  -17.510 0.107   1.00 30.93 ? 10013 HOH A O    1 
HETATM 1034 O  O    . HOH C 3 .   ? -0.391  16.183  -2.162  1.00 24.80 ? 10014 HOH A O    1 
HETATM 1035 O  O    . HOH C 3 .   ? 12.390  -1.951  3.146   1.00 10.93 ? 10015 HOH A O    1 
HETATM 1036 O  O    . HOH C 3 .   ? -3.160  10.695  -6.961  1.00 25.38 ? 10016 HOH A O    1 
HETATM 1037 O  O    . HOH C 3 .   ? 0.539   8.584   5.678   1.00 22.01 ? 10017 HOH A O    1 
HETATM 1038 O  O    . HOH C 3 .   ? 19.718  1.971   -1.049  1.00 28.01 ? 10018 HOH A O    1 
HETATM 1039 O  O    . HOH C 3 .   ? -12.533 -1.461  3.625   1.00 23.36 ? 10019 HOH A O    1 
HETATM 1040 O  O    . HOH C 3 .   ? 5.674   -10.219 9.707   1.00 19.51 ? 10020 HOH A O    1 
HETATM 1041 O  O    . HOH C 3 .   ? -5.735  -1.793  -15.631 1.00 22.01 ? 10021 HOH A O    1 
HETATM 1042 O  O    . HOH C 3 .   ? 6.896   -8.264  -1.429  1.00 14.01 ? 10022 HOH A O    1 
HETATM 1043 O  O    . HOH C 3 .   ? -13.962 -1.124  12.522  1.00 21.27 ? 10023 HOH A O    1 
HETATM 1044 O  O    . HOH C 3 .   ? -2.226  3.416   -17.196 1.00 15.56 ? 10024 HOH A O    1 
HETATM 1045 O  O    . HOH C 3 .   ? -5.960  -5.959  17.313  1.00 36.94 ? 10025 HOH A O    1 
HETATM 1046 O  O    . HOH C 3 .   ? -9.457  -1.310  0.546   1.00 16.92 ? 10026 HOH A O    1 
HETATM 1047 O  O    . HOH C 3 .   ? 2.011   17.713  8.603   1.00 10.87 ? 10027 HOH A O    1 
HETATM 1048 O  O    . HOH C 3 .   ? -9.800  6.156   14.500  1.00 18.80 ? 10028 HOH A O    1 
HETATM 1049 O  O    . HOH C 3 .   ? 8.108   17.702  -1.068  1.00 21.04 ? 10029 HOH A O    1 
HETATM 1050 O  O    . HOH C 3 .   ? 13.698  -12.874 -3.217  1.00 28.85 ? 10030 HOH A O    1 
HETATM 1051 O  O    . HOH C 3 .   ? 9.983   -2.249  4.539   1.00 13.66 ? 10031 HOH A O    1 
HETATM 1052 O  O    . HOH C 3 .   ? -1.148  6.585   -19.405 1.00 24.82 ? 10032 HOH A O    1 
HETATM 1053 O  O    . HOH C 3 .   ? -8.403  2.159   -8.436  1.00 29.49 ? 10033 HOH A O    1 
HETATM 1054 O  O    . HOH C 3 .   ? 8.654   -6.628  7.519   1.00 26.54 ? 10034 HOH A O    1 
HETATM 1055 O  O    . HOH C 3 .   ? -2.738  6.779   -5.743  1.00 12.02 ? 10035 HOH A O    1 
HETATM 1056 O  O    . HOH C 3 .   ? 10.189  15.626  3.484   1.00 10.42 ? 10036 HOH A O    1 
HETATM 1057 O  O    . HOH C 3 .   ? -14.587 -6.507  2.625   1.00 14.03 ? 10037 HOH A O    1 
HETATM 1058 O  O    . HOH C 3 .   ? 11.857  -13.770 -5.205  1.00 19.73 ? 10038 HOH A O    1 
HETATM 1059 O  O    . HOH C 3 .   ? -8.177  -6.794  15.350  1.00 42.40 ? 10039 HOH A O    1 
HETATM 1060 O  O    . HOH C 3 .   ? 8.675   -2.351  8.363   1.00 17.24 ? 10040 HOH A O    1 
HETATM 1061 O  O    . HOH C 3 .   ? -11.740 2.750   4.637   1.00 18.89 ? 10041 HOH A O    1 
HETATM 1062 O  O    . HOH C 3 .   ? -11.404 5.342   8.594   1.00 22.05 ? 10042 HOH A O    1 
HETATM 1063 O  O    . HOH C 3 .   ? -12.002 -10.848 10.768  1.00 27.01 ? 10043 HOH A O    1 
HETATM 1064 O  O    . HOH C 3 .   ? -9.477  -13.636 9.107   1.00 23.68 ? 10044 HOH A O    1 
HETATM 1065 O  O    . HOH C 3 .   ? -7.525  7.500   -0.946  1.00 30.32 ? 10045 HOH A O    1 
HETATM 1066 O  O    . HOH C 3 .   ? 8.885   -4.888  4.602   1.00 12.05 ? 10046 HOH A O    1 
HETATM 1067 O  O    . HOH C 3 .   ? 6.160   11.469  7.142   1.00 15.15 ? 10047 HOH A O    1 
HETATM 1068 O  O    . HOH C 3 .   ? -2.196  8.748   9.262   1.00 19.31 ? 10048 HOH A O    1 
HETATM 1069 O  O    . HOH C 3 .   ? 18.101  1.835   1.141   1.00 21.52 ? 10049 HOH A O    1 
HETATM 1070 O  O    . HOH C 3 .   ? 7.073   8.793   -15.249 1.00 18.01 ? 10050 HOH A O    1 
HETATM 1071 O  O    . HOH C 3 .   ? -3.642  -10.245 -0.049  1.00 22.36 ? 10051 HOH A O    1 
HETATM 1072 O  O    . HOH C 3 .   ? 3.199   -9.335  -0.270  1.00 16.24 ? 10052 HOH A O    1 
HETATM 1073 O  O    . HOH C 3 .   ? -11.926 -15.759 -6.640  1.00 21.64 ? 10053 HOH A O    1 
HETATM 1074 O  O    . HOH C 3 .   ? -6.132  11.651  4.493   1.00 29.30 ? 10054 HOH A O    1 
HETATM 1075 O  O    . HOH C 3 .   ? 12.581  14.624  6.865   1.00 11.05 ? 10055 HOH A O    1 
HETATM 1076 O  O    . HOH C 3 .   ? 4.387   9.090   -16.688 1.00 15.95 ? 10056 HOH A O    1 
HETATM 1077 O  O    . HOH C 3 .   ? -7.150  -16.649 -4.302  1.00 18.16 ? 10057 HOH A O    1 
HETATM 1078 O  O    . HOH C 3 .   ? -2.089  -8.250  15.385  1.00 23.05 ? 10058 HOH A O    1 
HETATM 1079 O  O    . HOH C 3 .   ? 1.625   -10.488 3.212   1.00 23.16 ? 10059 HOH A O    1 
HETATM 1080 O  O    . HOH C 3 .   ? -12.595 -13.116 3.007   1.00 11.91 ? 10060 HOH A O    1 
HETATM 1081 O  O    . HOH C 3 .   ? 8.501   -5.615  -7.005  1.00 10.90 ? 10061 HOH A O    1 
HETATM 1082 O  O    . HOH C 3 .   ? 0.825   7.849   -12.375 1.00 21.47 ? 10062 HOH A O    1 
HETATM 1083 O  O    . HOH C 3 .   ? -5.820  -2.688  18.344  1.00 31.46 ? 10063 HOH A O    1 
HETATM 1084 O  O    . HOH C 3 .   ? 7.152   2.814   -21.643 1.00 18.46 ? 10064 HOH A O    1 
HETATM 1085 O  O    . HOH C 3 .   ? -16.090 -10.811 7.479   1.00 22.11 ? 10065 HOH A O    1 
HETATM 1086 O  O    . HOH C 3 .   ? -10.689 -15.893 3.793   1.00 17.59 ? 10066 HOH A O    1 
HETATM 1087 O  O    . HOH C 3 .   ? 13.080  10.283  6.058   1.00 12.18 ? 10067 HOH A O    1 
HETATM 1088 O  O    . HOH C 3 .   ? -8.839  -22.432 6.818   1.00 42.37 ? 10068 HOH A O    1 
HETATM 1089 O  O    . HOH C 3 .   ? 14.945  -1.061  -4.085  1.00 19.74 ? 10069 HOH A O    1 
HETATM 1090 O  O    . HOH C 3 .   ? -7.526  -7.960  -10.864 1.00 26.86 ? 10070 HOH A O    1 
HETATM 1091 O  O    . HOH C 3 .   ? -7.589  -3.643  -4.734  1.00 17.98 ? 10071 HOH A O    1 
HETATM 1092 O  O    . HOH C 3 .   ? -12.700 -8.296  11.390  1.00 21.42 ? 10072 HOH A O    1 
HETATM 1093 O  O    . HOH C 3 .   ? 4.835   -11.511 0.176   1.00 31.34 ? 10073 HOH A O    1 
HETATM 1094 O  O    . HOH C 3 .   ? 10.246  17.190  1.172   1.00 22.39 ? 10074 HOH A O    1 
HETATM 1095 O  O    . HOH C 3 .   ? -4.829  12.475  2.318   1.00 28.04 ? 10075 HOH A O    1 
HETATM 1096 O  O    . HOH C 3 .   ? -4.541  -13.900 -10.086 1.00 28.31 ? 10076 HOH A O    1 
HETATM 1097 O  O    . HOH C 3 .   ? 10.406  14.448  -10.004 1.00 27.93 ? 10077 HOH A O    1 
HETATM 1098 O  O    . HOH C 3 .   ? -7.059  2.426   -5.529  1.00 22.64 ? 10078 HOH A O    1 
HETATM 1099 O  O    . HOH C 3 .   ? -7.276  -7.457  12.529  0.50 19.78 ? 10079 HOH A O    1 
HETATM 1100 O  O    . HOH C 3 .   ? -0.912  13.234  -4.119  1.00 28.75 ? 10080 HOH A O    1 
HETATM 1101 O  O    . HOH C 3 .   ? -6.647  -18.399 -2.177  1.00 26.36 ? 10081 HOH A O    1 
HETATM 1102 O  O    . HOH C 3 .   ? 3.558   -0.399  12.888  1.00 14.52 ? 10082 HOH A O    1 
HETATM 1103 O  O    . HOH C 3 .   ? -2.129  -21.985 5.489   1.00 31.10 ? 10083 HOH A O    1 
HETATM 1104 O  O    . HOH C 3 .   ? 0.725   -10.195 15.868  1.00 25.19 ? 10084 HOH A O    1 
HETATM 1105 O  O    . HOH C 3 .   ? -9.693  1.719   14.767  1.00 21.56 ? 10085 HOH A O    1 
HETATM 1106 O  O    . HOH C 3 .   ? -13.538 -13.311 5.944   1.00 25.25 ? 10086 HOH A O    1 
HETATM 1107 O  O    . HOH C 3 .   ? 3.422   -11.671 12.689  1.00 19.57 ? 10087 HOH A O    1 
HETATM 1108 O  O    . HOH C 3 .   ? -4.838  11.174  -0.046  1.00 24.38 ? 10088 HOH A O    1 
HETATM 1109 O  O    . HOH C 3 .   ? 17.094  13.310  1.526   1.00 15.95 ? 10089 HOH A O    1 
HETATM 1110 O  O    . HOH C 3 .   ? 0.456   27.704  -0.071  1.00 17.10 ? 10090 HOH A O    1 
HETATM 1111 O  O    . HOH C 3 .   ? -12.228 -5.421  1.761   1.00 26.36 ? 10091 HOH A O    1 
HETATM 1112 O  O    . HOH C 3 .   ? 0.592   -9.205  -0.944  1.00 12.63 ? 10092 HOH A O    1 
HETATM 1113 O  O    . HOH C 3 .   ? 3.807   12.036  8.426   1.00 25.07 ? 10093 HOH A O    1 
HETATM 1114 O  O    . HOH C 3 .   ? 0.740   25.055  3.428   1.00 29.19 ? 10094 HOH A O    1 
HETATM 1115 O  O    . HOH C 3 .   ? -3.052  -11.309 -2.404  1.00 14.65 ? 10095 HOH A O    1 
HETATM 1116 O  O    . HOH C 3 .   ? -3.231  21.799  -1.999  1.00 18.38 ? 10096 HOH A O    1 
HETATM 1117 O  O    . HOH C 3 .   ? 3.627   11.535  -10.951 1.00 29.59 ? 10097 HOH A O    1 
HETATM 1118 O  O    . HOH C 3 .   ? -2.531  10.942  7.786   1.00 19.63 ? 10098 HOH A O    1 
HETATM 1119 O  O    . HOH C 3 .   ? -8.732  -6.496  -3.827  1.00 11.22 ? 10099 HOH A O    1 
HETATM 1120 O  O    . HOH C 3 .   ? 18.721  10.787  -5.530  1.00 32.04 ? 10100 HOH A O    1 
HETATM 1121 O  O    . HOH C 3 .   ? 5.034   -7.092  12.095  1.00 30.41 ? 10101 HOH A O    1 
HETATM 1122 O  O    . HOH C 3 .   ? 15.656  3.972   4.806   1.00 19.82 ? 10102 HOH A O    1 
HETATM 1123 O  O    . HOH C 3 .   ? 2.411   6.837   11.672  1.00 35.09 ? 10103 HOH A O    1 
HETATM 1124 O  O    . HOH C 3 .   ? -9.841  6.884   3.863   1.00 19.93 ? 10104 HOH A O    1 
HETATM 1125 O  O    . HOH C 3 .   ? 6.874   -11.142 7.264   1.00 19.34 ? 10105 HOH A O    1 
HETATM 1126 O  O    . HOH C 3 .   ? 16.892  12.163  -9.154  1.00 36.01 ? 10106 HOH A O    1 
HETATM 1127 O  O    . HOH C 3 .   ? 7.629   -11.974 2.277   1.00 18.81 ? 10107 HOH A O    1 
HETATM 1128 O  O    . HOH C 3 .   ? -10.661 -6.926  -1.737  1.00 10.86 ? 10108 HOH A O    1 
HETATM 1129 O  O    . HOH C 3 .   ? 9.598   -10.100 -8.059  1.00 22.24 ? 10109 HOH A O    1 
HETATM 1130 O  O    . HOH C 3 .   ? -6.126  0.460   -11.961 1.00 13.43 ? 10110 HOH A O    1 
HETATM 1131 O  O    . HOH C 3 .   ? -5.559  7.066   -5.355  1.00 21.93 ? 10111 HOH A O    1 
HETATM 1132 O  O    . HOH C 3 .   ? -4.134  -19.481 12.923  1.00 20.61 ? 10112 HOH A O    1 
HETATM 1133 O  O    . HOH C 3 .   ? 0.329   -9.253  -3.922  1.00 11.80 ? 10113 HOH A O    1 
HETATM 1134 O  O    . HOH C 3 .   ? 0.980   -21.391 0.707   1.00 25.13 ? 10114 HOH A O    1 
HETATM 1135 O  O    . HOH C 3 .   ? -3.605  5.447   -7.849  1.00 13.58 ? 10115 HOH A O    1 
HETATM 1136 O  O    . HOH C 3 .   ? -6.020  2.187   17.081  1.00 23.50 ? 10116 HOH A O    1 
HETATM 1137 O  O    . HOH C 3 .   ? 2.036   3.419   13.662  1.00 18.31 ? 10117 HOH A O    1 
HETATM 1138 O  O    . HOH C 3 .   ? -6.966  5.448   10.576  1.00 21.94 ? 10118 HOH A O    1 
HETATM 1139 O  O    . HOH C 3 .   ? 8.936   3.449   8.211   1.00 25.49 ? 10119 HOH A O    1 
HETATM 1140 O  O    . HOH C 3 .   ? 10.737  1.420   7.582   1.00 21.47 ? 10120 HOH A O    1 
HETATM 1141 O  O    . HOH C 3 .   ? 6.747   -5.652  3.138   1.00 11.00 ? 10121 HOH A O    1 
HETATM 1142 O  O    . HOH C 3 .   ? 3.400   5.949   -19.527 1.00 23.29 ? 10122 HOH A O    1 
HETATM 1143 O  O    . HOH C 3 .   ? -4.685  -8.478  16.254  1.00 26.60 ? 10123 HOH A O    1 
HETATM 1144 O  O    . HOH C 3 .   ? 13.611  13.200  -16.981 1.00 28.97 ? 10124 HOH A O    1 
HETATM 1145 O  O    . HOH C 3 .   ? -7.609  -10.065 12.044  1.00 26.88 ? 10125 HOH A O    1 
HETATM 1146 O  O    . HOH C 3 .   ? 7.472   18.809  -3.957  1.00 27.02 ? 10126 HOH A O    1 
HETATM 1147 O  O    . HOH C 3 .   ? -3.618  12.473  -4.983  1.00 27.27 ? 10127 HOH A O    1 
HETATM 1148 O  O    . HOH C 3 .   ? 15.397  8.990   6.000   1.00 27.28 ? 10128 HOH A O    1 
HETATM 1149 O  O    . HOH C 3 .   ? -1.761  8.896   -12.409 1.00 32.89 ? 10129 HOH A O    1 
HETATM 1150 O  O    . HOH C 3 .   ? 4.791   7.813   -20.752 1.00 30.06 ? 10130 HOH A O    1 
HETATM 1151 O  O    . HOH C 3 .   ? 10.804  19.929  1.969   1.00 22.23 ? 10131 HOH A O    1 
HETATM 1152 O  O    . HOH C 3 .   ? 5.964   -8.285  3.287   1.00 18.85 ? 10132 HOH A O    1 
HETATM 1153 O  O    . HOH C 3 .   ? 7.433   -8.742  5.720   1.00 16.98 ? 10133 HOH A O    1 
HETATM 1154 O  O    . HOH C 3 .   ? 8.339   -9.045  -3.781  1.00 31.79 ? 10134 HOH A O    1 
HETATM 1155 O  O    . HOH C 3 .   ? -9.569  -6.500  -14.570 1.00 26.86 ? 10135 HOH A O    1 
HETATM 1156 O  O    . HOH C 3 .   ? -3.823  12.193  -2.297  1.00 29.55 ? 10136 HOH A O    1 
HETATM 1157 O  O    . HOH C 3 .   ? 7.164   9.079   8.231   1.00 31.69 ? 10137 HOH A O    1 
HETATM 1158 O  O    . HOH C 3 .   ? -0.087  4.131   15.388  1.00 28.39 ? 10138 HOH A O    1 
HETATM 1159 O  O    . HOH C 3 .   ? 10.663  -1.226  6.936   1.00 19.47 ? 10139 HOH A O    1 
HETATM 1160 O  O    . HOH C 3 .   ? 2.623   -12.097 15.344  1.00 24.33 ? 10140 HOH A O    1 
HETATM 1161 O  O    . HOH C 3 .   ? -8.705  2.602   17.155  1.00 30.17 ? 10141 HOH A O    1 
HETATM 1162 O  O    . HOH C 3 .   ? 9.016   22.110  0.248   1.00 27.58 ? 10142 HOH A O    1 
HETATM 1163 O  O    . HOH C 3 .   ? 17.886  3.056   3.542   1.00 21.13 ? 10143 HOH A O    1 
HETATM 1164 O  O    . HOH C 3 .   ? 13.005  16.979  -12.193 1.00 32.63 ? 10144 HOH A O    1 
HETATM 1165 O  O    . HOH C 3 .   ? -9.673  -17.506 -5.132  1.00 21.90 ? 10145 HOH A O    1 
HETATM 1166 O  O    . HOH C 3 .   ? 5.932   -12.220 11.646  1.00 18.34 ? 10146 HOH A O    1 
HETATM 1167 O  O    . HOH C 3 .   ? 8.085   -8.278  -6.522  1.00 23.11 ? 10147 HOH A O    1 
HETATM 1168 O  O    . HOH C 3 .   ? 4.538   -2.635  14.073  1.00 29.52 ? 10148 HOH A O    1 
HETATM 1169 O  O    . HOH C 3 .   ? -0.974  -21.744 7.908   1.00 27.02 ? 10149 HOH A O    1 
HETATM 1170 O  O    . HOH C 3 .   ? 13.640  12.806  4.860   0.50 9.40  ? 10150 HOH A O    1 
HETATM 1171 O  O    . HOH C 3 .   ? -13.376 -7.152  -1.942  1.00 23.78 ? 10151 HOH A O    1 
HETATM 1172 O  O    . HOH C 3 .   ? 8.129   -8.717  10.243  1.00 40.51 ? 10152 HOH A O    1 
HETATM 1173 O  O    . HOH C 3 .   ? 4.306   1.967   14.150  1.00 23.90 ? 10153 HOH A O    1 
HETATM 1174 O  O    . HOH C 3 .   ? 13.159  -2.103  7.530   1.00 29.14 ? 10154 HOH A O    1 
HETATM 1175 O  O    . HOH C 3 .   ? 18.865  0.983   5.409   1.00 30.60 ? 10155 HOH A O    1 
# 
loop_
_pdbx_poly_seq_scheme.asym_id 
_pdbx_poly_seq_scheme.entity_id 
_pdbx_poly_seq_scheme.seq_id 
_pdbx_poly_seq_scheme.mon_id 
_pdbx_poly_seq_scheme.ndb_seq_num 
_pdbx_poly_seq_scheme.pdb_seq_num 
_pdbx_poly_seq_scheme.auth_seq_num 
_pdbx_poly_seq_scheme.pdb_mon_id 
_pdbx_poly_seq_scheme.auth_mon_id 
_pdbx_poly_seq_scheme.pdb_strand_id 
_pdbx_poly_seq_scheme.pdb_ins_code 
_pdbx_poly_seq_scheme.hetero 
A 1 1   MET 1   76  ?   ?   ?   A . n 
A 1 2   ALA 2   77  ?   ?   ?   A . n 
A 1 3   HIS 3   78  ?   ?   ?   A . n 
A 1 4   HIS 4   79  ?   ?   ?   A . n 
A 1 5   HIS 5   80  ?   ?   ?   A . n 
A 1 6   HIS 6   81  ?   ?   ?   A . n 
A 1 7   HIS 7   82  ?   ?   ?   A . n 
A 1 8   HIS 8   83  ?   ?   ?   A . n 
A 1 9   HIS 9   84  ?   ?   ?   A . n 
A 1 10  HIS 10  85  ?   ?   ?   A . n 
A 1 11  GLU 11  86  ?   ?   ?   A . n 
A 1 12  ASN 12  87  ?   ?   ?   A . n 
A 1 13  LEU 13  88  ?   ?   ?   A . n 
A 1 14  TYR 14  89  ?   ?   ?   A . n 
A 1 15  PHE 15  90  ?   ?   ?   A . n 
A 1 16  GLN 16  91  ?   ?   ?   A . n 
A 1 17  SER 17  92  ?   ?   ?   A . n 
A 1 18  ARG 18  93  ?   ?   ?   A . n 
A 1 19  GLN 19  94  ?   ?   ?   A . n 
A 1 20  ALA 20  95  ?   ?   ?   A . n 
A 1 21  PHE 21  96  ?   ?   ?   A . n 
A 1 22  ARG 22  97  ?   ?   ?   A . n 
A 1 23  LYS 23  98  ?   ?   ?   A . n 
A 1 24  PHE 24  99  ?   ?   ?   A . n 
A 1 25  THR 25  100 ?   ?   ?   A . n 
A 1 26  LYS 26  101 ?   ?   ?   A . n 
A 1 27  SER 27  102 ?   ?   ?   A . n 
A 1 28  GLU 28  103 ?   ?   ?   A . n 
A 1 29  ARG 29  104 ?   ?   ?   A . n 
A 1 30  SER 30  105 ?   ?   ?   A . n 
A 1 31  LYS 31  106 ?   ?   ?   A . n 
A 1 32  ASP 32  107 ?   ?   ?   A . n 
A 1 33  LEU 33  108 ?   ?   ?   A . n 
A 1 34  ILE 34  109 ?   ?   ?   A . n 
A 1 35  LYS 35  110 ?   ?   ?   A . n 
A 1 36  GLU 36  111 ?   ?   ?   A . n 
A 1 37  ALA 37  112 ?   ?   ?   A . n 
A 1 38  ILE 38  113 ?   ?   ?   A . n 
A 1 39  LEU 39  114 ?   ?   ?   A . n 
A 1 40  ASP 40  115 ?   ?   ?   A . n 
A 1 41  ASN 41  116 ?   ?   ?   A . n 
A 1 42  ASP 42  117 ?   ?   ?   A . n 
A 1 43  PHE 43  118 ?   ?   ?   A . n 
A 1 44  MET 44  119 ?   ?   ?   A . n 
A 1 45  LYS 45  120 ?   ?   ?   A . n 
A 1 46  ASN 46  121 ?   ?   ?   A . n 
A 1 47  LEU 47  122 ?   ?   ?   A . n 
A 1 48  GLU 48  123 ?   ?   ?   A . n 
A 1 49  LEU 49  124 ?   ?   ?   A . n 
A 1 50  SER 50  125 ?   ?   ?   A . n 
A 1 51  GLN 51  126 ?   ?   ?   A . n 
A 1 52  ILE 52  127 ?   ?   ?   A . n 
A 1 53  GLN 53  128 ?   ?   ?   A . n 
A 1 54  GLU 54  129 ?   ?   ?   A . n 
A 1 55  ILE 55  130 ?   ?   ?   A . n 
A 1 56  VAL 56  131 ?   ?   ?   A . n 
A 1 57  ASP 57  132 ?   ?   ?   A . n 
A 1 58  CYS 58  133 ?   ?   ?   A . n 
A 1 59  MET 59  134 ?   ?   ?   A . n 
A 1 60  TYR 60  135 ?   ?   ?   A . n 
A 1 61  PRO 61  136 ?   ?   ?   A . n 
A 1 62  VAL 62  137 ?   ?   ?   A . n 
A 1 63  GLU 63  138 ?   ?   ?   A . n 
A 1 64  TYR 64  139 ?   ?   ?   A . n 
A 1 65  GLY 65  140 ?   ?   ?   A . n 
A 1 66  LYS 66  141 ?   ?   ?   A . n 
A 1 67  ASP 67  142 ?   ?   ?   A . n 
A 1 68  SER 68  143 ?   ?   ?   A . n 
A 1 69  CYS 69  144 ?   ?   ?   A . n 
A 1 70  ILE 70  145 ?   ?   ?   A . n 
A 1 71  ILE 71  146 ?   ?   ?   A . n 
A 1 72  LYS 72  147 ?   ?   ?   A . n 
A 1 73  GLU 73  148 ?   ?   ?   A . n 
A 1 74  GLY 74  149 ?   ?   ?   A . n 
A 1 75  ASP 75  150 ?   ?   ?   A . n 
A 1 76  VAL 76  151 ?   ?   ?   A . n 
A 1 77  GLY 77  152 ?   ?   ?   A . n 
A 1 78  SER 78  153 ?   ?   ?   A . n 
A 1 79  LEU 79  154 ?   ?   ?   A . n 
A 1 80  VAL 80  155 ?   ?   ?   A . n 
A 1 81  TYR 81  156 ?   ?   ?   A . n 
A 1 82  VAL 82  157 ?   ?   ?   A . n 
A 1 83  MET 83  158 ?   ?   ?   A . n 
A 1 84  GLU 84  159 ?   ?   ?   A . n 
A 1 85  ASP 85  160 ?   ?   ?   A . n 
A 1 86  GLY 86  161 ?   ?   ?   A . n 
A 1 87  LYS 87  162 ?   ?   ?   A . n 
A 1 88  VAL 88  163 ?   ?   ?   A . n 
A 1 89  GLU 89  164 ?   ?   ?   A . n 
A 1 90  VAL 90  165 ?   ?   ?   A . n 
A 1 91  THR 91  166 ?   ?   ?   A . n 
A 1 92  LYS 92  167 ?   ?   ?   A . n 
A 1 93  GLU 93  168 ?   ?   ?   A . n 
A 1 94  GLY 94  169 ?   ?   ?   A . n 
A 1 95  VAL 95  170 ?   ?   ?   A . n 
A 1 96  LYS 96  171 ?   ?   ?   A . n 
A 1 97  LEU 97  172 ?   ?   ?   A . n 
A 1 98  CYS 98  173 ?   ?   ?   A . n 
A 1 99  THR 99  174 ?   ?   ?   A . n 
A 1 100 MET 100 175 ?   ?   ?   A . n 
A 1 101 GLY 101 176 ?   ?   ?   A . n 
A 1 102 PRO 102 177 ?   ?   ?   A . n 
A 1 103 GLY 103 178 ?   ?   ?   A . n 
A 1 104 LYS 104 179 ?   ?   ?   A . n 
A 1 105 VAL 105 180 ?   ?   ?   A . n 
A 1 106 PHE 106 181 ?   ?   ?   A . n 
A 1 107 GLY 107 182 ?   ?   ?   A . n 
A 1 108 GLU 108 183 ?   ?   ?   A . n 
A 1 109 LEU 109 184 ?   ?   ?   A . n 
A 1 110 ALA 110 185 ?   ?   ?   A . n 
A 1 111 ILE 111 186 ?   ?   ?   A . n 
A 1 112 LEU 112 187 ?   ?   ?   A . n 
A 1 113 TYR 113 188 ?   ?   ?   A . n 
A 1 114 ASN 114 189 ?   ?   ?   A . n 
A 1 115 CYS 115 190 ?   ?   ?   A . n 
A 1 116 THR 116 191 ?   ?   ?   A . n 
A 1 117 ARG 117 192 ?   ?   ?   A . n 
A 1 118 THR 118 193 ?   ?   ?   A . n 
A 1 119 ALA 119 194 ?   ?   ?   A . n 
A 1 120 THR 120 195 ?   ?   ?   A . n 
A 1 121 VAL 121 196 ?   ?   ?   A . n 
A 1 122 LYS 122 197 ?   ?   ?   A . n 
A 1 123 THR 123 198 ?   ?   ?   A . n 
A 1 124 LEU 124 199 ?   ?   ?   A . n 
A 1 125 VAL 125 200 ?   ?   ?   A . n 
A 1 126 ASN 126 201 ?   ?   ?   A . n 
A 1 127 VAL 127 202 ?   ?   ?   A . n 
A 1 128 LYS 128 203 ?   ?   ?   A . n 
A 1 129 LEU 129 204 ?   ?   ?   A . n 
A 1 130 TRP 130 205 ?   ?   ?   A . n 
A 1 131 ALA 131 206 ?   ?   ?   A . n 
A 1 132 ILE 132 207 ?   ?   ?   A . n 
A 1 133 ASP 133 208 ?   ?   ?   A . n 
A 1 134 ARG 134 209 ?   ?   ?   A . n 
A 1 135 GLN 135 210 ?   ?   ?   A . n 
A 1 136 CYS 136 211 ?   ?   ?   A . n 
A 1 137 PHE 137 212 ?   ?   ?   A . n 
A 1 138 GLN 138 213 ?   ?   ?   A . n 
A 1 139 THR 139 214 ?   ?   ?   A . n 
A 1 140 ILE 140 215 ?   ?   ?   A . n 
A 1 141 MET 141 216 ?   ?   ?   A . n 
A 1 142 MET 142 217 ?   ?   ?   A . n 
A 1 143 SER 143 218 218 SER SER A . n 
A 1 144 THR 144 219 219 THR THR A . n 
A 1 145 GLY 145 220 220 GLY GLY A . n 
A 1 146 LEU 146 221 221 LEU LEU A . n 
A 1 147 ILE 147 222 222 ILE ILE A . n 
A 1 148 LYS 148 223 223 LYS LYS A . n 
A 1 149 HIS 149 224 224 HIS HIS A . n 
A 1 150 THR 150 225 225 THR THR A . n 
A 1 151 GLU 151 226 226 GLU GLU A . n 
A 1 152 TYR 152 227 227 TYR TYR A . n 
A 1 153 MET 153 228 228 MET MET A . n 
A 1 154 GLU 154 229 229 GLU GLU A . n 
A 1 155 PHE 155 230 230 PHE PHE A . n 
A 1 156 LEU 156 231 231 LEU LEU A . n 
A 1 157 LYS 157 232 232 LYS LYS A . n 
A 1 158 SER 158 233 233 SER SER A . n 
A 1 159 VAL 159 234 234 VAL VAL A . n 
A 1 160 PRO 160 235 235 PRO PRO A . n 
A 1 161 THR 161 236 236 THR THR A . n 
A 1 162 PHE 162 237 237 PHE PHE A . n 
A 1 163 GLN 163 238 238 GLN GLN A . n 
A 1 164 SER 164 239 239 SER SER A . n 
A 1 165 LEU 165 240 240 LEU LEU A . n 
A 1 166 PRO 166 241 241 PRO PRO A . n 
A 1 167 GLU 167 242 242 GLU GLU A . n 
A 1 168 GLU 168 243 243 GLU GLU A . n 
A 1 169 ILE 169 244 244 ILE ILE A . n 
A 1 170 LEU 170 245 245 LEU LEU A . n 
A 1 171 SER 171 246 246 SER SER A . n 
A 1 172 LYS 172 247 247 LYS LYS A . n 
A 1 173 LEU 173 248 248 LEU LEU A . n 
A 1 174 ALA 174 249 249 ALA ALA A . n 
A 1 175 ASP 175 250 250 ASP ASP A . n 
A 1 176 VAL 176 251 251 VAL VAL A . n 
A 1 177 LEU 177 252 252 LEU LEU A . n 
A 1 178 GLU 178 253 253 GLU GLU A . n 
A 1 179 GLU 179 254 254 GLU GLU A . n 
A 1 180 THR 180 255 255 THR THR A . n 
A 1 181 HIS 181 256 256 HIS HIS A . n 
A 1 182 TYR 182 257 257 TYR TYR A . n 
A 1 183 GLU 183 258 258 GLU GLU A . n 
A 1 184 ASN 184 259 259 ASN ASN A . n 
A 1 185 GLY 185 260 260 GLY GLY A . n 
A 1 186 GLU 186 261 261 GLU GLU A . n 
A 1 187 TYR 187 262 262 TYR TYR A . n 
A 1 188 ILE 188 263 263 ILE ILE A . n 
A 1 189 ILE 189 264 264 ILE ILE A . n 
A 1 190 ARG 190 265 265 ARG ARG A . n 
A 1 191 GLN 191 266 266 GLN GLN A . n 
A 1 192 GLY 192 267 267 GLY GLY A . n 
A 1 193 ALA 193 268 268 ALA ALA A . n 
A 1 194 ARG 194 269 269 ARG ARG A . n 
A 1 195 GLY 195 270 270 GLY GLY A . n 
A 1 196 ASP 196 271 271 ASP ASP A . n 
A 1 197 THR 197 272 272 THR THR A . n 
A 1 198 PHE 198 273 273 PHE PHE A . n 
A 1 199 PHE 199 274 274 PHE PHE A . n 
A 1 200 ILE 200 275 275 ILE ILE A . n 
A 1 201 ILE 201 276 276 ILE ILE A . n 
A 1 202 SER 202 277 277 SER SER A . n 
A 1 203 LYS 203 278 278 LYS LYS A . n 
A 1 204 GLY 204 279 279 GLY GLY A . n 
A 1 205 THR 205 280 280 THR THR A . n 
A 1 206 VAL 206 281 281 VAL VAL A . n 
A 1 207 ASN 207 282 282 ASN ASN A . n 
A 1 208 VAL 208 283 283 VAL VAL A . n 
A 1 209 THR 209 284 284 THR THR A . n 
A 1 210 ARG 210 285 285 ARG ARG A . n 
A 1 211 GLU 211 286 286 GLU GLU A . n 
A 1 212 ASP 212 287 287 ASP ASP A . n 
A 1 213 SER 213 288 288 SER SER A . n 
A 1 214 PRO 214 289 ?   ?   ?   A . n 
A 1 215 SER 215 290 ?   ?   ?   A . n 
A 1 216 GLU 216 291 ?   ?   ?   A . n 
A 1 217 ASP 217 292 292 ASP ASP A . n 
A 1 218 PRO 218 293 293 PRO PRO A . n 
A 1 219 VAL 219 294 294 VAL VAL A . n 
A 1 220 PHE 220 295 295 PHE PHE A . n 
A 1 221 LEU 221 296 296 LEU LEU A . n 
A 1 222 ARG 222 297 297 ARG ARG A . n 
A 1 223 THR 223 298 298 THR THR A . n 
A 1 224 LEU 224 299 299 LEU LEU A . n 
A 1 225 GLY 225 300 300 GLY GLY A . n 
A 1 226 LYS 226 301 301 LYS LYS A . n 
A 1 227 GLY 227 302 302 GLY GLY A . n 
A 1 228 ASP 228 303 303 ASP ASP A . n 
A 1 229 TRP 229 304 304 TRP TRP A . n 
A 1 230 PHE 230 305 305 PHE PHE A . n 
A 1 231 GLY 231 306 306 GLY GLY A . n 
A 1 232 GLU 232 307 307 GLU GLU A . n 
A 1 233 LYS 233 308 308 LYS LYS A . n 
A 1 234 ALA 234 309 309 ALA ALA A . n 
A 1 235 LEU 235 310 310 LEU LEU A . n 
A 1 236 GLN 236 311 311 GLN GLN A . n 
A 1 237 GLY 237 312 312 GLY GLY A . n 
A 1 238 GLU 238 313 313 GLU GLU A . n 
A 1 239 ASP 239 314 314 ASP ASP A . n 
A 1 240 VAL 240 315 315 VAL VAL A . n 
A 1 241 ARG 241 316 316 ARG ARG A . n 
A 1 242 THR 242 317 317 THR THR A . n 
A 1 243 ALA 243 318 318 ALA ALA A . n 
A 1 244 ASN 244 319 319 ASN ASN A . n 
A 1 245 VAL 245 320 320 VAL VAL A . n 
A 1 246 ILE 246 321 321 ILE ILE A . n 
A 1 247 ALA 247 322 322 ALA ALA A . n 
A 1 248 ALA 248 323 323 ALA ALA A . n 
A 1 249 GLU 249 324 324 GLU GLU A . n 
A 1 250 ALA 250 325 325 ALA ALA A . n 
A 1 251 VAL 251 326 326 VAL VAL A . n 
A 1 252 THR 252 327 327 THR THR A . n 
A 1 253 CYS 253 328 328 CYS CYS A . n 
A 1 254 LEU 254 329 329 LEU LEU A . n 
A 1 255 VAL 255 330 330 VAL VAL A . n 
A 1 256 ILE 256 331 331 ILE ILE A . n 
A 1 257 ASP 257 332 332 ASP ASP A . n 
A 1 258 ARG 258 333 333 ARG ARG A . n 
A 1 259 ASP 259 334 334 ASP ASP A . n 
A 1 260 SER 260 335 335 SER SER A . n 
A 1 261 PHE 261 336 336 PHE PHE A . n 
A 1 262 LYS 262 337 337 LYS LYS A . n 
A 1 263 HIS 263 338 338 HIS HIS A . n 
A 1 264 LEU 264 339 339 LEU LEU A . n 
A 1 265 ILE 265 340 340 ILE ILE A . n 
A 1 266 GLY 266 341 341 GLY GLY A . n 
A 1 267 GLY 267 342 342 GLY GLY A . n 
A 1 268 LEU 268 343 343 LEU LEU A . n 
# 
_pdbx_contact_author.id                 2 
_pdbx_contact_author.email              thierry.fischmann@merck.com 
_pdbx_contact_author.name_first         Thierry 
_pdbx_contact_author.name_last          Fischmann 
_pdbx_contact_author.name_mi            O 
_pdbx_contact_author.role               'principal investigator/group leader' 
_pdbx_contact_author.identifier_ORCID   0000-0003-3406-3061 
# 
loop_
_pdbx_nonpoly_scheme.asym_id 
_pdbx_nonpoly_scheme.entity_id 
_pdbx_nonpoly_scheme.mon_id 
_pdbx_nonpoly_scheme.ndb_seq_num 
_pdbx_nonpoly_scheme.pdb_seq_num 
_pdbx_nonpoly_scheme.auth_seq_num 
_pdbx_nonpoly_scheme.pdb_mon_id 
_pdbx_nonpoly_scheme.auth_mon_id 
_pdbx_nonpoly_scheme.pdb_strand_id 
_pdbx_nonpoly_scheme.pdb_ins_code 
B 2 B4I 1   9901  9901 B4I SCH A . 
C 3 HOH 1   10001 97   HOH WAT A . 
C 3 HOH 2   10002 91   HOH WAT A . 
C 3 HOH 3   10003 49   HOH WAT A . 
C 3 HOH 4   10004 29   HOH WAT A . 
C 3 HOH 5   10005 93   HOH WAT A . 
C 3 HOH 6   10006 22   HOH WAT A . 
C 3 HOH 7   10007 74   HOH WAT A . 
C 3 HOH 8   10008 119  HOH WAT A . 
C 3 HOH 9   10009 135  HOH WAT A . 
C 3 HOH 10  10010 33   HOH WAT A . 
C 3 HOH 11  10011 16   HOH WAT A . 
C 3 HOH 12  10012 129  HOH WAT A . 
C 3 HOH 13  10013 140  HOH WAT A . 
C 3 HOH 14  10014 145  HOH WAT A . 
C 3 HOH 15  10015 12   HOH WAT A . 
C 3 HOH 16  10016 58   HOH WAT A . 
C 3 HOH 17  10017 54   HOH WAT A . 
C 3 HOH 18  10018 67   HOH WAT A . 
C 3 HOH 19  10019 81   HOH WAT A . 
C 3 HOH 20  10020 21   HOH WAT A . 
C 3 HOH 21  10021 113  HOH WAT A . 
C 3 HOH 22  10022 8    HOH WAT A . 
C 3 HOH 23  10023 114  HOH WAT A . 
C 3 HOH 24  10024 34   HOH WAT A . 
C 3 HOH 25  10025 126  HOH WAT A . 
C 3 HOH 26  10026 86   HOH WAT A . 
C 3 HOH 27  10027 3    HOH WAT A . 
C 3 HOH 28  10028 77   HOH WAT A . 
C 3 HOH 29  10029 50   HOH WAT A . 
C 3 HOH 30  10030 121  HOH WAT A . 
C 3 HOH 31  10031 15   HOH WAT A . 
C 3 HOH 32  10032 115  HOH WAT A . 
C 3 HOH 33  10033 152  HOH WAT A . 
C 3 HOH 34  10034 137  HOH WAT A . 
C 3 HOH 35  10035 31   HOH WAT A . 
C 3 HOH 36  10036 13   HOH WAT A . 
C 3 HOH 37  10037 24   HOH WAT A . 
C 3 HOH 38  10038 90   HOH WAT A . 
C 3 HOH 39  10039 127  HOH WAT A . 
C 3 HOH 40  10040 60   HOH WAT A . 
C 3 HOH 41  10041 36   HOH WAT A . 
C 3 HOH 42  10042 76   HOH WAT A . 
C 3 HOH 43  10043 149  HOH WAT A . 
C 3 HOH 44  10044 96   HOH WAT A . 
C 3 HOH 45  10045 151  HOH WAT A . 
C 3 HOH 46  10046 26   HOH WAT A . 
C 3 HOH 47  10047 23   HOH WAT A . 
C 3 HOH 48  10048 85   HOH WAT A . 
C 3 HOH 49  10049 131  HOH WAT A . 
C 3 HOH 50  10050 75   HOH WAT A . 
C 3 HOH 51  10051 89   HOH WAT A . 
C 3 HOH 52  10052 35   HOH WAT A . 
C 3 HOH 53  10053 43   HOH WAT A . 
C 3 HOH 54  10054 138  HOH WAT A . 
C 3 HOH 55  10055 11   HOH WAT A . 
C 3 HOH 56  10056 14   HOH WAT A . 
C 3 HOH 57  10057 100  HOH WAT A . 
C 3 HOH 58  10058 94   HOH WAT A . 
C 3 HOH 59  10059 108  HOH WAT A . 
C 3 HOH 60  10060 19   HOH WAT A . 
C 3 HOH 61  10061 25   HOH WAT A . 
C 3 HOH 62  10062 83   HOH WAT A . 
C 3 HOH 63  10063 106  HOH WAT A . 
C 3 HOH 64  10064 32   HOH WAT A . 
C 3 HOH 65  10065 55   HOH WAT A . 
C 3 HOH 66  10066 44   HOH WAT A . 
C 3 HOH 67  10067 2    HOH WAT A . 
C 3 HOH 68  10068 124  HOH WAT A . 
C 3 HOH 69  10069 69   HOH WAT A . 
C 3 HOH 70  10070 88   HOH WAT A . 
C 3 HOH 71  10071 87   HOH WAT A . 
C 3 HOH 72  10072 99   HOH WAT A . 
C 3 HOH 73  10073 139  HOH WAT A . 
C 3 HOH 74  10074 51   HOH WAT A . 
C 3 HOH 75  10075 117  HOH WAT A . 
C 3 HOH 76  10076 122  HOH WAT A . 
C 3 HOH 77  10077 146  HOH WAT A . 
C 3 HOH 78  10078 118  HOH WAT A . 
C 3 HOH 79  10079 128  HOH WAT A . 
C 3 HOH 80  10080 150  HOH WAT A . 
C 3 HOH 81  10081 111  HOH WAT A . 
C 3 HOH 82  10082 17   HOH WAT A . 
C 3 HOH 83  10083 70   HOH WAT A . 
C 3 HOH 84  10084 143  HOH WAT A . 
C 3 HOH 85  10085 27   HOH WAT A . 
C 3 HOH 86  10086 98   HOH WAT A . 
C 3 HOH 87  10087 63   HOH WAT A . 
C 3 HOH 88  10088 56   HOH WAT A . 
C 3 HOH 89  10089 52   HOH WAT A . 
C 3 HOH 90  10090 37   HOH WAT A . 
C 3 HOH 91  10091 48   HOH WAT A . 
C 3 HOH 92  10092 1    HOH WAT A . 
C 3 HOH 93  10093 53   HOH WAT A . 
C 3 HOH 94  10094 42   HOH WAT A . 
C 3 HOH 95  10095 28   HOH WAT A . 
C 3 HOH 96  10096 123  HOH WAT A . 
C 3 HOH 97  10097 82   HOH WAT A . 
C 3 HOH 98  10098 84   HOH WAT A . 
C 3 HOH 99  10099 6    HOH WAT A . 
C 3 HOH 100 10100 155  HOH WAT A . 
C 3 HOH 101 10101 104  HOH WAT A . 
C 3 HOH 102 10102 38   HOH WAT A . 
C 3 HOH 103 10103 153  HOH WAT A . 
C 3 HOH 104 10104 41   HOH WAT A . 
C 3 HOH 105 10105 109  HOH WAT A . 
C 3 HOH 106 10106 125  HOH WAT A . 
C 3 HOH 107 10107 39   HOH WAT A . 
C 3 HOH 108 10108 10   HOH WAT A . 
C 3 HOH 109 10109 132  HOH WAT A . 
C 3 HOH 110 10110 9    HOH WAT A . 
C 3 HOH 111 10111 142  HOH WAT A . 
C 3 HOH 112 10112 103  HOH WAT A . 
C 3 HOH 113 10113 4    HOH WAT A . 
C 3 HOH 114 10114 71   HOH WAT A . 
C 3 HOH 115 10115 18   HOH WAT A . 
C 3 HOH 116 10116 92   HOH WAT A . 
C 3 HOH 117 10117 101  HOH WAT A . 
C 3 HOH 118 10118 80   HOH WAT A . 
C 3 HOH 119 10119 59   HOH WAT A . 
C 3 HOH 120 10120 30   HOH WAT A . 
C 3 HOH 121 10121 7    HOH WAT A . 
C 3 HOH 122 10122 79   HOH WAT A . 
C 3 HOH 123 10123 95   HOH WAT A . 
C 3 HOH 124 10124 141  HOH WAT A . 
C 3 HOH 125 10125 154  HOH WAT A . 
C 3 HOH 126 10126 47   HOH WAT A . 
C 3 HOH 127 10127 107  HOH WAT A . 
C 3 HOH 128 10128 148  HOH WAT A . 
C 3 HOH 129 10129 144  HOH WAT A . 
C 3 HOH 130 10130 78   HOH WAT A . 
C 3 HOH 131 10131 130  HOH WAT A . 
C 3 HOH 132 10132 72   HOH WAT A . 
C 3 HOH 133 10133 73   HOH WAT A . 
C 3 HOH 134 10134 120  HOH WAT A . 
C 3 HOH 135 10135 147  HOH WAT A . 
C 3 HOH 136 10136 57   HOH WAT A . 
C 3 HOH 137 10137 105  HOH WAT A . 
C 3 HOH 138 10138 40   HOH WAT A . 
C 3 HOH 139 10139 20   HOH WAT A . 
C 3 HOH 140 10140 64   HOH WAT A . 
C 3 HOH 141 10141 116  HOH WAT A . 
C 3 HOH 142 10142 45   HOH WAT A . 
C 3 HOH 143 10143 66   HOH WAT A . 
C 3 HOH 144 10144 134  HOH WAT A . 
C 3 HOH 145 10145 112  HOH WAT A . 
C 3 HOH 146 10146 62   HOH WAT A . 
C 3 HOH 147 10147 110  HOH WAT A . 
C 3 HOH 148 10148 133  HOH WAT A . 
C 3 HOH 149 10149 68   HOH WAT A . 
C 3 HOH 150 10150 5    HOH WAT A . 
C 3 HOH 151 10151 46   HOH WAT A . 
C 3 HOH 152 10152 136  HOH WAT A . 
C 3 HOH 153 10153 102  HOH WAT A . 
C 3 HOH 154 10154 61   HOH WAT A . 
C 3 HOH 155 10155 65   HOH WAT A . 
# 
_pdbx_struct_assembly.id                   1 
_pdbx_struct_assembly.details              author_and_software_defined_assembly 
_pdbx_struct_assembly.method_details       PISA 
_pdbx_struct_assembly.oligomeric_details   monomeric 
_pdbx_struct_assembly.oligomeric_count     1 
# 
_pdbx_struct_assembly_gen.assembly_id       1 
_pdbx_struct_assembly_gen.oper_expression   1 
_pdbx_struct_assembly_gen.asym_id_list      A,B,C 
# 
_pdbx_struct_oper_list.id                   1 
_pdbx_struct_oper_list.type                 'identity operation' 
_pdbx_struct_oper_list.name                 1_555 
_pdbx_struct_oper_list.symmetry_operation   x,y,z 
_pdbx_struct_oper_list.matrix[1][1]         1.0000000000 
_pdbx_struct_oper_list.matrix[1][2]         0.0000000000 
_pdbx_struct_oper_list.matrix[1][3]         0.0000000000 
_pdbx_struct_oper_list.vector[1]            0.0000000000 
_pdbx_struct_oper_list.matrix[2][1]         0.0000000000 
_pdbx_struct_oper_list.matrix[2][2]         1.0000000000 
_pdbx_struct_oper_list.matrix[2][3]         0.0000000000 
_pdbx_struct_oper_list.vector[2]            0.0000000000 
_pdbx_struct_oper_list.matrix[3][1]         0.0000000000 
_pdbx_struct_oper_list.matrix[3][2]         0.0000000000 
_pdbx_struct_oper_list.matrix[3][3]         1.0000000000 
_pdbx_struct_oper_list.vector[3]            0.0000000000 
# 
_pdbx_struct_special_symmetry.id              1 
_pdbx_struct_special_symmetry.PDB_model_num   1 
_pdbx_struct_special_symmetry.auth_asym_id    A 
_pdbx_struct_special_symmetry.auth_comp_id    HOH 
_pdbx_struct_special_symmetry.auth_seq_id     10150 
_pdbx_struct_special_symmetry.PDB_ins_code    ? 
_pdbx_struct_special_symmetry.label_asym_id   C 
_pdbx_struct_special_symmetry.label_comp_id   HOH 
_pdbx_struct_special_symmetry.label_seq_id    . 
# 
loop_
_pdbx_audit_revision_history.ordinal 
_pdbx_audit_revision_history.data_content_type 
_pdbx_audit_revision_history.major_revision 
_pdbx_audit_revision_history.minor_revision 
_pdbx_audit_revision_history.revision_date 
1 'Structure model' 1 0 2022-08-24 
2 'Structure model' 1 1 2023-10-18 
# 
_pdbx_audit_revision_details.ordinal             1 
_pdbx_audit_revision_details.revision_ordinal    1 
_pdbx_audit_revision_details.data_content_type   'Structure model' 
_pdbx_audit_revision_details.provider            repository 
_pdbx_audit_revision_details.type                'Initial release' 
_pdbx_audit_revision_details.description         ? 
_pdbx_audit_revision_details.details             ? 
# 
loop_
_pdbx_audit_revision_group.ordinal 
_pdbx_audit_revision_group.revision_ordinal 
_pdbx_audit_revision_group.data_content_type 
_pdbx_audit_revision_group.group 
1 2 'Structure model' 'Data collection'        
2 2 'Structure model' 'Refinement description' 
# 
loop_
_pdbx_audit_revision_category.ordinal 
_pdbx_audit_revision_category.revision_ordinal 
_pdbx_audit_revision_category.data_content_type 
_pdbx_audit_revision_category.category 
1 2 'Structure model' chem_comp_atom                
2 2 'Structure model' chem_comp_bond                
3 2 'Structure model' pdbx_initial_refinement_model 
# 
loop_
_software.citation_id 
_software.classification 
_software.compiler_name 
_software.compiler_version 
_software.contact_author 
_software.contact_author_email 
_software.date 
_software.description 
_software.dependencies 
_software.hardware 
_software.language 
_software.location 
_software.mods 
_software.name 
_software.os 
_software.os_version 
_software.type 
_software.version 
_software.pdbx_ordinal 
? 'data reduction'  ? ? ? ? ? ? ? ? ? ? ? XDS         ? ? ? .      1 
? 'data scaling'    ? ? ? ? ? ? ? ? ? ? ? Aimless     ? ? ? 0.5.31 2 
? refinement        ? ? ? ? ? ? ? ? ? ? ? BUSTER      ? ? ? 2.11.7 3 
? 'data extraction' ? ? ? ? ? ? ? ? ? ? ? PDB_EXTRACT ? ? ? 3.27   4 
? phasing           ? ? ? ? ? ? ? ? ? ? ? PHASER      ? ? ? .      5 
# 
_pdbx_entry_details.entry_id                 7SSB 
_pdbx_entry_details.nonpolymer_details       ? 
_pdbx_entry_details.sequence_details         ? 
_pdbx_entry_details.compound_details         ? 
_pdbx_entry_details.source_details           ? 
_pdbx_entry_details.has_ligand_of_interest   Y 
# 
_pdbx_validate_torsion.id              1 
_pdbx_validate_torsion.PDB_model_num   1 
_pdbx_validate_torsion.auth_comp_id    GLU 
_pdbx_validate_torsion.auth_asym_id    A 
_pdbx_validate_torsion.auth_seq_id     324 
_pdbx_validate_torsion.PDB_ins_code    ? 
_pdbx_validate_torsion.label_alt_id    ? 
_pdbx_validate_torsion.phi             -179.38 
_pdbx_validate_torsion.psi             -174.87 
# 
loop_
_pdbx_unobs_or_zero_occ_residues.id 
_pdbx_unobs_or_zero_occ_residues.PDB_model_num 
_pdbx_unobs_or_zero_occ_residues.polymer_flag 
_pdbx_unobs_or_zero_occ_residues.occupancy_flag 
_pdbx_unobs_or_zero_occ_residues.auth_asym_id 
_pdbx_unobs_or_zero_occ_residues.auth_comp_id 
_pdbx_unobs_or_zero_occ_residues.auth_seq_id 
_pdbx_unobs_or_zero_occ_residues.PDB_ins_code 
_pdbx_unobs_or_zero_occ_residues.label_asym_id 
_pdbx_unobs_or_zero_occ_residues.label_comp_id 
_pdbx_unobs_or_zero_occ_residues.label_seq_id 
1   1 Y 1 A MET 76  ? A MET 1   
2   1 Y 1 A ALA 77  ? A ALA 2   
3   1 Y 1 A HIS 78  ? A HIS 3   
4   1 Y 1 A HIS 79  ? A HIS 4   
5   1 Y 1 A HIS 80  ? A HIS 5   
6   1 Y 1 A HIS 81  ? A HIS 6   
7   1 Y 1 A HIS 82  ? A HIS 7   
8   1 Y 1 A HIS 83  ? A HIS 8   
9   1 Y 1 A HIS 84  ? A HIS 9   
10  1 Y 1 A HIS 85  ? A HIS 10  
11  1 Y 1 A GLU 86  ? A GLU 11  
12  1 Y 1 A ASN 87  ? A ASN 12  
13  1 Y 1 A LEU 88  ? A LEU 13  
14  1 Y 1 A TYR 89  ? A TYR 14  
15  1 Y 1 A PHE 90  ? A PHE 15  
16  1 Y 1 A GLN 91  ? A GLN 16  
17  1 Y 1 A SER 92  ? A SER 17  
18  1 Y 1 A ARG 93  ? A ARG 18  
19  1 Y 1 A GLN 94  ? A GLN 19  
20  1 Y 1 A ALA 95  ? A ALA 20  
21  1 Y 1 A PHE 96  ? A PHE 21  
22  1 Y 1 A ARG 97  ? A ARG 22  
23  1 Y 1 A LYS 98  ? A LYS 23  
24  1 Y 1 A PHE 99  ? A PHE 24  
25  1 Y 1 A THR 100 ? A THR 25  
26  1 Y 1 A LYS 101 ? A LYS 26  
27  1 Y 1 A SER 102 ? A SER 27  
28  1 Y 1 A GLU 103 ? A GLU 28  
29  1 Y 1 A ARG 104 ? A ARG 29  
30  1 Y 1 A SER 105 ? A SER 30  
31  1 Y 1 A LYS 106 ? A LYS 31  
32  1 Y 1 A ASP 107 ? A ASP 32  
33  1 Y 1 A LEU 108 ? A LEU 33  
34  1 Y 1 A ILE 109 ? A ILE 34  
35  1 Y 1 A LYS 110 ? A LYS 35  
36  1 Y 1 A GLU 111 ? A GLU 36  
37  1 Y 1 A ALA 112 ? A ALA 37  
38  1 Y 1 A ILE 113 ? A ILE 38  
39  1 Y 1 A LEU 114 ? A LEU 39  
40  1 Y 1 A ASP 115 ? A ASP 40  
41  1 Y 1 A ASN 116 ? A ASN 41  
42  1 Y 1 A ASP 117 ? A ASP 42  
43  1 Y 1 A PHE 118 ? A PHE 43  
44  1 Y 1 A MET 119 ? A MET 44  
45  1 Y 1 A LYS 120 ? A LYS 45  
46  1 Y 1 A ASN 121 ? A ASN 46  
47  1 Y 1 A LEU 122 ? A LEU 47  
48  1 Y 1 A GLU 123 ? A GLU 48  
49  1 Y 1 A LEU 124 ? A LEU 49  
50  1 Y 1 A SER 125 ? A SER 50  
51  1 Y 1 A GLN 126 ? A GLN 51  
52  1 Y 1 A ILE 127 ? A ILE 52  
53  1 Y 1 A GLN 128 ? A GLN 53  
54  1 Y 1 A GLU 129 ? A GLU 54  
55  1 Y 1 A ILE 130 ? A ILE 55  
56  1 Y 1 A VAL 131 ? A VAL 56  
57  1 Y 1 A ASP 132 ? A ASP 57  
58  1 Y 1 A CYS 133 ? A CYS 58  
59  1 Y 1 A MET 134 ? A MET 59  
60  1 Y 1 A TYR 135 ? A TYR 60  
61  1 Y 1 A PRO 136 ? A PRO 61  
62  1 Y 1 A VAL 137 ? A VAL 62  
63  1 Y 1 A GLU 138 ? A GLU 63  
64  1 Y 1 A TYR 139 ? A TYR 64  
65  1 Y 1 A GLY 140 ? A GLY 65  
66  1 Y 1 A LYS 141 ? A LYS 66  
67  1 Y 1 A ASP 142 ? A ASP 67  
68  1 Y 1 A SER 143 ? A SER 68  
69  1 Y 1 A CYS 144 ? A CYS 69  
70  1 Y 1 A ILE 145 ? A ILE 70  
71  1 Y 1 A ILE 146 ? A ILE 71  
72  1 Y 1 A LYS 147 ? A LYS 72  
73  1 Y 1 A GLU 148 ? A GLU 73  
74  1 Y 1 A GLY 149 ? A GLY 74  
75  1 Y 1 A ASP 150 ? A ASP 75  
76  1 Y 1 A VAL 151 ? A VAL 76  
77  1 Y 1 A GLY 152 ? A GLY 77  
78  1 Y 1 A SER 153 ? A SER 78  
79  1 Y 1 A LEU 154 ? A LEU 79  
80  1 Y 1 A VAL 155 ? A VAL 80  
81  1 Y 1 A TYR 156 ? A TYR 81  
82  1 Y 1 A VAL 157 ? A VAL 82  
83  1 Y 1 A MET 158 ? A MET 83  
84  1 Y 1 A GLU 159 ? A GLU 84  
85  1 Y 1 A ASP 160 ? A ASP 85  
86  1 Y 1 A GLY 161 ? A GLY 86  
87  1 Y 1 A LYS 162 ? A LYS 87  
88  1 Y 1 A VAL 163 ? A VAL 88  
89  1 Y 1 A GLU 164 ? A GLU 89  
90  1 Y 1 A VAL 165 ? A VAL 90  
91  1 Y 1 A THR 166 ? A THR 91  
92  1 Y 1 A LYS 167 ? A LYS 92  
93  1 Y 1 A GLU 168 ? A GLU 93  
94  1 Y 1 A GLY 169 ? A GLY 94  
95  1 Y 1 A VAL 170 ? A VAL 95  
96  1 Y 1 A LYS 171 ? A LYS 96  
97  1 Y 1 A LEU 172 ? A LEU 97  
98  1 Y 1 A CYS 173 ? A CYS 98  
99  1 Y 1 A THR 174 ? A THR 99  
100 1 Y 1 A MET 175 ? A MET 100 
101 1 Y 1 A GLY 176 ? A GLY 101 
102 1 Y 1 A PRO 177 ? A PRO 102 
103 1 Y 1 A GLY 178 ? A GLY 103 
104 1 Y 1 A LYS 179 ? A LYS 104 
105 1 Y 1 A VAL 180 ? A VAL 105 
106 1 Y 1 A PHE 181 ? A PHE 106 
107 1 Y 1 A GLY 182 ? A GLY 107 
108 1 Y 1 A GLU 183 ? A GLU 108 
109 1 Y 1 A LEU 184 ? A LEU 109 
110 1 Y 1 A ALA 185 ? A ALA 110 
111 1 Y 1 A ILE 186 ? A ILE 111 
112 1 Y 1 A LEU 187 ? A LEU 112 
113 1 Y 1 A TYR 188 ? A TYR 113 
114 1 Y 1 A ASN 189 ? A ASN 114 
115 1 Y 1 A CYS 190 ? A CYS 115 
116 1 Y 1 A THR 191 ? A THR 116 
117 1 Y 1 A ARG 192 ? A ARG 117 
118 1 Y 1 A THR 193 ? A THR 118 
119 1 Y 1 A ALA 194 ? A ALA 119 
120 1 Y 1 A THR 195 ? A THR 120 
121 1 Y 1 A VAL 196 ? A VAL 121 
122 1 Y 1 A LYS 197 ? A LYS 122 
123 1 Y 1 A THR 198 ? A THR 123 
124 1 Y 1 A LEU 199 ? A LEU 124 
125 1 Y 1 A VAL 200 ? A VAL 125 
126 1 Y 1 A ASN 201 ? A ASN 126 
127 1 Y 1 A VAL 202 ? A VAL 127 
128 1 Y 1 A LYS 203 ? A LYS 128 
129 1 Y 1 A LEU 204 ? A LEU 129 
130 1 Y 1 A TRP 205 ? A TRP 130 
131 1 Y 1 A ALA 206 ? A ALA 131 
132 1 Y 1 A ILE 207 ? A ILE 132 
133 1 Y 1 A ASP 208 ? A ASP 133 
134 1 Y 1 A ARG 209 ? A ARG 134 
135 1 Y 1 A GLN 210 ? A GLN 135 
136 1 Y 1 A CYS 211 ? A CYS 136 
137 1 Y 1 A PHE 212 ? A PHE 137 
138 1 Y 1 A GLN 213 ? A GLN 138 
139 1 Y 1 A THR 214 ? A THR 139 
140 1 Y 1 A ILE 215 ? A ILE 140 
141 1 Y 1 A MET 216 ? A MET 141 
142 1 Y 1 A MET 217 ? A MET 142 
143 1 Y 1 A PRO 289 ? A PRO 214 
144 1 Y 1 A SER 290 ? A SER 215 
145 1 Y 1 A GLU 291 ? A GLU 216 
# 
loop_
_chem_comp_atom.comp_id 
_chem_comp_atom.atom_id 
_chem_comp_atom.type_symbol 
_chem_comp_atom.pdbx_aromatic_flag 
_chem_comp_atom.pdbx_stereo_config 
_chem_comp_atom.pdbx_ordinal 
ALA N    N  N N 1   
ALA CA   C  N S 2   
ALA C    C  N N 3   
ALA O    O  N N 4   
ALA CB   C  N N 5   
ALA OXT  O  N N 6   
ALA H    H  N N 7   
ALA H2   H  N N 8   
ALA HA   H  N N 9   
ALA HB1  H  N N 10  
ALA HB2  H  N N 11  
ALA HB3  H  N N 12  
ALA HXT  H  N N 13  
ARG N    N  N N 14  
ARG CA   C  N S 15  
ARG C    C  N N 16  
ARG O    O  N N 17  
ARG CB   C  N N 18  
ARG CG   C  N N 19  
ARG CD   C  N N 20  
ARG NE   N  N N 21  
ARG CZ   C  N N 22  
ARG NH1  N  N N 23  
ARG NH2  N  N N 24  
ARG OXT  O  N N 25  
ARG H    H  N N 26  
ARG H2   H  N N 27  
ARG HA   H  N N 28  
ARG HB2  H  N N 29  
ARG HB3  H  N N 30  
ARG HG2  H  N N 31  
ARG HG3  H  N N 32  
ARG HD2  H  N N 33  
ARG HD3  H  N N 34  
ARG HE   H  N N 35  
ARG HH11 H  N N 36  
ARG HH12 H  N N 37  
ARG HH21 H  N N 38  
ARG HH22 H  N N 39  
ARG HXT  H  N N 40  
ASN N    N  N N 41  
ASN CA   C  N S 42  
ASN C    C  N N 43  
ASN O    O  N N 44  
ASN CB   C  N N 45  
ASN CG   C  N N 46  
ASN OD1  O  N N 47  
ASN ND2  N  N N 48  
ASN OXT  O  N N 49  
ASN H    H  N N 50  
ASN H2   H  N N 51  
ASN HA   H  N N 52  
ASN HB2  H  N N 53  
ASN HB3  H  N N 54  
ASN HD21 H  N N 55  
ASN HD22 H  N N 56  
ASN HXT  H  N N 57  
ASP N    N  N N 58  
ASP CA   C  N S 59  
ASP C    C  N N 60  
ASP O    O  N N 61  
ASP CB   C  N N 62  
ASP CG   C  N N 63  
ASP OD1  O  N N 64  
ASP OD2  O  N N 65  
ASP OXT  O  N N 66  
ASP H    H  N N 67  
ASP H2   H  N N 68  
ASP HA   H  N N 69  
ASP HB2  H  N N 70  
ASP HB3  H  N N 71  
ASP HD2  H  N N 72  
ASP HXT  H  N N 73  
B4I C1   C  Y N 74  
B4I C2   C  Y N 75  
B4I C6   C  Y N 76  
B4I C16  C  Y N 77  
B4I C3   C  Y N 78  
B4I C5   C  Y N 79  
B4I C15  C  Y N 80  
B4I C18  C  Y N 81  
B4I C31  C  Y N 82  
B4I C35  C  Y N 83  
B4I C33  C  Y N 84  
B4I C17  C  Y N 85  
B4I C4   C  Y N 86  
B4I C14  C  Y N 87  
B4I C30  C  Y N 88  
B4I C19  C  Y N 89  
B4I C32  C  Y N 90  
B4I C34  C  Y N 91  
B4I C23  C  N N 92  
B4I C10  C  N N 93  
B4I C9   C  N N 94  
B4I C11  C  N N 95  
B4I C7   C  N S 96  
B4I C8   C  N S 97  
B4I C13  C  N N 98  
B4I C28  C  N N 99  
B4I C27  C  N S 100 
B4I N20  N  N N 101 
B4I N12  N  N N 102 
B4I O25  O  N N 103 
B4I O22  O  N N 104 
B4I O24  O  N N 105 
B4I O21  O  N N 106 
B4I O29  O  N N 107 
B4I O26  O  N N 108 
B4I CL37 CL N N 109 
B4I CL36 CL N N 110 
B4I H1   H  N N 111 
B4I H2   H  N N 112 
B4I H3   H  N N 113 
B4I H4   H  N N 114 
B4I H5   H  N N 115 
B4I H6   H  N N 116 
B4I H7   H  N N 117 
B4I H8   H  N N 118 
B4I H9   H  N N 119 
B4I H10  H  N N 120 
B4I H11  H  N N 121 
B4I H12  H  N N 122 
B4I H13  H  N N 123 
B4I H14  H  N N 124 
B4I H15  H  N N 125 
B4I H16  H  N N 126 
B4I H17  H  N N 127 
B4I H18  H  N N 128 
B4I H19  H  N N 129 
B4I H20  H  N N 130 
B4I H21  H  N N 131 
B4I H22  H  N N 132 
B4I H23  H  N N 133 
B4I H24  H  N N 134 
B4I H26  H  N N 135 
B4I H27  H  N N 136 
CYS N    N  N N 137 
CYS CA   C  N R 138 
CYS C    C  N N 139 
CYS O    O  N N 140 
CYS CB   C  N N 141 
CYS SG   S  N N 142 
CYS OXT  O  N N 143 
CYS H    H  N N 144 
CYS H2   H  N N 145 
CYS HA   H  N N 146 
CYS HB2  H  N N 147 
CYS HB3  H  N N 148 
CYS HG   H  N N 149 
CYS HXT  H  N N 150 
GLN N    N  N N 151 
GLN CA   C  N S 152 
GLN C    C  N N 153 
GLN O    O  N N 154 
GLN CB   C  N N 155 
GLN CG   C  N N 156 
GLN CD   C  N N 157 
GLN OE1  O  N N 158 
GLN NE2  N  N N 159 
GLN OXT  O  N N 160 
GLN H    H  N N 161 
GLN H2   H  N N 162 
GLN HA   H  N N 163 
GLN HB2  H  N N 164 
GLN HB3  H  N N 165 
GLN HG2  H  N N 166 
GLN HG3  H  N N 167 
GLN HE21 H  N N 168 
GLN HE22 H  N N 169 
GLN HXT  H  N N 170 
GLU N    N  N N 171 
GLU CA   C  N S 172 
GLU C    C  N N 173 
GLU O    O  N N 174 
GLU CB   C  N N 175 
GLU CG   C  N N 176 
GLU CD   C  N N 177 
GLU OE1  O  N N 178 
GLU OE2  O  N N 179 
GLU OXT  O  N N 180 
GLU H    H  N N 181 
GLU H2   H  N N 182 
GLU HA   H  N N 183 
GLU HB2  H  N N 184 
GLU HB3  H  N N 185 
GLU HG2  H  N N 186 
GLU HG3  H  N N 187 
GLU HE2  H  N N 188 
GLU HXT  H  N N 189 
GLY N    N  N N 190 
GLY CA   C  N N 191 
GLY C    C  N N 192 
GLY O    O  N N 193 
GLY OXT  O  N N 194 
GLY H    H  N N 195 
GLY H2   H  N N 196 
GLY HA2  H  N N 197 
GLY HA3  H  N N 198 
GLY HXT  H  N N 199 
HIS N    N  N N 200 
HIS CA   C  N S 201 
HIS C    C  N N 202 
HIS O    O  N N 203 
HIS CB   C  N N 204 
HIS CG   C  Y N 205 
HIS ND1  N  Y N 206 
HIS CD2  C  Y N 207 
HIS CE1  C  Y N 208 
HIS NE2  N  Y N 209 
HIS OXT  O  N N 210 
HIS H    H  N N 211 
HIS H2   H  N N 212 
HIS HA   H  N N 213 
HIS HB2  H  N N 214 
HIS HB3  H  N N 215 
HIS HD1  H  N N 216 
HIS HD2  H  N N 217 
HIS HE1  H  N N 218 
HIS HE2  H  N N 219 
HIS HXT  H  N N 220 
HOH O    O  N N 221 
HOH H1   H  N N 222 
HOH H2   H  N N 223 
ILE N    N  N N 224 
ILE CA   C  N S 225 
ILE C    C  N N 226 
ILE O    O  N N 227 
ILE CB   C  N S 228 
ILE CG1  C  N N 229 
ILE CG2  C  N N 230 
ILE CD1  C  N N 231 
ILE OXT  O  N N 232 
ILE H    H  N N 233 
ILE H2   H  N N 234 
ILE HA   H  N N 235 
ILE HB   H  N N 236 
ILE HG12 H  N N 237 
ILE HG13 H  N N 238 
ILE HG21 H  N N 239 
ILE HG22 H  N N 240 
ILE HG23 H  N N 241 
ILE HD11 H  N N 242 
ILE HD12 H  N N 243 
ILE HD13 H  N N 244 
ILE HXT  H  N N 245 
LEU N    N  N N 246 
LEU CA   C  N S 247 
LEU C    C  N N 248 
LEU O    O  N N 249 
LEU CB   C  N N 250 
LEU CG   C  N N 251 
LEU CD1  C  N N 252 
LEU CD2  C  N N 253 
LEU OXT  O  N N 254 
LEU H    H  N N 255 
LEU H2   H  N N 256 
LEU HA   H  N N 257 
LEU HB2  H  N N 258 
LEU HB3  H  N N 259 
LEU HG   H  N N 260 
LEU HD11 H  N N 261 
LEU HD12 H  N N 262 
LEU HD13 H  N N 263 
LEU HD21 H  N N 264 
LEU HD22 H  N N 265 
LEU HD23 H  N N 266 
LEU HXT  H  N N 267 
LYS N    N  N N 268 
LYS CA   C  N S 269 
LYS C    C  N N 270 
LYS O    O  N N 271 
LYS CB   C  N N 272 
LYS CG   C  N N 273 
LYS CD   C  N N 274 
LYS CE   C  N N 275 
LYS NZ   N  N N 276 
LYS OXT  O  N N 277 
LYS H    H  N N 278 
LYS H2   H  N N 279 
LYS HA   H  N N 280 
LYS HB2  H  N N 281 
LYS HB3  H  N N 282 
LYS HG2  H  N N 283 
LYS HG3  H  N N 284 
LYS HD2  H  N N 285 
LYS HD3  H  N N 286 
LYS HE2  H  N N 287 
LYS HE3  H  N N 288 
LYS HZ1  H  N N 289 
LYS HZ2  H  N N 290 
LYS HZ3  H  N N 291 
LYS HXT  H  N N 292 
MET N    N  N N 293 
MET CA   C  N S 294 
MET C    C  N N 295 
MET O    O  N N 296 
MET CB   C  N N 297 
MET CG   C  N N 298 
MET SD   S  N N 299 
MET CE   C  N N 300 
MET OXT  O  N N 301 
MET H    H  N N 302 
MET H2   H  N N 303 
MET HA   H  N N 304 
MET HB2  H  N N 305 
MET HB3  H  N N 306 
MET HG2  H  N N 307 
MET HG3  H  N N 308 
MET HE1  H  N N 309 
MET HE2  H  N N 310 
MET HE3  H  N N 311 
MET HXT  H  N N 312 
PHE N    N  N N 313 
PHE CA   C  N S 314 
PHE C    C  N N 315 
PHE O    O  N N 316 
PHE CB   C  N N 317 
PHE CG   C  Y N 318 
PHE CD1  C  Y N 319 
PHE CD2  C  Y N 320 
PHE CE1  C  Y N 321 
PHE CE2  C  Y N 322 
PHE CZ   C  Y N 323 
PHE OXT  O  N N 324 
PHE H    H  N N 325 
PHE H2   H  N N 326 
PHE HA   H  N N 327 
PHE HB2  H  N N 328 
PHE HB3  H  N N 329 
PHE HD1  H  N N 330 
PHE HD2  H  N N 331 
PHE HE1  H  N N 332 
PHE HE2  H  N N 333 
PHE HZ   H  N N 334 
PHE HXT  H  N N 335 
PRO N    N  N N 336 
PRO CA   C  N S 337 
PRO C    C  N N 338 
PRO O    O  N N 339 
PRO CB   C  N N 340 
PRO CG   C  N N 341 
PRO CD   C  N N 342 
PRO OXT  O  N N 343 
PRO H    H  N N 344 
PRO HA   H  N N 345 
PRO HB2  H  N N 346 
PRO HB3  H  N N 347 
PRO HG2  H  N N 348 
PRO HG3  H  N N 349 
PRO HD2  H  N N 350 
PRO HD3  H  N N 351 
PRO HXT  H  N N 352 
SER N    N  N N 353 
SER CA   C  N S 354 
SER C    C  N N 355 
SER O    O  N N 356 
SER CB   C  N N 357 
SER OG   O  N N 358 
SER OXT  O  N N 359 
SER H    H  N N 360 
SER H2   H  N N 361 
SER HA   H  N N 362 
SER HB2  H  N N 363 
SER HB3  H  N N 364 
SER HG   H  N N 365 
SER HXT  H  N N 366 
THR N    N  N N 367 
THR CA   C  N S 368 
THR C    C  N N 369 
THR O    O  N N 370 
THR CB   C  N R 371 
THR OG1  O  N N 372 
THR CG2  C  N N 373 
THR OXT  O  N N 374 
THR H    H  N N 375 
THR H2   H  N N 376 
THR HA   H  N N 377 
THR HB   H  N N 378 
THR HG1  H  N N 379 
THR HG21 H  N N 380 
THR HG22 H  N N 381 
THR HG23 H  N N 382 
THR HXT  H  N N 383 
TRP N    N  N N 384 
TRP CA   C  N S 385 
TRP C    C  N N 386 
TRP O    O  N N 387 
TRP CB   C  N N 388 
TRP CG   C  Y N 389 
TRP CD1  C  Y N 390 
TRP CD2  C  Y N 391 
TRP NE1  N  Y N 392 
TRP CE2  C  Y N 393 
TRP CE3  C  Y N 394 
TRP CZ2  C  Y N 395 
TRP CZ3  C  Y N 396 
TRP CH2  C  Y N 397 
TRP OXT  O  N N 398 
TRP H    H  N N 399 
TRP H2   H  N N 400 
TRP HA   H  N N 401 
TRP HB2  H  N N 402 
TRP HB3  H  N N 403 
TRP HD1  H  N N 404 
TRP HE1  H  N N 405 
TRP HE3  H  N N 406 
TRP HZ2  H  N N 407 
TRP HZ3  H  N N 408 
TRP HH2  H  N N 409 
TRP HXT  H  N N 410 
TYR N    N  N N 411 
TYR CA   C  N S 412 
TYR C    C  N N 413 
TYR O    O  N N 414 
TYR CB   C  N N 415 
TYR CG   C  Y N 416 
TYR CD1  C  Y N 417 
TYR CD2  C  Y N 418 
TYR CE1  C  Y N 419 
TYR CE2  C  Y N 420 
TYR CZ   C  Y N 421 
TYR OH   O  N N 422 
TYR OXT  O  N N 423 
TYR H    H  N N 424 
TYR H2   H  N N 425 
TYR HA   H  N N 426 
TYR HB2  H  N N 427 
TYR HB3  H  N N 428 
TYR HD1  H  N N 429 
TYR HD2  H  N N 430 
TYR HE1  H  N N 431 
TYR HE2  H  N N 432 
TYR HH   H  N N 433 
TYR HXT  H  N N 434 
VAL N    N  N N 435 
VAL CA   C  N S 436 
VAL C    C  N N 437 
VAL O    O  N N 438 
VAL CB   C  N N 439 
VAL CG1  C  N N 440 
VAL CG2  C  N N 441 
VAL OXT  O  N N 442 
VAL H    H  N N 443 
VAL H2   H  N N 444 
VAL HA   H  N N 445 
VAL HB   H  N N 446 
VAL HG11 H  N N 447 
VAL HG12 H  N N 448 
VAL HG13 H  N N 449 
VAL HG21 H  N N 450 
VAL HG22 H  N N 451 
VAL HG23 H  N N 452 
VAL HXT  H  N N 453 
# 
loop_
_chem_comp_bond.comp_id 
_chem_comp_bond.atom_id_1 
_chem_comp_bond.atom_id_2 
_chem_comp_bond.value_order 
_chem_comp_bond.pdbx_aromatic_flag 
_chem_comp_bond.pdbx_stereo_config 
_chem_comp_bond.pdbx_ordinal 
ALA N    CA   sing N N 1   
ALA N    H    sing N N 2   
ALA N    H2   sing N N 3   
ALA CA   C    sing N N 4   
ALA CA   CB   sing N N 5   
ALA CA   HA   sing N N 6   
ALA C    O    doub N N 7   
ALA C    OXT  sing N N 8   
ALA CB   HB1  sing N N 9   
ALA CB   HB2  sing N N 10  
ALA CB   HB3  sing N N 11  
ALA OXT  HXT  sing N N 12  
ARG N    CA   sing N N 13  
ARG N    H    sing N N 14  
ARG N    H2   sing N N 15  
ARG CA   C    sing N N 16  
ARG CA   CB   sing N N 17  
ARG CA   HA   sing N N 18  
ARG C    O    doub N N 19  
ARG C    OXT  sing N N 20  
ARG CB   CG   sing N N 21  
ARG CB   HB2  sing N N 22  
ARG CB   HB3  sing N N 23  
ARG CG   CD   sing N N 24  
ARG CG   HG2  sing N N 25  
ARG CG   HG3  sing N N 26  
ARG CD   NE   sing N N 27  
ARG CD   HD2  sing N N 28  
ARG CD   HD3  sing N N 29  
ARG NE   CZ   sing N N 30  
ARG NE   HE   sing N N 31  
ARG CZ   NH1  sing N N 32  
ARG CZ   NH2  doub N N 33  
ARG NH1  HH11 sing N N 34  
ARG NH1  HH12 sing N N 35  
ARG NH2  HH21 sing N N 36  
ARG NH2  HH22 sing N N 37  
ARG OXT  HXT  sing N N 38  
ASN N    CA   sing N N 39  
ASN N    H    sing N N 40  
ASN N    H2   sing N N 41  
ASN CA   C    sing N N 42  
ASN CA   CB   sing N N 43  
ASN CA   HA   sing N N 44  
ASN C    O    doub N N 45  
ASN C    OXT  sing N N 46  
ASN CB   CG   sing N N 47  
ASN CB   HB2  sing N N 48  
ASN CB   HB3  sing N N 49  
ASN CG   OD1  doub N N 50  
ASN CG   ND2  sing N N 51  
ASN ND2  HD21 sing N N 52  
ASN ND2  HD22 sing N N 53  
ASN OXT  HXT  sing N N 54  
ASP N    CA   sing N N 55  
ASP N    H    sing N N 56  
ASP N    H2   sing N N 57  
ASP CA   C    sing N N 58  
ASP CA   CB   sing N N 59  
ASP CA   HA   sing N N 60  
ASP C    O    doub N N 61  
ASP C    OXT  sing N N 62  
ASP CB   CG   sing N N 63  
ASP CB   HB2  sing N N 64  
ASP CB   HB3  sing N N 65  
ASP CG   OD1  doub N N 66  
ASP CG   OD2  sing N N 67  
ASP OD2  HD2  sing N N 68  
ASP OXT  HXT  sing N N 69  
B4I O21  N20  doub N N 70  
B4I C10  C9   sing N N 71  
B4I C10  C11  sing N N 72  
B4I C9   C8   sing N N 73  
B4I O25  C23  doub N N 74  
B4I C11  N12  sing N N 75  
B4I N20  C19  sing N N 76  
B4I N20  O22  sing N N 77  
B4I C18  C19  doub Y N 78  
B4I C18  C17  sing Y N 79  
B4I O29  C28  sing N N 80  
B4I C23  C17  sing N N 81  
B4I C23  O24  sing N N 82  
B4I C19  C14  sing Y N 83  
B4I C17  C16  doub Y N 84  
B4I C8   O26  sing N N 85  
B4I C8   C7   sing N N 86  
B4I N12  C7   sing N N 87  
B4I N12  C13  sing N N 88  
B4I C27  O26  sing N N 89  
B4I C27  C28  sing N N 90  
B4I C27  C30  sing N N 91  
B4I C14  C13  sing N N 92  
B4I C14  C15  doub Y N 93  
B4I C16  C15  sing Y N 94  
B4I C7   C4   sing N N 95  
B4I C31  C30  doub Y N 96  
B4I C31  C32  sing Y N 97  
B4I CL37 C32  sing N N 98  
B4I C30  C35  sing Y N 99  
B4I C32  C33  doub Y N 100 
B4I C4   C5   doub Y N 101 
B4I C4   C3   sing Y N 102 
B4I C35  C34  doub Y N 103 
B4I C5   C6   sing Y N 104 
B4I C3   C2   doub Y N 105 
B4I C33  C34  sing Y N 106 
B4I C34  CL36 sing N N 107 
B4I C6   C1   doub Y N 108 
B4I C2   C1   sing Y N 109 
B4I C1   H1   sing N N 110 
B4I C2   H2   sing N N 111 
B4I C6   H3   sing N N 112 
B4I C16  H4   sing N N 113 
B4I C3   H5   sing N N 114 
B4I C5   H6   sing N N 115 
B4I C15  H7   sing N N 116 
B4I C18  H8   sing N N 117 
B4I C31  H9   sing N N 118 
B4I C35  H10  sing N N 119 
B4I C33  H11  sing N N 120 
B4I C10  H12  sing N N 121 
B4I C10  H13  sing N N 122 
B4I C9   H14  sing N N 123 
B4I C9   H15  sing N N 124 
B4I C11  H16  sing N N 125 
B4I C11  H17  sing N N 126 
B4I C7   H18  sing N N 127 
B4I C8   H19  sing N N 128 
B4I C13  H20  sing N N 129 
B4I C13  H21  sing N N 130 
B4I C28  H22  sing N N 131 
B4I C28  H23  sing N N 132 
B4I C27  H24  sing N N 133 
B4I O24  H26  sing N N 134 
B4I O29  H27  sing N N 135 
CYS N    CA   sing N N 136 
CYS N    H    sing N N 137 
CYS N    H2   sing N N 138 
CYS CA   C    sing N N 139 
CYS CA   CB   sing N N 140 
CYS CA   HA   sing N N 141 
CYS C    O    doub N N 142 
CYS C    OXT  sing N N 143 
CYS CB   SG   sing N N 144 
CYS CB   HB2  sing N N 145 
CYS CB   HB3  sing N N 146 
CYS SG   HG   sing N N 147 
CYS OXT  HXT  sing N N 148 
GLN N    CA   sing N N 149 
GLN N    H    sing N N 150 
GLN N    H2   sing N N 151 
GLN CA   C    sing N N 152 
GLN CA   CB   sing N N 153 
GLN CA   HA   sing N N 154 
GLN C    O    doub N N 155 
GLN C    OXT  sing N N 156 
GLN CB   CG   sing N N 157 
GLN CB   HB2  sing N N 158 
GLN CB   HB3  sing N N 159 
GLN CG   CD   sing N N 160 
GLN CG   HG2  sing N N 161 
GLN CG   HG3  sing N N 162 
GLN CD   OE1  doub N N 163 
GLN CD   NE2  sing N N 164 
GLN NE2  HE21 sing N N 165 
GLN NE2  HE22 sing N N 166 
GLN OXT  HXT  sing N N 167 
GLU N    CA   sing N N 168 
GLU N    H    sing N N 169 
GLU N    H2   sing N N 170 
GLU CA   C    sing N N 171 
GLU CA   CB   sing N N 172 
GLU CA   HA   sing N N 173 
GLU C    O    doub N N 174 
GLU C    OXT  sing N N 175 
GLU CB   CG   sing N N 176 
GLU CB   HB2  sing N N 177 
GLU CB   HB3  sing N N 178 
GLU CG   CD   sing N N 179 
GLU CG   HG2  sing N N 180 
GLU CG   HG3  sing N N 181 
GLU CD   OE1  doub N N 182 
GLU CD   OE2  sing N N 183 
GLU OE2  HE2  sing N N 184 
GLU OXT  HXT  sing N N 185 
GLY N    CA   sing N N 186 
GLY N    H    sing N N 187 
GLY N    H2   sing N N 188 
GLY CA   C    sing N N 189 
GLY CA   HA2  sing N N 190 
GLY CA   HA3  sing N N 191 
GLY C    O    doub N N 192 
GLY C    OXT  sing N N 193 
GLY OXT  HXT  sing N N 194 
HIS N    CA   sing N N 195 
HIS N    H    sing N N 196 
HIS N    H2   sing N N 197 
HIS CA   C    sing N N 198 
HIS CA   CB   sing N N 199 
HIS CA   HA   sing N N 200 
HIS C    O    doub N N 201 
HIS C    OXT  sing N N 202 
HIS CB   CG   sing N N 203 
HIS CB   HB2  sing N N 204 
HIS CB   HB3  sing N N 205 
HIS CG   ND1  sing Y N 206 
HIS CG   CD2  doub Y N 207 
HIS ND1  CE1  doub Y N 208 
HIS ND1  HD1  sing N N 209 
HIS CD2  NE2  sing Y N 210 
HIS CD2  HD2  sing N N 211 
HIS CE1  NE2  sing Y N 212 
HIS CE1  HE1  sing N N 213 
HIS NE2  HE2  sing N N 214 
HIS OXT  HXT  sing N N 215 
HOH O    H1   sing N N 216 
HOH O    H2   sing N N 217 
ILE N    CA   sing N N 218 
ILE N    H    sing N N 219 
ILE N    H2   sing N N 220 
ILE CA   C    sing N N 221 
ILE CA   CB   sing N N 222 
ILE CA   HA   sing N N 223 
ILE C    O    doub N N 224 
ILE C    OXT  sing N N 225 
ILE CB   CG1  sing N N 226 
ILE CB   CG2  sing N N 227 
ILE CB   HB   sing N N 228 
ILE CG1  CD1  sing N N 229 
ILE CG1  HG12 sing N N 230 
ILE CG1  HG13 sing N N 231 
ILE CG2  HG21 sing N N 232 
ILE CG2  HG22 sing N N 233 
ILE CG2  HG23 sing N N 234 
ILE CD1  HD11 sing N N 235 
ILE CD1  HD12 sing N N 236 
ILE CD1  HD13 sing N N 237 
ILE OXT  HXT  sing N N 238 
LEU N    CA   sing N N 239 
LEU N    H    sing N N 240 
LEU N    H2   sing N N 241 
LEU CA   C    sing N N 242 
LEU CA   CB   sing N N 243 
LEU CA   HA   sing N N 244 
LEU C    O    doub N N 245 
LEU C    OXT  sing N N 246 
LEU CB   CG   sing N N 247 
LEU CB   HB2  sing N N 248 
LEU CB   HB3  sing N N 249 
LEU CG   CD1  sing N N 250 
LEU CG   CD2  sing N N 251 
LEU CG   HG   sing N N 252 
LEU CD1  HD11 sing N N 253 
LEU CD1  HD12 sing N N 254 
LEU CD1  HD13 sing N N 255 
LEU CD2  HD21 sing N N 256 
LEU CD2  HD22 sing N N 257 
LEU CD2  HD23 sing N N 258 
LEU OXT  HXT  sing N N 259 
LYS N    CA   sing N N 260 
LYS N    H    sing N N 261 
LYS N    H2   sing N N 262 
LYS CA   C    sing N N 263 
LYS CA   CB   sing N N 264 
LYS CA   HA   sing N N 265 
LYS C    O    doub N N 266 
LYS C    OXT  sing N N 267 
LYS CB   CG   sing N N 268 
LYS CB   HB2  sing N N 269 
LYS CB   HB3  sing N N 270 
LYS CG   CD   sing N N 271 
LYS CG   HG2  sing N N 272 
LYS CG   HG3  sing N N 273 
LYS CD   CE   sing N N 274 
LYS CD   HD2  sing N N 275 
LYS CD   HD3  sing N N 276 
LYS CE   NZ   sing N N 277 
LYS CE   HE2  sing N N 278 
LYS CE   HE3  sing N N 279 
LYS NZ   HZ1  sing N N 280 
LYS NZ   HZ2  sing N N 281 
LYS NZ   HZ3  sing N N 282 
LYS OXT  HXT  sing N N 283 
MET N    CA   sing N N 284 
MET N    H    sing N N 285 
MET N    H2   sing N N 286 
MET CA   C    sing N N 287 
MET CA   CB   sing N N 288 
MET CA   HA   sing N N 289 
MET C    O    doub N N 290 
MET C    OXT  sing N N 291 
MET CB   CG   sing N N 292 
MET CB   HB2  sing N N 293 
MET CB   HB3  sing N N 294 
MET CG   SD   sing N N 295 
MET CG   HG2  sing N N 296 
MET CG   HG3  sing N N 297 
MET SD   CE   sing N N 298 
MET CE   HE1  sing N N 299 
MET CE   HE2  sing N N 300 
MET CE   HE3  sing N N 301 
MET OXT  HXT  sing N N 302 
PHE N    CA   sing N N 303 
PHE N    H    sing N N 304 
PHE N    H2   sing N N 305 
PHE CA   C    sing N N 306 
PHE CA   CB   sing N N 307 
PHE CA   HA   sing N N 308 
PHE C    O    doub N N 309 
PHE C    OXT  sing N N 310 
PHE CB   CG   sing N N 311 
PHE CB   HB2  sing N N 312 
PHE CB   HB3  sing N N 313 
PHE CG   CD1  doub Y N 314 
PHE CG   CD2  sing Y N 315 
PHE CD1  CE1  sing Y N 316 
PHE CD1  HD1  sing N N 317 
PHE CD2  CE2  doub Y N 318 
PHE CD2  HD2  sing N N 319 
PHE CE1  CZ   doub Y N 320 
PHE CE1  HE1  sing N N 321 
PHE CE2  CZ   sing Y N 322 
PHE CE2  HE2  sing N N 323 
PHE CZ   HZ   sing N N 324 
PHE OXT  HXT  sing N N 325 
PRO N    CA   sing N N 326 
PRO N    CD   sing N N 327 
PRO N    H    sing N N 328 
PRO CA   C    sing N N 329 
PRO CA   CB   sing N N 330 
PRO CA   HA   sing N N 331 
PRO C    O    doub N N 332 
PRO C    OXT  sing N N 333 
PRO CB   CG   sing N N 334 
PRO CB   HB2  sing N N 335 
PRO CB   HB3  sing N N 336 
PRO CG   CD   sing N N 337 
PRO CG   HG2  sing N N 338 
PRO CG   HG3  sing N N 339 
PRO CD   HD2  sing N N 340 
PRO CD   HD3  sing N N 341 
PRO OXT  HXT  sing N N 342 
SER N    CA   sing N N 343 
SER N    H    sing N N 344 
SER N    H2   sing N N 345 
SER CA   C    sing N N 346 
SER CA   CB   sing N N 347 
SER CA   HA   sing N N 348 
SER C    O    doub N N 349 
SER C    OXT  sing N N 350 
SER CB   OG   sing N N 351 
SER CB   HB2  sing N N 352 
SER CB   HB3  sing N N 353 
SER OG   HG   sing N N 354 
SER OXT  HXT  sing N N 355 
THR N    CA   sing N N 356 
THR N    H    sing N N 357 
THR N    H2   sing N N 358 
THR CA   C    sing N N 359 
THR CA   CB   sing N N 360 
THR CA   HA   sing N N 361 
THR C    O    doub N N 362 
THR C    OXT  sing N N 363 
THR CB   OG1  sing N N 364 
THR CB   CG2  sing N N 365 
THR CB   HB   sing N N 366 
THR OG1  HG1  sing N N 367 
THR CG2  HG21 sing N N 368 
THR CG2  HG22 sing N N 369 
THR CG2  HG23 sing N N 370 
THR OXT  HXT  sing N N 371 
TRP N    CA   sing N N 372 
TRP N    H    sing N N 373 
TRP N    H2   sing N N 374 
TRP CA   C    sing N N 375 
TRP CA   CB   sing N N 376 
TRP CA   HA   sing N N 377 
TRP C    O    doub N N 378 
TRP C    OXT  sing N N 379 
TRP CB   CG   sing N N 380 
TRP CB   HB2  sing N N 381 
TRP CB   HB3  sing N N 382 
TRP CG   CD1  doub Y N 383 
TRP CG   CD2  sing Y N 384 
TRP CD1  NE1  sing Y N 385 
TRP CD1  HD1  sing N N 386 
TRP CD2  CE2  doub Y N 387 
TRP CD2  CE3  sing Y N 388 
TRP NE1  CE2  sing Y N 389 
TRP NE1  HE1  sing N N 390 
TRP CE2  CZ2  sing Y N 391 
TRP CE3  CZ3  doub Y N 392 
TRP CE3  HE3  sing N N 393 
TRP CZ2  CH2  doub Y N 394 
TRP CZ2  HZ2  sing N N 395 
TRP CZ3  CH2  sing Y N 396 
TRP CZ3  HZ3  sing N N 397 
TRP CH2  HH2  sing N N 398 
TRP OXT  HXT  sing N N 399 
TYR N    CA   sing N N 400 
TYR N    H    sing N N 401 
TYR N    H2   sing N N 402 
TYR CA   C    sing N N 403 
TYR CA   CB   sing N N 404 
TYR CA   HA   sing N N 405 
TYR C    O    doub N N 406 
TYR C    OXT  sing N N 407 
TYR CB   CG   sing N N 408 
TYR CB   HB2  sing N N 409 
TYR CB   HB3  sing N N 410 
TYR CG   CD1  doub Y N 411 
TYR CG   CD2  sing Y N 412 
TYR CD1  CE1  sing Y N 413 
TYR CD1  HD1  sing N N 414 
TYR CD2  CE2  doub Y N 415 
TYR CD2  HD2  sing N N 416 
TYR CE1  CZ   doub Y N 417 
TYR CE1  HE1  sing N N 418 
TYR CE2  CZ   sing Y N 419 
TYR CE2  HE2  sing N N 420 
TYR CZ   OH   sing N N 421 
TYR OH   HH   sing N N 422 
TYR OXT  HXT  sing N N 423 
VAL N    CA   sing N N 424 
VAL N    H    sing N N 425 
VAL N    H2   sing N N 426 
VAL CA   C    sing N N 427 
VAL CA   CB   sing N N 428 
VAL CA   HA   sing N N 429 
VAL C    O    doub N N 430 
VAL C    OXT  sing N N 431 
VAL CB   CG1  sing N N 432 
VAL CB   CG2  sing N N 433 
VAL CB   HB   sing N N 434 
VAL CG1  HG11 sing N N 435 
VAL CG1  HG12 sing N N 436 
VAL CG1  HG13 sing N N 437 
VAL CG2  HG21 sing N N 438 
VAL CG2  HG22 sing N N 439 
VAL CG2  HG23 sing N N 440 
VAL OXT  HXT  sing N N 441 
# 
_pdbx_audit_support.funding_organization   'Not funded' 
_pdbx_audit_support.country                ? 
_pdbx_audit_support.grant_number           ? 
_pdbx_audit_support.ordinal                1 
# 
loop_
_pdbx_entity_nonpoly.entity_id 
_pdbx_entity_nonpoly.name 
_pdbx_entity_nonpoly.comp_id 
2 '4-({(2S,3S)-3-[(1S)-1-(3,5-dichlorophenyl)-2-hydroxyethoxy]-2-phenylpiperidin-1-yl}methyl)-3-nitrobenzoic acid' B4I 
3 water                                                                                                            HOH 
# 
_pdbx_initial_refinement_model.id               1 
_pdbx_initial_refinement_model.entity_id_list   ? 
_pdbx_initial_refinement_model.type             'experimental model' 
_pdbx_initial_refinement_model.source_name      PDB 
_pdbx_initial_refinement_model.accession_code   5JAX 
_pdbx_initial_refinement_model.details          ? 
# 
_pdbx_struct_assembly_auth_evidence.id                     1 
_pdbx_struct_assembly_auth_evidence.assembly_id            1 
_pdbx_struct_assembly_auth_evidence.experimental_support   none 
_pdbx_struct_assembly_auth_evidence.details                ? 
# 
